data_1WIH
#
_entry.id   1WIH
#
_entity_poly.entity_id   1
_entity_poly.type   'polypeptide(L)'
_entity_poly.pdbx_seq_one_letter_code
;GSSGSSGLDHITVVTADGKVALNQIGQISMKSPQVILVNMASFPECTAAAIKAIRESGMNLNPEVEGTLIRVPIPKVTSG
PSSG
;
_entity_poly.pdbx_strand_id   A
#
# COMPACT_ATOMS: atom_id res chain seq x y z
N GLY A 1 8.85 2.34 2.68
CA GLY A 1 9.71 1.52 1.84
C GLY A 1 10.95 1.07 2.61
N SER A 2 10.82 -0.05 3.31
CA SER A 2 11.92 -0.58 4.09
C SER A 2 12.05 -2.09 3.83
N SER A 3 13.20 -2.62 4.21
CA SER A 3 13.46 -4.05 4.03
C SER A 3 12.63 -4.86 5.03
N GLY A 4 11.85 -5.77 4.48
CA GLY A 4 11.00 -6.62 5.30
C GLY A 4 10.16 -5.78 6.26
N SER A 5 9.08 -5.21 5.73
CA SER A 5 8.20 -4.39 6.54
C SER A 5 6.75 -4.64 6.13
N SER A 6 6.48 -4.42 4.85
CA SER A 6 5.14 -4.61 4.32
C SER A 6 5.21 -5.01 2.84
N GLY A 7 4.49 -6.08 2.52
CA GLY A 7 4.47 -6.57 1.15
C GLY A 7 3.68 -5.62 0.24
N LEU A 8 4.27 -4.47 -0.01
CA LEU A 8 3.63 -3.47 -0.85
C LEU A 8 4.68 -2.84 -1.77
N ASP A 9 5.78 -2.43 -1.17
CA ASP A 9 6.86 -1.81 -1.92
C ASP A 9 7.23 -2.71 -3.10
N HIS A 10 6.91 -3.99 -2.95
CA HIS A 10 7.19 -4.96 -4.00
C HIS A 10 5.96 -5.13 -4.89
N ILE A 11 4.80 -4.89 -4.31
CA ILE A 11 3.55 -5.02 -5.03
C ILE A 11 3.63 -4.18 -6.32
N THR A 12 2.85 -4.61 -7.30
CA THR A 12 2.81 -3.91 -8.58
C THR A 12 1.42 -3.33 -8.82
N VAL A 13 1.41 -2.14 -9.42
CA VAL A 13 0.16 -1.47 -9.72
C VAL A 13 -0.01 -1.39 -11.24
N VAL A 14 -1.21 -1.75 -11.68
CA VAL A 14 -1.53 -1.74 -13.10
C VAL A 14 -1.84 -0.30 -13.52
N THR A 15 -0.99 0.22 -14.41
CA THR A 15 -1.16 1.57 -14.91
C THR A 15 -1.93 1.56 -16.23
N ALA A 16 -2.04 2.74 -16.82
CA ALA A 16 -2.74 2.89 -18.08
C ALA A 16 -2.41 1.68 -18.99
N ASP A 17 -1.22 1.74 -19.57
CA ASP A 17 -0.78 0.68 -20.45
C ASP A 17 0.61 0.23 -20.03
N GLY A 18 0.74 -0.10 -18.75
CA GLY A 18 2.01 -0.54 -18.22
C GLY A 18 1.87 -0.98 -16.76
N LYS A 19 2.97 -1.48 -16.21
CA LYS A 19 2.98 -1.94 -14.83
C LYS A 19 4.16 -1.31 -14.10
N VAL A 20 3.98 -1.12 -12.80
CA VAL A 20 5.02 -0.53 -11.97
C VAL A 20 4.81 -0.94 -10.51
N ALA A 21 5.85 -0.72 -9.72
CA ALA A 21 5.78 -1.07 -8.31
C ALA A 21 5.02 0.03 -7.55
N LEU A 22 4.44 -0.37 -6.43
CA LEU A 22 3.68 0.56 -5.61
C LEU A 22 4.61 1.68 -5.13
N ASN A 23 5.91 1.40 -5.18
CA ASN A 23 6.90 2.37 -4.75
C ASN A 23 7.39 3.15 -5.97
N GLN A 24 6.49 3.37 -6.90
CA GLN A 24 6.82 4.10 -8.12
C GLN A 24 5.77 5.19 -8.39
N ILE A 25 4.52 4.75 -8.45
CA ILE A 25 3.43 5.66 -8.70
C ILE A 25 3.18 6.52 -7.46
N GLY A 26 3.68 6.02 -6.33
CA GLY A 26 3.53 6.73 -5.08
C GLY A 26 4.71 6.45 -4.14
N GLN A 27 4.81 7.27 -3.10
CA GLN A 27 5.88 7.12 -2.13
C GLN A 27 5.36 6.48 -0.85
N ILE A 28 5.92 5.33 -0.52
CA ILE A 28 5.52 4.61 0.67
C ILE A 28 6.21 5.21 1.89
N SER A 29 5.40 5.56 2.88
CA SER A 29 5.92 6.15 4.10
C SER A 29 5.04 5.74 5.29
N MET A 30 5.59 4.86 6.10
CA MET A 30 4.89 4.37 7.27
C MET A 30 4.58 5.52 8.23
N LYS A 31 3.28 5.74 8.45
CA LYS A 31 2.85 6.80 9.35
C LYS A 31 2.61 6.22 10.74
N SER A 32 1.55 5.43 10.86
CA SER A 32 1.22 4.81 12.13
C SER A 32 2.04 3.54 12.33
N PRO A 33 1.85 2.91 13.52
CA PRO A 33 2.56 1.69 13.84
C PRO A 33 1.98 0.49 13.07
N GLN A 34 0.93 0.78 12.32
CA GLN A 34 0.28 -0.26 11.53
C GLN A 34 -0.53 0.36 10.39
N VAL A 35 0.05 1.38 9.79
CA VAL A 35 -0.60 2.08 8.69
C VAL A 35 0.46 2.59 7.71
N ILE A 36 0.41 2.06 6.50
CA ILE A 36 1.35 2.46 5.47
C ILE A 36 0.72 3.52 4.59
N LEU A 37 1.40 4.65 4.49
CA LEU A 37 0.92 5.75 3.67
C LEU A 37 1.64 5.74 2.32
N VAL A 38 0.86 6.01 1.28
CA VAL A 38 1.41 6.04 -0.07
C VAL A 38 0.97 7.31 -0.78
N ASN A 39 1.88 8.27 -0.83
CA ASN A 39 1.59 9.55 -1.47
C ASN A 39 1.58 9.36 -2.99
N MET A 40 0.48 9.79 -3.60
CA MET A 40 0.33 9.67 -5.04
C MET A 40 0.30 11.06 -5.69
N ALA A 41 1.02 11.98 -5.08
CA ALA A 41 1.08 13.35 -5.60
C ALA A 41 1.71 13.34 -7.00
N SER A 42 2.39 12.23 -7.29
CA SER A 42 3.03 12.08 -8.59
C SER A 42 2.12 11.31 -9.54
N PHE A 43 1.12 10.68 -8.97
CA PHE A 43 0.16 9.91 -9.76
C PHE A 43 -1.21 9.87 -9.07
N PRO A 44 -1.87 11.05 -9.04
CA PRO A 44 -3.18 11.16 -8.43
C PRO A 44 -4.26 10.55 -9.33
N GLU A 45 -3.85 10.22 -10.55
CA GLU A 45 -4.77 9.62 -11.50
C GLU A 45 -4.66 8.10 -11.48
N CYS A 46 -3.61 7.62 -10.80
CA CYS A 46 -3.38 6.19 -10.69
C CYS A 46 -3.55 5.79 -9.23
N THR A 47 -4.26 6.64 -8.49
CA THR A 47 -4.51 6.39 -7.08
C THR A 47 -5.27 5.08 -6.91
N ALA A 48 -6.42 5.00 -7.57
CA ALA A 48 -7.26 3.82 -7.49
C ALA A 48 -6.42 2.59 -7.86
N ALA A 49 -5.73 2.70 -8.99
CA ALA A 49 -4.89 1.61 -9.46
C ALA A 49 -4.18 0.97 -8.27
N ALA A 50 -3.43 1.78 -7.55
CA ALA A 50 -2.69 1.30 -6.39
C ALA A 50 -3.63 0.50 -5.50
N ILE A 51 -4.65 1.18 -5.00
CA ILE A 51 -5.62 0.54 -4.12
C ILE A 51 -5.96 -0.84 -4.68
N LYS A 52 -6.22 -0.88 -5.97
CA LYS A 52 -6.56 -2.13 -6.64
C LYS A 52 -5.48 -3.17 -6.34
N ALA A 53 -4.29 -2.93 -6.88
CA ALA A 53 -3.17 -3.83 -6.67
C ALA A 53 -3.30 -4.48 -5.28
N ILE A 54 -3.31 -3.64 -4.27
CA ILE A 54 -3.43 -4.12 -2.90
C ILE A 54 -4.50 -5.19 -2.83
N ARG A 55 -5.71 -4.80 -3.22
CA ARG A 55 -6.84 -5.72 -3.21
C ARG A 55 -6.56 -6.91 -4.13
N GLU A 56 -5.87 -6.62 -5.22
CA GLU A 56 -5.54 -7.65 -6.19
C GLU A 56 -4.18 -8.28 -5.86
N SER A 57 -3.82 -8.17 -4.58
CA SER A 57 -2.56 -8.73 -4.13
C SER A 57 -2.81 -9.87 -3.14
N GLY A 58 -3.71 -10.76 -3.54
CA GLY A 58 -4.06 -11.90 -2.70
C GLY A 58 -4.09 -11.50 -1.22
N MET A 59 -4.46 -10.25 -0.98
CA MET A 59 -4.53 -9.74 0.37
C MET A 59 -5.89 -9.09 0.63
N ASN A 60 -6.71 -9.80 1.41
CA ASN A 60 -8.04 -9.31 1.74
C ASN A 60 -7.91 -8.13 2.69
N LEU A 61 -7.25 -7.08 2.21
CA LEU A 61 -7.06 -5.88 3.01
C LEU A 61 -7.97 -4.77 2.48
N ASN A 62 -8.18 -3.78 3.33
CA ASN A 62 -9.02 -2.65 2.96
C ASN A 62 -8.18 -1.37 2.96
N PRO A 63 -7.61 -1.06 1.77
CA PRO A 63 -6.80 0.14 1.62
C PRO A 63 -7.65 1.40 1.58
N GLU A 64 -7.10 2.46 2.13
CA GLU A 64 -7.81 3.74 2.16
C GLU A 64 -7.24 4.69 1.10
N VAL A 65 -7.89 5.84 0.98
CA VAL A 65 -7.47 6.83 0.02
C VAL A 65 -7.93 8.22 0.48
N GLU A 66 -6.95 9.09 0.70
CA GLU A 66 -7.24 10.44 1.15
C GLU A 66 -6.56 11.46 0.25
N GLY A 67 -7.36 12.08 -0.61
CA GLY A 67 -6.85 13.08 -1.53
C GLY A 67 -5.83 12.46 -2.48
N THR A 68 -4.60 12.34 -1.99
CA THR A 68 -3.52 11.77 -2.78
C THR A 68 -2.60 10.92 -1.90
N LEU A 69 -3.10 10.59 -0.72
CA LEU A 69 -2.33 9.79 0.22
C LEU A 69 -3.11 8.53 0.58
N ILE A 70 -2.68 7.42 -0.01
CA ILE A 70 -3.33 6.14 0.23
C ILE A 70 -2.91 5.61 1.61
N ARG A 71 -3.86 5.01 2.30
CA ARG A 71 -3.60 4.46 3.61
C ARG A 71 -3.80 2.95 3.60
N VAL A 72 -2.84 2.24 4.18
CA VAL A 72 -2.90 0.79 4.24
C VAL A 72 -2.71 0.33 5.69
N PRO A 73 -3.86 0.06 6.36
CA PRO A 73 -3.83 -0.38 7.75
C PRO A 73 -3.39 -1.84 7.85
N ILE A 74 -2.59 -2.11 8.87
CA ILE A 74 -2.09 -3.46 9.09
C ILE A 74 -3.04 -4.21 10.02
N PRO A 75 -3.27 -5.51 9.69
CA PRO A 75 -4.16 -6.33 10.48
C PRO A 75 -3.48 -6.75 11.79
N LYS A 76 -4.27 -7.42 12.63
CA LYS A 76 -3.77 -7.88 13.91
C LYS A 76 -3.13 -9.26 13.74
N VAL A 77 -2.32 -9.63 14.72
CA VAL A 77 -1.64 -10.91 14.70
C VAL A 77 -2.68 -12.02 14.58
N THR A 78 -2.25 -13.13 13.98
CA THR A 78 -3.13 -14.27 13.80
C THR A 78 -4.32 -13.89 12.91
N SER A 79 -4.34 -14.46 11.71
CA SER A 79 -5.41 -14.19 10.77
C SER A 79 -6.47 -15.28 10.86
N GLY A 80 -7.68 -14.86 11.21
CA GLY A 80 -8.79 -15.78 11.34
C GLY A 80 -8.33 -17.09 11.99
N PRO A 81 -9.12 -18.17 11.71
CA PRO A 81 -8.80 -19.49 12.25
C PRO A 81 -7.61 -20.11 11.52
N SER A 82 -6.52 -20.27 12.27
CA SER A 82 -5.31 -20.86 11.72
C SER A 82 -4.84 -22.01 12.59
N SER A 83 -4.82 -23.19 12.00
CA SER A 83 -4.39 -24.39 12.72
C SER A 83 -4.43 -25.60 11.79
N GLY A 84 -3.25 -25.97 11.29
CA GLY A 84 -3.14 -27.11 10.39
C GLY A 84 -1.71 -27.63 10.36
N GLY A 1 13.69 -11.49 8.75
CA GLY A 1 12.33 -11.47 8.27
C GLY A 1 11.68 -12.86 8.40
N SER A 2 10.65 -12.91 9.23
CA SER A 2 9.93 -14.16 9.45
C SER A 2 8.52 -14.06 8.89
N SER A 3 7.79 -13.07 9.39
CA SER A 3 6.42 -12.85 8.96
C SER A 3 6.39 -11.81 7.83
N GLY A 4 6.88 -10.63 8.15
CA GLY A 4 6.92 -9.55 7.17
C GLY A 4 6.48 -8.23 7.81
N SER A 5 6.93 -7.14 7.20
CA SER A 5 6.58 -5.82 7.69
C SER A 5 5.56 -5.16 6.75
N SER A 6 6.01 -4.89 5.55
CA SER A 6 5.14 -4.27 4.55
C SER A 6 5.52 -4.76 3.15
N GLY A 7 4.57 -5.44 2.53
CA GLY A 7 4.79 -5.97 1.19
C GLY A 7 3.96 -5.21 0.15
N LEU A 8 4.41 -3.99 -0.13
CA LEU A 8 3.72 -3.15 -1.09
C LEU A 8 4.71 -2.70 -2.17
N ASP A 9 5.84 -2.19 -1.71
CA ASP A 9 6.87 -1.72 -2.63
C ASP A 9 7.12 -2.78 -3.70
N HIS A 10 6.85 -4.02 -3.33
CA HIS A 10 7.04 -5.13 -4.24
C HIS A 10 5.81 -5.28 -5.15
N ILE A 11 4.64 -5.08 -4.54
CA ILE A 11 3.39 -5.18 -5.27
C ILE A 11 3.45 -4.25 -6.49
N THR A 12 2.74 -4.67 -7.54
CA THR A 12 2.71 -3.90 -8.77
C THR A 12 1.31 -3.31 -8.97
N VAL A 13 1.30 -2.06 -9.45
CA VAL A 13 0.04 -1.38 -9.70
C VAL A 13 -0.11 -1.14 -11.20
N VAL A 14 -1.33 -1.37 -11.68
CA VAL A 14 -1.62 -1.19 -13.09
C VAL A 14 -1.65 0.31 -13.41
N THR A 15 -1.16 0.64 -14.60
CA THR A 15 -1.13 2.01 -15.04
C THR A 15 -1.50 2.11 -16.52
N ALA A 16 -1.52 3.35 -17.01
CA ALA A 16 -1.86 3.59 -18.40
C ALA A 16 -0.61 3.43 -19.26
N ASP A 17 -0.06 2.23 -19.23
CA ASP A 17 1.14 1.93 -20.00
C ASP A 17 1.58 0.49 -19.72
N GLY A 18 1.41 0.09 -18.47
CA GLY A 18 1.78 -1.25 -18.06
C GLY A 18 1.63 -1.42 -16.55
N LYS A 19 2.58 -2.16 -15.97
CA LYS A 19 2.56 -2.40 -14.54
C LYS A 19 3.82 -1.82 -13.91
N VAL A 20 3.64 -1.20 -12.75
CA VAL A 20 4.75 -0.59 -12.04
C VAL A 20 4.67 -0.96 -10.56
N ALA A 21 5.79 -0.82 -9.88
CA ALA A 21 5.86 -1.13 -8.47
C ALA A 21 5.15 -0.05 -7.67
N LEU A 22 4.56 -0.45 -6.55
CA LEU A 22 3.84 0.48 -5.70
C LEU A 22 4.79 1.60 -5.26
N ASN A 23 6.08 1.29 -5.33
CA ASN A 23 7.08 2.26 -4.94
C ASN A 23 7.53 3.04 -6.18
N GLN A 24 6.58 3.25 -7.09
CA GLN A 24 6.87 3.98 -8.31
C GLN A 24 5.83 5.08 -8.53
N ILE A 25 4.56 4.66 -8.54
CA ILE A 25 3.47 5.60 -8.73
C ILE A 25 3.31 6.44 -7.46
N GLY A 26 3.58 5.81 -6.33
CA GLY A 26 3.45 6.49 -5.05
C GLY A 26 4.61 6.13 -4.13
N GLN A 27 4.84 6.99 -3.14
CA GLN A 27 5.91 6.77 -2.18
C GLN A 27 5.36 6.20 -0.87
N ILE A 28 5.79 4.99 -0.57
CA ILE A 28 5.34 4.32 0.64
C ILE A 28 6.17 4.83 1.83
N SER A 29 5.46 5.13 2.91
CA SER A 29 6.11 5.63 4.11
C SER A 29 5.33 5.18 5.34
N MET A 30 6.04 4.53 6.26
CA MET A 30 5.43 4.04 7.48
C MET A 30 5.52 5.10 8.58
N LYS A 31 4.53 5.98 8.60
CA LYS A 31 4.49 7.04 9.59
C LYS A 31 3.64 6.58 10.78
N SER A 32 2.67 5.73 10.47
CA SER A 32 1.78 5.22 11.49
C SER A 32 2.32 3.90 12.04
N PRO A 33 1.60 3.35 13.07
CA PRO A 33 2.00 2.10 13.68
C PRO A 33 1.65 0.92 12.78
N GLN A 34 0.38 0.82 12.44
CA GLN A 34 -0.08 -0.25 11.58
C GLN A 34 -0.87 0.31 10.40
N VAL A 35 -0.36 1.39 9.83
CA VAL A 35 -1.00 2.02 8.70
C VAL A 35 0.06 2.64 7.79
N ILE A 36 0.12 2.13 6.57
CA ILE A 36 1.08 2.63 5.60
C ILE A 36 0.46 3.78 4.81
N LEU A 37 1.28 4.81 4.59
CA LEU A 37 0.82 5.99 3.86
C LEU A 37 1.58 6.08 2.54
N VAL A 38 0.82 6.12 1.46
CA VAL A 38 1.41 6.22 0.13
C VAL A 38 1.04 7.56 -0.49
N ASN A 39 2.07 8.29 -0.91
CA ASN A 39 1.86 9.60 -1.52
C ASN A 39 1.76 9.42 -3.04
N MET A 40 0.60 9.77 -3.56
CA MET A 40 0.36 9.66 -5.00
C MET A 40 0.23 11.04 -5.64
N ALA A 41 1.03 11.97 -5.13
CA ALA A 41 1.02 13.33 -5.65
C ALA A 41 1.49 13.33 -7.11
N SER A 42 2.23 12.29 -7.44
CA SER A 42 2.76 12.15 -8.80
C SER A 42 1.82 11.29 -9.64
N PHE A 43 0.95 10.57 -8.94
CA PHE A 43 -0.01 9.70 -9.62
C PHE A 43 -1.39 9.80 -8.96
N PRO A 44 -2.00 11.01 -9.10
CA PRO A 44 -3.32 11.24 -8.53
C PRO A 44 -4.41 10.55 -9.35
N GLU A 45 -4.03 10.16 -10.56
CA GLU A 45 -4.96 9.49 -11.46
C GLU A 45 -4.76 7.98 -11.40
N CYS A 46 -3.72 7.58 -10.67
CA CYS A 46 -3.40 6.16 -10.52
C CYS A 46 -3.56 5.78 -9.05
N THR A 47 -4.23 6.66 -8.31
CA THR A 47 -4.44 6.44 -6.89
C THR A 47 -5.24 5.14 -6.68
N ALA A 48 -6.40 5.08 -7.35
CA ALA A 48 -7.25 3.92 -7.25
C ALA A 48 -6.47 2.67 -7.68
N ALA A 49 -5.80 2.80 -8.80
CA ALA A 49 -5.01 1.69 -9.33
C ALA A 49 -4.29 0.98 -8.18
N ALA A 50 -3.52 1.75 -7.44
CA ALA A 50 -2.79 1.22 -6.31
C ALA A 50 -3.74 0.45 -5.40
N ILE A 51 -4.69 1.19 -4.84
CA ILE A 51 -5.66 0.59 -3.94
C ILE A 51 -6.11 -0.76 -4.52
N LYS A 52 -6.23 -0.80 -5.84
CA LYS A 52 -6.64 -2.01 -6.51
C LYS A 52 -5.60 -3.10 -6.28
N ALA A 53 -4.44 -2.91 -6.86
CA ALA A 53 -3.36 -3.86 -6.72
C ALA A 53 -3.45 -4.54 -5.35
N ILE A 54 -3.41 -3.71 -4.31
CA ILE A 54 -3.49 -4.22 -2.95
C ILE A 54 -4.61 -5.26 -2.87
N ARG A 55 -5.82 -4.80 -3.13
CA ARG A 55 -6.98 -5.69 -3.08
C ARG A 55 -6.74 -6.92 -3.97
N GLU A 56 -6.24 -6.65 -5.17
CA GLU A 56 -5.97 -7.72 -6.12
C GLU A 56 -4.95 -8.70 -5.54
N SER A 57 -4.12 -8.17 -4.64
CA SER A 57 -3.10 -8.99 -4.01
C SER A 57 -3.76 -10.09 -3.16
N GLY A 58 -2.93 -11.01 -2.69
CA GLY A 58 -3.41 -12.10 -1.87
C GLY A 58 -3.40 -11.72 -0.39
N MET A 59 -3.86 -10.51 -0.12
CA MET A 59 -3.90 -10.00 1.25
C MET A 59 -5.34 -9.76 1.70
N ASN A 60 -6.17 -9.39 0.73
CA ASN A 60 -7.57 -9.12 1.02
C ASN A 60 -7.67 -8.06 2.12
N LEU A 61 -7.02 -6.93 1.87
CA LEU A 61 -7.03 -5.84 2.83
C LEU A 61 -8.00 -4.76 2.36
N ASN A 62 -8.29 -3.84 3.27
CA ASN A 62 -9.21 -2.75 2.97
C ASN A 62 -8.46 -1.41 3.04
N PRO A 63 -7.74 -1.09 1.94
CA PRO A 63 -6.98 0.14 1.87
C PRO A 63 -7.91 1.33 1.66
N GLU A 64 -7.49 2.47 2.20
CA GLU A 64 -8.27 3.69 2.07
C GLU A 64 -7.63 4.63 1.05
N VAL A 65 -8.28 5.76 0.83
CA VAL A 65 -7.79 6.75 -0.12
C VAL A 65 -8.26 8.13 0.31
N GLU A 66 -7.28 9.00 0.57
CA GLU A 66 -7.58 10.36 0.99
C GLU A 66 -6.85 11.36 0.09
N GLY A 67 -7.61 11.98 -0.80
CA GLY A 67 -7.05 12.96 -1.71
C GLY A 67 -6.02 12.31 -2.64
N THR A 68 -4.77 12.32 -2.20
CA THR A 68 -3.69 11.74 -2.98
C THR A 68 -2.89 10.75 -2.13
N LEU A 69 -3.35 10.57 -0.90
CA LEU A 69 -2.69 9.66 0.02
C LEU A 69 -3.50 8.38 0.13
N ILE A 70 -2.80 7.29 0.45
CA ILE A 70 -3.45 5.99 0.59
C ILE A 70 -3.17 5.44 1.98
N ARG A 71 -4.23 5.00 2.64
CA ARG A 71 -4.11 4.43 3.97
C ARG A 71 -4.25 2.92 3.92
N VAL A 72 -3.15 2.24 4.21
CA VAL A 72 -3.13 0.78 4.20
C VAL A 72 -2.92 0.27 5.62
N PRO A 73 -4.05 -0.10 6.28
CA PRO A 73 -4.01 -0.61 7.64
C PRO A 73 -3.48 -2.04 7.68
N ILE A 74 -2.64 -2.30 8.67
CA ILE A 74 -2.06 -3.63 8.83
C ILE A 74 -3.01 -4.51 9.64
N PRO A 75 -3.11 -5.79 9.22
CA PRO A 75 -3.97 -6.74 9.90
C PRO A 75 -3.36 -7.18 11.24
N LYS A 76 -2.09 -7.54 11.17
CA LYS A 76 -1.38 -7.99 12.36
C LYS A 76 0.12 -7.67 12.21
N VAL A 77 0.84 -7.86 13.30
CA VAL A 77 2.27 -7.59 13.30
C VAL A 77 2.98 -8.67 14.11
N THR A 78 4.04 -9.20 13.54
CA THR A 78 4.82 -10.23 14.19
C THR A 78 6.03 -9.63 14.92
N SER A 79 6.83 -8.91 14.14
CA SER A 79 8.02 -8.27 14.70
C SER A 79 7.67 -6.85 15.18
N GLY A 80 8.32 -6.45 16.25
CA GLY A 80 8.10 -5.14 16.82
C GLY A 80 8.30 -5.14 18.34
N PRO A 81 7.21 -4.76 19.06
CA PRO A 81 7.24 -4.72 20.50
C PRO A 81 7.17 -6.12 21.10
N SER A 82 7.87 -6.31 22.21
CA SER A 82 7.90 -7.59 22.87
C SER A 82 8.20 -7.42 24.37
N SER A 83 7.15 -7.50 25.17
CA SER A 83 7.30 -7.34 26.61
C SER A 83 7.75 -8.67 27.24
N GLY A 84 8.72 -8.55 28.14
CA GLY A 84 9.25 -9.72 28.81
C GLY A 84 10.70 -9.95 28.45
N GLY A 1 12.86 -9.23 14.98
CA GLY A 1 12.69 -10.65 14.75
C GLY A 1 12.73 -10.99 13.26
N SER A 2 11.61 -10.72 12.60
CA SER A 2 11.50 -10.98 11.17
C SER A 2 11.56 -9.67 10.40
N SER A 3 12.18 -9.73 9.23
CA SER A 3 12.31 -8.56 8.38
C SER A 3 11.31 -8.64 7.23
N GLY A 4 10.64 -7.51 7.00
CA GLY A 4 9.66 -7.44 5.93
C GLY A 4 8.24 -7.34 6.50
N SER A 5 7.94 -6.17 7.05
CA SER A 5 6.63 -5.94 7.63
C SER A 5 5.62 -5.57 6.53
N SER A 6 5.88 -4.45 5.90
CA SER A 6 5.01 -3.98 4.83
C SER A 6 5.35 -4.69 3.52
N GLY A 7 4.31 -4.98 2.75
CA GLY A 7 4.48 -5.66 1.48
C GLY A 7 3.73 -4.94 0.37
N LEU A 8 4.20 -3.73 0.06
CA LEU A 8 3.59 -2.93 -0.98
C LEU A 8 4.65 -2.54 -2.01
N ASP A 9 5.74 -1.98 -1.51
CA ASP A 9 6.83 -1.55 -2.37
C ASP A 9 7.06 -2.62 -3.44
N HIS A 10 6.84 -3.86 -3.06
CA HIS A 10 7.02 -4.98 -3.96
C HIS A 10 5.79 -5.11 -4.87
N ILE A 11 4.63 -5.03 -4.25
CA ILE A 11 3.38 -5.14 -4.98
C ILE A 11 3.48 -4.33 -6.27
N THR A 12 2.76 -4.79 -7.29
CA THR A 12 2.77 -4.12 -8.58
C THR A 12 1.39 -3.51 -8.85
N VAL A 13 1.41 -2.32 -9.45
CA VAL A 13 0.18 -1.62 -9.78
C VAL A 13 0.04 -1.54 -11.30
N VAL A 14 -1.17 -1.83 -11.77
CA VAL A 14 -1.45 -1.78 -13.19
C VAL A 14 -1.79 -0.35 -13.60
N THR A 15 -0.97 0.21 -14.47
CA THR A 15 -1.18 1.57 -14.94
C THR A 15 -1.62 1.56 -16.40
N ALA A 16 -2.14 2.69 -16.84
CA ALA A 16 -2.60 2.83 -18.21
C ALA A 16 -1.40 3.00 -19.14
N ASP A 17 -0.62 1.93 -19.26
CA ASP A 17 0.55 1.95 -20.11
C ASP A 17 1.37 0.68 -19.86
N GLY A 18 1.33 0.22 -18.62
CA GLY A 18 2.06 -0.98 -18.24
C GLY A 18 1.91 -1.26 -16.74
N LYS A 19 2.97 -1.84 -16.18
CA LYS A 19 2.96 -2.17 -14.76
C LYS A 19 4.13 -1.45 -14.08
N VAL A 20 3.92 -1.16 -12.80
CA VAL A 20 4.94 -0.48 -12.01
C VAL A 20 4.82 -0.90 -10.55
N ALA A 21 5.87 -0.63 -9.79
CA ALA A 21 5.89 -0.97 -8.38
C ALA A 21 5.05 0.05 -7.60
N LEU A 22 4.59 -0.39 -6.44
CA LEU A 22 3.77 0.48 -5.59
C LEU A 22 4.66 1.60 -5.03
N ASN A 23 5.95 1.45 -5.24
CA ASN A 23 6.90 2.44 -4.75
C ASN A 23 7.35 3.33 -5.91
N GLN A 24 6.51 3.38 -6.93
CA GLN A 24 6.80 4.18 -8.11
C GLN A 24 5.72 5.23 -8.32
N ILE A 25 4.47 4.77 -8.37
CA ILE A 25 3.34 5.65 -8.58
C ILE A 25 3.09 6.44 -7.28
N GLY A 26 3.32 5.77 -6.16
CA GLY A 26 3.13 6.40 -4.86
C GLY A 26 4.35 6.18 -3.97
N GLN A 27 4.53 7.10 -3.02
CA GLN A 27 5.64 7.02 -2.10
C GLN A 27 5.19 6.37 -0.79
N ILE A 28 5.71 5.17 -0.56
CA ILE A 28 5.37 4.42 0.65
C ILE A 28 6.20 4.96 1.81
N SER A 29 5.51 5.24 2.91
CA SER A 29 6.16 5.76 4.10
C SER A 29 5.43 5.29 5.35
N MET A 30 6.02 4.29 6.01
CA MET A 30 5.43 3.75 7.22
C MET A 30 5.54 4.73 8.38
N LYS A 31 4.56 5.63 8.46
CA LYS A 31 4.54 6.62 9.51
C LYS A 31 3.75 6.08 10.70
N SER A 32 2.80 5.21 10.40
CA SER A 32 1.97 4.61 11.42
C SER A 32 2.56 3.26 11.85
N PRO A 33 1.89 2.63 12.85
CA PRO A 33 2.33 1.34 13.36
C PRO A 33 1.99 0.22 12.37
N GLN A 34 0.71 0.17 12.00
CA GLN A 34 0.25 -0.85 11.07
C GLN A 34 -0.61 -0.20 9.98
N VAL A 35 -0.13 0.93 9.49
CA VAL A 35 -0.86 1.65 8.44
C VAL A 35 0.15 2.36 7.54
N ILE A 36 0.25 1.89 6.32
CA ILE A 36 1.16 2.47 5.35
C ILE A 36 0.48 3.66 4.66
N LEU A 37 1.28 4.68 4.37
CA LEU A 37 0.77 5.87 3.71
C LEU A 37 1.50 6.06 2.38
N VAL A 38 0.75 5.92 1.30
CA VAL A 38 1.30 6.07 -0.03
C VAL A 38 0.82 7.40 -0.63
N ASN A 39 1.77 8.30 -0.85
CA ASN A 39 1.46 9.60 -1.41
C ASN A 39 1.44 9.49 -2.94
N MET A 40 0.30 9.88 -3.52
CA MET A 40 0.15 9.84 -4.96
C MET A 40 0.00 11.25 -5.54
N ALA A 41 0.93 12.11 -5.14
CA ALA A 41 0.92 13.49 -5.61
C ALA A 41 1.50 13.54 -7.03
N SER A 42 2.24 12.49 -7.37
CA SER A 42 2.85 12.42 -8.68
C SER A 42 2.05 11.47 -9.58
N PHE A 43 1.07 10.83 -8.97
CA PHE A 43 0.23 9.88 -9.70
C PHE A 43 -1.17 9.82 -9.08
N PRO A 44 -1.90 10.96 -9.18
CA PRO A 44 -3.24 11.04 -8.64
C PRO A 44 -4.24 10.29 -9.53
N GLU A 45 -3.82 10.07 -10.76
CA GLU A 45 -4.66 9.37 -11.72
C GLU A 45 -4.46 7.86 -11.61
N CYS A 46 -3.40 7.49 -10.89
CA CYS A 46 -3.08 6.09 -10.69
C CYS A 46 -3.35 5.74 -9.23
N THR A 47 -4.12 6.59 -8.57
CA THR A 47 -4.46 6.40 -7.18
C THR A 47 -5.20 5.06 -7.00
N ALA A 48 -6.40 5.02 -7.53
CA ALA A 48 -7.22 3.82 -7.43
C ALA A 48 -6.37 2.60 -7.80
N ALA A 49 -5.68 2.72 -8.93
CA ALA A 49 -4.83 1.64 -9.40
C ALA A 49 -4.11 0.99 -8.22
N ALA A 50 -3.36 1.83 -7.51
CA ALA A 50 -2.62 1.36 -6.34
C ALA A 50 -3.55 0.55 -5.44
N ILE A 51 -4.56 1.24 -4.92
CA ILE A 51 -5.52 0.60 -4.03
C ILE A 51 -5.86 -0.79 -4.58
N LYS A 52 -6.10 -0.83 -5.88
CA LYS A 52 -6.44 -2.09 -6.53
C LYS A 52 -5.36 -3.12 -6.23
N ALA A 53 -4.18 -2.88 -6.80
CA ALA A 53 -3.06 -3.79 -6.59
C ALA A 53 -3.16 -4.41 -5.20
N ILE A 54 -3.27 -3.54 -4.20
CA ILE A 54 -3.38 -3.99 -2.83
C ILE A 54 -4.51 -5.01 -2.71
N ARG A 55 -5.70 -4.57 -3.05
CA ARG A 55 -6.87 -5.43 -2.99
C ARG A 55 -6.63 -6.70 -3.80
N GLU A 56 -6.09 -6.51 -5.00
CA GLU A 56 -5.80 -7.64 -5.88
C GLU A 56 -4.76 -8.56 -5.24
N SER A 57 -3.86 -7.94 -4.48
CA SER A 57 -2.81 -8.69 -3.82
C SER A 57 -3.42 -9.79 -2.94
N GLY A 58 -2.58 -10.75 -2.59
CA GLY A 58 -3.02 -11.87 -1.77
C GLY A 58 -3.26 -11.42 -0.32
N MET A 59 -4.12 -10.44 -0.18
CA MET A 59 -4.44 -9.91 1.14
C MET A 59 -5.77 -9.14 1.11
N ASN A 60 -6.78 -9.76 1.71
CA ASN A 60 -8.10 -9.16 1.75
C ASN A 60 -8.06 -7.93 2.68
N LEU A 61 -7.37 -6.90 2.21
CA LEU A 61 -7.23 -5.68 2.99
C LEU A 61 -8.16 -4.61 2.39
N ASN A 62 -8.45 -3.62 3.21
CA ASN A 62 -9.32 -2.53 2.78
C ASN A 62 -8.57 -1.20 2.92
N PRO A 63 -7.86 -0.84 1.81
CA PRO A 63 -7.10 0.40 1.78
C PRO A 63 -8.03 1.61 1.64
N GLU A 64 -7.55 2.75 2.12
CA GLU A 64 -8.30 3.98 2.04
C GLU A 64 -7.72 4.90 0.98
N VAL A 65 -8.38 6.05 0.80
CA VAL A 65 -7.93 7.02 -0.17
C VAL A 65 -8.41 8.42 0.25
N GLU A 66 -7.43 9.26 0.57
CA GLU A 66 -7.74 10.62 0.99
C GLU A 66 -6.95 11.62 0.15
N GLY A 67 -7.65 12.27 -0.76
CA GLY A 67 -7.04 13.25 -1.64
C GLY A 67 -6.04 12.59 -2.59
N THR A 68 -4.81 12.48 -2.12
CA THR A 68 -3.76 11.86 -2.92
C THR A 68 -2.97 10.87 -2.08
N LEU A 69 -3.46 10.62 -0.88
CA LEU A 69 -2.81 9.70 0.03
C LEU A 69 -3.61 8.39 0.08
N ILE A 70 -2.90 7.32 0.39
CA ILE A 70 -3.53 6.01 0.48
C ILE A 70 -3.17 5.36 1.82
N ARG A 71 -4.20 4.89 2.51
CA ARG A 71 -4.02 4.25 3.80
C ARG A 71 -4.16 2.74 3.66
N VAL A 72 -3.07 2.04 3.96
CA VAL A 72 -3.07 0.59 3.87
C VAL A 72 -2.78 0.01 5.25
N PRO A 73 -3.87 -0.40 5.95
CA PRO A 73 -3.75 -0.98 7.28
C PRO A 73 -3.23 -2.41 7.21
N ILE A 74 -2.41 -2.76 8.20
CA ILE A 74 -1.84 -4.09 8.26
C ILE A 74 -2.78 -5.01 9.05
N PRO A 75 -2.90 -6.27 8.56
CA PRO A 75 -3.75 -7.24 9.21
C PRO A 75 -3.11 -7.78 10.49
N LYS A 76 -3.93 -8.42 11.31
CA LYS A 76 -3.44 -8.97 12.57
C LYS A 76 -3.01 -7.83 13.49
N VAL A 77 -3.36 -7.97 14.76
CA VAL A 77 -3.01 -6.97 15.75
C VAL A 77 -2.18 -7.62 16.86
N THR A 78 -2.78 -8.63 17.48
CA THR A 78 -2.12 -9.34 18.56
C THR A 78 -1.03 -10.25 18.00
N SER A 79 -1.46 -11.31 17.32
CA SER A 79 -0.54 -12.25 16.74
C SER A 79 -1.10 -12.79 15.42
N GLY A 80 -0.23 -13.43 14.65
CA GLY A 80 -0.63 -13.99 13.37
C GLY A 80 0.55 -14.73 12.72
N PRO A 81 0.19 -15.64 11.77
CA PRO A 81 1.19 -16.41 11.06
C PRO A 81 1.90 -15.56 10.01
N SER A 82 3.18 -15.33 10.26
CA SER A 82 3.99 -14.53 9.35
C SER A 82 4.97 -15.43 8.59
N SER A 83 5.78 -16.15 9.35
CA SER A 83 6.76 -17.05 8.77
C SER A 83 7.82 -16.24 8.01
N GLY A 84 9.07 -16.60 8.24
CA GLY A 84 10.17 -15.91 7.59
C GLY A 84 11.21 -15.45 8.60
N GLY A 1 15.87 1.35 14.06
CA GLY A 1 15.23 0.70 12.94
C GLY A 1 13.90 0.06 13.34
N SER A 2 12.85 0.87 13.27
CA SER A 2 11.52 0.40 13.63
C SER A 2 10.66 0.23 12.37
N SER A 3 10.52 -1.02 11.96
CA SER A 3 9.73 -1.34 10.78
C SER A 3 9.27 -2.80 10.83
N GLY A 4 8.12 -3.04 10.24
CA GLY A 4 7.56 -4.38 10.20
C GLY A 4 7.38 -4.87 8.76
N SER A 5 6.21 -5.40 8.48
CA SER A 5 5.91 -5.91 7.15
C SER A 5 4.97 -4.96 6.42
N SER A 6 5.08 -4.95 5.10
CA SER A 6 4.25 -4.09 4.29
C SER A 6 3.74 -4.86 3.06
N GLY A 7 4.69 -5.40 2.31
CA GLY A 7 4.37 -6.16 1.12
C GLY A 7 3.63 -5.28 0.09
N LEU A 8 4.20 -4.11 -0.15
CA LEU A 8 3.61 -3.18 -1.10
C LEU A 8 4.68 -2.73 -2.09
N ASP A 9 5.78 -2.25 -1.55
CA ASP A 9 6.88 -1.79 -2.37
C ASP A 9 7.12 -2.79 -3.51
N HIS A 10 6.83 -4.05 -3.21
CA HIS A 10 7.02 -5.10 -4.20
C HIS A 10 5.76 -5.20 -5.09
N ILE A 11 4.61 -5.05 -4.44
CA ILE A 11 3.35 -5.12 -5.15
C ILE A 11 3.46 -4.32 -6.46
N THR A 12 2.69 -4.76 -7.44
CA THR A 12 2.68 -4.11 -8.74
C THR A 12 1.31 -3.49 -9.03
N VAL A 13 1.35 -2.29 -9.60
CA VAL A 13 0.12 -1.59 -9.93
C VAL A 13 0.03 -1.42 -11.45
N VAL A 14 -1.06 -1.92 -12.00
CA VAL A 14 -1.28 -1.82 -13.44
C VAL A 14 -1.62 -0.37 -13.80
N THR A 15 -0.63 0.30 -14.38
CA THR A 15 -0.81 1.69 -14.78
C THR A 15 -0.97 1.78 -16.29
N ALA A 16 -1.21 3.00 -16.75
CA ALA A 16 -1.39 3.25 -18.18
C ALA A 16 -0.29 2.52 -18.96
N ASP A 17 0.93 3.03 -18.80
CA ASP A 17 2.07 2.44 -19.48
C ASP A 17 1.96 0.92 -19.44
N GLY A 18 1.87 0.39 -18.23
CA GLY A 18 1.74 -1.05 -18.04
C GLY A 18 1.68 -1.40 -16.55
N LYS A 19 2.80 -1.90 -16.06
CA LYS A 19 2.89 -2.29 -14.65
C LYS A 19 4.08 -1.59 -14.01
N VAL A 20 3.90 -1.18 -12.76
CA VAL A 20 4.94 -0.50 -12.03
C VAL A 20 4.87 -0.90 -10.55
N ALA A 21 5.95 -0.62 -9.83
CA ALA A 21 6.01 -0.95 -8.42
C ALA A 21 5.20 0.09 -7.63
N LEU A 22 4.58 -0.39 -6.57
CA LEU A 22 3.77 0.47 -5.73
C LEU A 22 4.63 1.63 -5.22
N ASN A 23 5.94 1.44 -5.29
CA ASN A 23 6.88 2.44 -4.85
C ASN A 23 7.29 3.31 -6.04
N GLN A 24 6.40 3.37 -7.03
CA GLN A 24 6.66 4.14 -8.23
C GLN A 24 5.58 5.19 -8.42
N ILE A 25 4.33 4.72 -8.45
CA ILE A 25 3.19 5.60 -8.63
C ILE A 25 2.93 6.36 -7.32
N GLY A 26 3.21 5.67 -6.22
CA GLY A 26 3.00 6.27 -4.91
C GLY A 26 4.23 6.04 -4.01
N GLN A 27 4.48 7.03 -3.17
CA GLN A 27 5.62 6.96 -2.25
C GLN A 27 5.19 6.32 -0.94
N ILE A 28 5.73 5.13 -0.69
CA ILE A 28 5.41 4.41 0.53
C ILE A 28 6.32 4.91 1.66
N SER A 29 5.68 5.26 2.76
CA SER A 29 6.42 5.76 3.92
C SER A 29 5.65 5.42 5.20
N MET A 30 6.20 4.47 5.94
CA MET A 30 5.58 4.05 7.19
C MET A 30 5.63 5.17 8.23
N LYS A 31 4.50 5.83 8.39
CA LYS A 31 4.40 6.91 9.35
C LYS A 31 3.65 6.43 10.59
N SER A 32 2.75 5.48 10.37
CA SER A 32 1.96 4.92 11.46
C SER A 32 2.57 3.60 11.92
N PRO A 33 1.93 3.01 12.96
CA PRO A 33 2.39 1.74 13.51
C PRO A 33 2.02 0.58 12.58
N GLN A 34 0.75 0.54 12.21
CA GLN A 34 0.25 -0.51 11.33
C GLN A 34 -0.57 0.10 10.19
N VAL A 35 -0.05 1.19 9.64
CA VAL A 35 -0.72 1.87 8.54
C VAL A 35 0.32 2.51 7.62
N ILE A 36 0.35 2.03 6.39
CA ILE A 36 1.29 2.54 5.41
C ILE A 36 0.65 3.71 4.66
N LEU A 37 1.48 4.71 4.39
CA LEU A 37 1.01 5.89 3.68
C LEU A 37 1.66 5.95 2.30
N VAL A 38 0.81 6.07 1.29
CA VAL A 38 1.28 6.14 -0.08
C VAL A 38 0.86 7.46 -0.70
N ASN A 39 1.84 8.31 -0.96
CA ASN A 39 1.58 9.61 -1.55
C ASN A 39 1.49 9.46 -3.07
N MET A 40 0.32 9.76 -3.60
CA MET A 40 0.10 9.66 -5.04
C MET A 40 -0.05 11.05 -5.66
N ALA A 41 0.95 11.88 -5.40
CA ALA A 41 0.95 13.23 -5.94
C ALA A 41 1.46 13.22 -7.37
N SER A 42 2.24 12.19 -7.68
CA SER A 42 2.80 12.04 -9.02
C SER A 42 1.91 11.12 -9.85
N PHE A 43 0.84 10.64 -9.21
CA PHE A 43 -0.09 9.76 -9.89
C PHE A 43 -1.43 9.71 -9.15
N PRO A 44 -2.11 10.90 -9.15
CA PRO A 44 -3.40 11.00 -8.49
C PRO A 44 -4.50 10.33 -9.32
N GLU A 45 -4.18 10.08 -10.58
CA GLU A 45 -5.12 9.45 -11.48
C GLU A 45 -4.99 7.93 -11.41
N CYS A 46 -3.92 7.50 -10.75
CA CYS A 46 -3.66 6.07 -10.60
C CYS A 46 -3.79 5.71 -9.12
N THR A 47 -4.49 6.57 -8.39
CA THR A 47 -4.69 6.36 -6.97
C THR A 47 -5.44 5.05 -6.72
N ALA A 48 -6.60 4.94 -7.36
CA ALA A 48 -7.41 3.75 -7.23
C ALA A 48 -6.60 2.52 -7.63
N ALA A 49 -5.94 2.64 -8.78
CA ALA A 49 -5.12 1.56 -9.28
C ALA A 49 -4.37 0.90 -8.12
N ALA A 50 -3.60 1.72 -7.41
CA ALA A 50 -2.84 1.24 -6.28
C ALA A 50 -3.76 0.48 -5.32
N ILE A 51 -4.69 1.23 -4.74
CA ILE A 51 -5.63 0.64 -3.81
C ILE A 51 -6.05 -0.74 -4.31
N LYS A 52 -6.19 -0.84 -5.63
CA LYS A 52 -6.58 -2.09 -6.25
C LYS A 52 -5.49 -3.14 -6.02
N ALA A 53 -4.34 -2.89 -6.64
CA ALA A 53 -3.21 -3.80 -6.51
C ALA A 53 -3.23 -4.45 -5.13
N ILE A 54 -3.40 -3.61 -4.12
CA ILE A 54 -3.45 -4.10 -2.75
C ILE A 54 -4.54 -5.16 -2.62
N ARG A 55 -5.77 -4.76 -2.90
CA ARG A 55 -6.89 -5.66 -2.82
C ARG A 55 -6.68 -6.86 -3.75
N GLU A 56 -5.97 -6.59 -4.84
CA GLU A 56 -5.69 -7.63 -5.83
C GLU A 56 -4.30 -8.21 -5.59
N SER A 57 -3.83 -8.09 -4.36
CA SER A 57 -2.52 -8.58 -4.00
C SER A 57 -2.65 -9.67 -2.93
N GLY A 58 -3.56 -10.60 -3.19
CA GLY A 58 -3.79 -11.69 -2.26
C GLY A 58 -3.73 -11.21 -0.80
N MET A 59 -4.59 -10.24 -0.50
CA MET A 59 -4.65 -9.69 0.84
C MET A 59 -6.08 -9.52 1.31
N ASN A 60 -6.89 -8.92 0.44
CA ASN A 60 -8.29 -8.70 0.76
C ASN A 60 -8.41 -7.55 1.76
N LEU A 61 -7.28 -6.89 1.99
CA LEU A 61 -7.25 -5.78 2.92
C LEU A 61 -8.20 -4.67 2.44
N ASN A 62 -8.50 -3.75 3.34
CA ASN A 62 -9.39 -2.65 3.02
C ASN A 62 -8.63 -1.34 3.16
N PRO A 63 -7.84 -1.01 2.12
CA PRO A 63 -7.06 0.22 2.12
C PRO A 63 -7.95 1.43 1.87
N GLU A 64 -7.54 2.56 2.45
CA GLU A 64 -8.30 3.79 2.29
C GLU A 64 -7.59 4.73 1.32
N VAL A 65 -8.21 5.87 1.07
CA VAL A 65 -7.65 6.85 0.16
C VAL A 65 -8.20 8.23 0.51
N GLU A 66 -7.29 9.15 0.80
CA GLU A 66 -7.66 10.50 1.14
C GLU A 66 -6.92 11.50 0.27
N GLY A 67 -7.64 12.06 -0.70
CA GLY A 67 -7.06 13.03 -1.61
C GLY A 67 -6.05 12.37 -2.55
N THR A 68 -4.81 12.33 -2.10
CA THR A 68 -3.75 11.72 -2.90
C THR A 68 -2.94 10.74 -2.04
N LEU A 69 -3.41 10.55 -0.81
CA LEU A 69 -2.75 9.64 0.10
C LEU A 69 -3.58 8.37 0.26
N ILE A 70 -2.89 7.28 0.58
CA ILE A 70 -3.56 6.00 0.75
C ILE A 70 -3.19 5.42 2.11
N ARG A 71 -4.20 4.91 2.80
CA ARG A 71 -3.99 4.33 4.11
C ARG A 71 -4.14 2.81 4.04
N VAL A 72 -3.03 2.13 4.25
CA VAL A 72 -3.02 0.68 4.21
C VAL A 72 -2.76 0.13 5.62
N PRO A 73 -3.87 -0.25 6.30
CA PRO A 73 -3.77 -0.79 7.65
C PRO A 73 -3.24 -2.22 7.63
N ILE A 74 -2.31 -2.48 8.54
CA ILE A 74 -1.72 -3.81 8.64
C ILE A 74 -2.61 -4.70 9.50
N PRO A 75 -2.73 -5.98 9.06
CA PRO A 75 -3.55 -6.95 9.77
C PRO A 75 -2.87 -7.41 11.06
N LYS A 76 -3.69 -7.70 12.06
CA LYS A 76 -3.17 -8.16 13.33
C LYS A 76 -2.74 -9.62 13.21
N VAL A 77 -1.80 -10.00 14.06
CA VAL A 77 -1.30 -11.37 14.06
C VAL A 77 -2.48 -12.34 13.98
N THR A 78 -3.53 -12.01 14.71
CA THR A 78 -4.72 -12.85 14.73
C THR A 78 -5.81 -12.22 13.85
N SER A 79 -6.46 -13.09 13.07
CA SER A 79 -7.51 -12.65 12.18
C SER A 79 -7.02 -11.47 11.33
N GLY A 80 -6.62 -11.80 10.11
CA GLY A 80 -6.12 -10.79 9.19
C GLY A 80 -7.07 -10.61 8.01
N PRO A 81 -6.89 -11.48 6.99
CA PRO A 81 -7.73 -11.43 5.79
C PRO A 81 -9.12 -12.00 6.08
N SER A 82 -10.06 -11.11 6.34
CA SER A 82 -11.42 -11.51 6.62
C SER A 82 -11.89 -12.54 5.59
N SER A 83 -12.00 -12.08 4.36
CA SER A 83 -12.44 -12.94 3.27
C SER A 83 -13.87 -13.41 3.52
N GLY A 84 -14.66 -13.39 2.46
CA GLY A 84 -16.04 -13.81 2.54
C GLY A 84 -16.48 -14.55 1.28
N GLY A 1 12.11 6.64 10.40
CA GLY A 1 11.96 5.41 11.15
C GLY A 1 10.89 4.52 10.53
N SER A 2 10.81 3.28 11.03
CA SER A 2 9.85 2.32 10.53
C SER A 2 9.82 1.08 11.43
N SER A 3 8.69 0.40 11.40
CA SER A 3 8.52 -0.80 12.20
C SER A 3 8.15 -1.98 11.31
N GLY A 4 9.10 -2.89 11.16
CA GLY A 4 8.88 -4.07 10.34
C GLY A 4 9.00 -3.74 8.85
N SER A 5 8.06 -4.28 8.08
CA SER A 5 8.05 -4.04 6.65
C SER A 5 6.62 -4.17 6.11
N SER A 6 6.36 -3.44 5.05
CA SER A 6 5.05 -3.46 4.42
C SER A 6 5.10 -4.25 3.12
N GLY A 7 4.04 -5.02 2.89
CA GLY A 7 3.96 -5.83 1.68
C GLY A 7 3.23 -5.07 0.57
N LEU A 8 3.75 -3.90 0.25
CA LEU A 8 3.16 -3.08 -0.78
C LEU A 8 4.26 -2.62 -1.75
N ASP A 9 5.34 -2.11 -1.18
CA ASP A 9 6.46 -1.65 -1.99
C ASP A 9 6.82 -2.71 -3.02
N HIS A 10 6.51 -3.96 -2.67
CA HIS A 10 6.79 -5.07 -3.56
C HIS A 10 5.62 -5.28 -4.52
N ILE A 11 4.42 -5.01 -4.00
CA ILE A 11 3.22 -5.16 -4.80
C ILE A 11 3.34 -4.33 -6.08
N THR A 12 2.62 -4.77 -7.10
CA THR A 12 2.64 -4.08 -8.38
C THR A 12 1.28 -3.44 -8.66
N VAL A 13 1.34 -2.27 -9.30
CA VAL A 13 0.13 -1.55 -9.63
C VAL A 13 0.02 -1.40 -11.15
N VAL A 14 -1.16 -1.69 -11.66
CA VAL A 14 -1.40 -1.58 -13.09
C VAL A 14 -1.68 -0.12 -13.46
N THR A 15 -0.87 0.39 -14.38
CA THR A 15 -1.02 1.77 -14.82
C THR A 15 -1.22 1.82 -16.34
N ALA A 16 -1.34 3.03 -16.85
CA ALA A 16 -1.55 3.23 -18.26
C ALA A 16 -0.36 2.64 -19.03
N ASP A 17 0.83 3.06 -18.64
CA ASP A 17 2.04 2.58 -19.27
C ASP A 17 2.03 1.05 -19.30
N GLY A 18 1.87 0.47 -18.11
CA GLY A 18 1.83 -0.98 -17.99
C GLY A 18 1.73 -1.39 -16.52
N LYS A 19 2.84 -1.91 -16.01
CA LYS A 19 2.89 -2.36 -14.63
C LYS A 19 4.09 -1.71 -13.93
N VAL A 20 3.88 -1.32 -12.69
CA VAL A 20 4.92 -0.69 -11.90
C VAL A 20 4.76 -1.08 -10.43
N ALA A 21 5.79 -0.77 -9.65
CA ALA A 21 5.76 -1.07 -8.23
C ALA A 21 5.06 0.06 -7.48
N LEU A 22 4.49 -0.31 -6.33
CA LEU A 22 3.78 0.66 -5.52
C LEU A 22 4.76 1.72 -5.03
N ASN A 23 6.04 1.42 -5.17
CA ASN A 23 7.08 2.34 -4.75
C ASN A 23 7.61 3.11 -5.97
N GLN A 24 6.73 3.29 -6.94
CA GLN A 24 7.08 3.99 -8.16
C GLN A 24 6.10 5.12 -8.42
N ILE A 25 4.82 4.76 -8.46
CA ILE A 25 3.77 5.74 -8.70
C ILE A 25 3.60 6.61 -7.46
N GLY A 26 3.63 5.96 -6.31
CA GLY A 26 3.48 6.67 -5.04
C GLY A 26 4.61 6.32 -4.07
N GLN A 27 4.88 7.24 -3.16
CA GLN A 27 5.92 7.03 -2.18
C GLN A 27 5.34 6.38 -0.91
N ILE A 28 5.79 5.16 -0.66
CA ILE A 28 5.32 4.43 0.50
C ILE A 28 6.07 4.92 1.74
N SER A 29 5.33 5.57 2.63
CA SER A 29 5.91 6.09 3.85
C SER A 29 5.13 5.59 5.07
N MET A 30 5.70 4.59 5.73
CA MET A 30 5.07 4.01 6.90
C MET A 30 5.02 5.01 8.05
N LYS A 31 3.97 5.83 8.05
CA LYS A 31 3.80 6.84 9.08
C LYS A 31 3.67 6.14 10.44
N SER A 32 2.61 5.35 10.56
CA SER A 32 2.35 4.64 11.80
C SER A 32 3.01 3.25 11.75
N PRO A 33 3.10 2.62 12.94
CA PRO A 33 3.70 1.30 13.04
C PRO A 33 2.76 0.23 12.51
N GLN A 34 1.57 0.66 12.11
CA GLN A 34 0.57 -0.25 11.58
C GLN A 34 -0.26 0.45 10.50
N VAL A 35 0.36 1.41 9.84
CA VAL A 35 -0.32 2.16 8.79
C VAL A 35 0.70 2.57 7.73
N ILE A 36 0.37 2.25 6.48
CA ILE A 36 1.24 2.58 5.37
C ILE A 36 0.62 3.73 4.57
N LEU A 37 1.45 4.72 4.27
CA LEU A 37 1.01 5.87 3.51
C LEU A 37 1.69 5.88 2.14
N VAL A 38 0.89 6.14 1.12
CA VAL A 38 1.40 6.18 -0.24
C VAL A 38 0.94 7.47 -0.92
N ASN A 39 1.85 8.43 -0.98
CA ASN A 39 1.56 9.70 -1.60
C ASN A 39 1.46 9.53 -3.11
N MET A 40 0.30 9.90 -3.65
CA MET A 40 0.07 9.78 -5.08
C MET A 40 -0.17 11.16 -5.71
N ALA A 41 0.68 12.10 -5.34
CA ALA A 41 0.57 13.46 -5.86
C ALA A 41 1.03 13.48 -7.32
N SER A 42 2.01 12.65 -7.61
CA SER A 42 2.54 12.55 -8.96
C SER A 42 1.77 11.50 -9.76
N PHE A 43 0.74 10.97 -9.14
CA PHE A 43 -0.09 9.97 -9.78
C PHE A 43 -1.47 9.88 -9.11
N PRO A 44 -2.22 10.99 -9.24
CA PRO A 44 -3.57 11.06 -8.66
C PRO A 44 -4.56 10.24 -9.49
N GLU A 45 -4.22 10.07 -10.76
CA GLU A 45 -5.07 9.31 -11.66
C GLU A 45 -4.76 7.82 -11.56
N CYS A 46 -3.70 7.52 -10.83
CA CYS A 46 -3.28 6.13 -10.64
C CYS A 46 -3.51 5.76 -9.18
N THR A 47 -4.22 6.63 -8.47
CA THR A 47 -4.51 6.41 -7.07
C THR A 47 -5.28 5.11 -6.88
N ALA A 48 -6.46 5.06 -7.51
CA ALA A 48 -7.31 3.88 -7.42
C ALA A 48 -6.49 2.64 -7.81
N ALA A 49 -5.80 2.76 -8.93
CA ALA A 49 -4.98 1.65 -9.41
C ALA A 49 -4.28 0.99 -8.23
N ALA A 50 -3.51 1.79 -7.50
CA ALA A 50 -2.77 1.30 -6.36
C ALA A 50 -3.72 0.51 -5.46
N ILE A 51 -4.71 1.21 -4.93
CA ILE A 51 -5.69 0.58 -4.05
C ILE A 51 -6.05 -0.80 -4.60
N LYS A 52 -6.41 -0.81 -5.88
CA LYS A 52 -6.77 -2.05 -6.54
C LYS A 52 -5.70 -3.12 -6.26
N ALA A 53 -4.52 -2.86 -6.81
CA ALA A 53 -3.40 -3.78 -6.63
C ALA A 53 -3.52 -4.46 -5.27
N ILE A 54 -3.53 -3.64 -4.23
CA ILE A 54 -3.63 -4.15 -2.87
C ILE A 54 -4.73 -5.21 -2.81
N ARG A 55 -5.96 -4.75 -2.98
CA ARG A 55 -7.10 -5.66 -2.96
C ARG A 55 -6.88 -6.84 -3.90
N GLU A 56 -6.37 -6.51 -5.08
CA GLU A 56 -6.11 -7.52 -6.10
C GLU A 56 -5.10 -8.55 -5.55
N SER A 57 -4.19 -8.07 -4.73
CA SER A 57 -3.17 -8.92 -4.14
C SER A 57 -3.82 -9.89 -3.15
N GLY A 58 -3.16 -11.02 -2.97
CA GLY A 58 -3.66 -12.04 -2.04
C GLY A 58 -3.62 -11.53 -0.60
N MET A 59 -4.48 -10.57 -0.33
CA MET A 59 -4.56 -9.99 1.00
C MET A 59 -6.03 -9.80 1.43
N ASN A 60 -6.80 -9.22 0.54
CA ASN A 60 -8.21 -8.98 0.81
C ASN A 60 -8.33 -7.84 1.82
N LEU A 61 -7.24 -7.11 2.00
CA LEU A 61 -7.21 -6.01 2.93
C LEU A 61 -8.10 -4.88 2.41
N ASN A 62 -8.37 -3.92 3.29
CA ASN A 62 -9.20 -2.79 2.92
C ASN A 62 -8.36 -1.50 2.97
N PRO A 63 -7.76 -1.17 1.80
CA PRO A 63 -6.93 0.02 1.69
C PRO A 63 -7.78 1.28 1.66
N GLU A 64 -7.22 2.35 2.19
CA GLU A 64 -7.92 3.63 2.22
C GLU A 64 -7.33 4.59 1.18
N VAL A 65 -8.00 5.72 1.02
CA VAL A 65 -7.56 6.72 0.07
C VAL A 65 -8.12 8.09 0.48
N GLU A 66 -7.20 9.02 0.73
CA GLU A 66 -7.59 10.36 1.13
C GLU A 66 -6.91 11.40 0.23
N GLY A 67 -7.70 11.95 -0.68
CA GLY A 67 -7.20 12.95 -1.60
C GLY A 67 -6.21 12.33 -2.60
N THR A 68 -4.96 12.25 -2.17
CA THR A 68 -3.91 11.69 -3.00
C THR A 68 -3.03 10.73 -2.19
N LEU A 69 -3.47 10.47 -0.96
CA LEU A 69 -2.75 9.58 -0.08
C LEU A 69 -3.52 8.27 0.09
N ILE A 70 -2.79 7.21 0.38
CA ILE A 70 -3.39 5.91 0.57
C ILE A 70 -2.99 5.35 1.93
N ARG A 71 -3.99 5.16 2.78
CA ARG A 71 -3.75 4.64 4.12
C ARG A 71 -4.14 3.16 4.18
N VAL A 72 -3.19 2.35 4.61
CA VAL A 72 -3.42 0.92 4.73
C VAL A 72 -3.04 0.47 6.14
N PRO A 73 -4.08 0.35 7.00
CA PRO A 73 -3.89 -0.08 8.37
C PRO A 73 -3.61 -1.59 8.45
N ILE A 74 -2.54 -1.92 9.14
CA ILE A 74 -2.16 -3.33 9.29
C ILE A 74 -3.15 -4.01 10.23
N PRO A 75 -3.49 -5.28 9.86
CA PRO A 75 -4.42 -6.06 10.67
C PRO A 75 -3.75 -6.56 11.95
N LYS A 76 -2.71 -7.35 11.74
CA LYS A 76 -1.97 -7.91 12.87
C LYS A 76 -0.72 -8.63 12.34
N VAL A 77 0.29 -7.83 12.03
CA VAL A 77 1.55 -8.37 11.52
C VAL A 77 2.68 -7.97 12.46
N THR A 78 3.56 -8.93 12.72
CA THR A 78 4.69 -8.70 13.60
C THR A 78 4.24 -7.99 14.88
N SER A 79 3.89 -8.81 15.86
CA SER A 79 3.44 -8.29 17.14
C SER A 79 4.63 -8.06 18.07
N GLY A 80 4.51 -7.04 18.90
CA GLY A 80 5.58 -6.71 19.83
C GLY A 80 5.15 -5.58 20.78
N PRO A 81 5.06 -4.35 20.19
CA PRO A 81 4.66 -3.19 20.97
C PRO A 81 3.16 -3.20 21.25
N SER A 82 2.39 -3.39 20.18
CA SER A 82 0.94 -3.43 20.30
C SER A 82 0.52 -4.52 21.28
N SER A 83 -0.33 -4.13 22.23
CA SER A 83 -0.80 -5.06 23.23
C SER A 83 0.37 -5.63 24.02
N GLY A 84 0.60 -5.07 25.20
CA GLY A 84 1.68 -5.52 26.04
C GLY A 84 1.88 -4.57 27.23
N GLY A 1 16.32 -1.37 15.85
CA GLY A 1 16.77 -2.22 14.76
C GLY A 1 16.01 -1.90 13.47
N SER A 2 16.42 -2.56 12.40
CA SER A 2 15.79 -2.35 11.11
C SER A 2 14.45 -3.08 11.05
N SER A 3 13.38 -2.33 11.29
CA SER A 3 12.04 -2.89 11.26
C SER A 3 11.08 -1.93 10.56
N GLY A 4 10.57 -2.40 9.42
CA GLY A 4 9.64 -1.60 8.64
C GLY A 4 9.40 -2.23 7.27
N SER A 5 8.98 -1.38 6.33
CA SER A 5 8.71 -1.85 4.98
C SER A 5 7.53 -2.83 4.99
N SER A 6 6.57 -2.56 4.12
CA SER A 6 5.39 -3.40 4.02
C SER A 6 5.41 -4.15 2.68
N GLY A 7 4.52 -5.11 2.57
CA GLY A 7 4.41 -5.91 1.36
C GLY A 7 3.58 -5.19 0.30
N LEU A 8 4.03 -3.99 -0.04
CA LEU A 8 3.34 -3.19 -1.04
C LEU A 8 4.31 -2.83 -2.17
N ASP A 9 5.49 -2.36 -1.76
CA ASP A 9 6.51 -1.97 -2.72
C ASP A 9 6.69 -3.10 -3.74
N HIS A 10 6.50 -4.32 -3.27
CA HIS A 10 6.64 -5.48 -4.13
C HIS A 10 5.42 -5.58 -5.06
N ILE A 11 4.27 -5.26 -4.50
CA ILE A 11 3.04 -5.31 -5.27
C ILE A 11 3.18 -4.44 -6.52
N THR A 12 2.47 -4.84 -7.57
CA THR A 12 2.51 -4.11 -8.82
C THR A 12 1.16 -3.48 -9.11
N VAL A 13 1.21 -2.26 -9.63
CA VAL A 13 0.00 -1.53 -9.96
C VAL A 13 -0.13 -1.40 -11.48
N VAL A 14 -1.37 -1.45 -11.94
CA VAL A 14 -1.63 -1.34 -13.37
C VAL A 14 -1.80 0.13 -13.74
N THR A 15 -0.88 0.62 -14.55
CA THR A 15 -0.93 2.01 -14.99
C THR A 15 -0.91 2.09 -16.52
N ALA A 16 -0.89 3.32 -17.01
CA ALA A 16 -0.87 3.54 -18.45
C ALA A 16 0.21 2.66 -19.08
N ASP A 17 1.45 2.92 -18.71
CA ASP A 17 2.57 2.17 -19.24
C ASP A 17 2.24 0.67 -19.20
N GLY A 18 1.86 0.22 -18.00
CA GLY A 18 1.52 -1.18 -17.82
C GLY A 18 1.48 -1.53 -16.33
N LYS A 19 2.53 -2.22 -15.89
CA LYS A 19 2.62 -2.62 -14.50
C LYS A 19 3.86 -1.98 -13.88
N VAL A 20 3.64 -1.32 -12.75
CA VAL A 20 4.72 -0.66 -12.04
C VAL A 20 4.69 -1.06 -10.57
N ALA A 21 5.76 -0.72 -9.86
CA ALA A 21 5.85 -1.04 -8.45
C ALA A 21 5.07 0.00 -7.64
N LEU A 22 4.41 -0.49 -6.59
CA LEU A 22 3.62 0.38 -5.72
C LEU A 22 4.51 1.52 -5.21
N ASN A 23 5.81 1.28 -5.27
CA ASN A 23 6.77 2.28 -4.82
C ASN A 23 7.22 3.13 -6.01
N GLN A 24 6.33 3.24 -6.99
CA GLN A 24 6.63 4.01 -8.18
C GLN A 24 5.57 5.09 -8.39
N ILE A 25 4.32 4.66 -8.43
CA ILE A 25 3.21 5.58 -8.62
C ILE A 25 2.99 6.37 -7.33
N GLY A 26 3.33 5.73 -6.22
CA GLY A 26 3.17 6.36 -4.92
C GLY A 26 4.37 6.07 -4.02
N GLN A 27 4.69 7.04 -3.18
CA GLN A 27 5.82 6.91 -2.27
C GLN A 27 5.35 6.35 -0.93
N ILE A 28 5.78 5.12 -0.66
CA ILE A 28 5.42 4.45 0.58
C ILE A 28 6.29 4.99 1.72
N SER A 29 5.64 5.38 2.80
CA SER A 29 6.34 5.91 3.95
C SER A 29 5.60 5.53 5.23
N MET A 30 6.12 4.52 5.92
CA MET A 30 5.52 4.05 7.15
C MET A 30 5.68 5.10 8.26
N LYS A 31 4.74 6.02 8.31
CA LYS A 31 4.76 7.07 9.31
C LYS A 31 3.97 6.61 10.54
N SER A 32 2.91 5.86 10.28
CA SER A 32 2.06 5.36 11.34
C SER A 32 2.62 4.03 11.86
N PRO A 33 1.94 3.50 12.92
CA PRO A 33 2.36 2.24 13.51
C PRO A 33 1.96 1.06 12.62
N GLN A 34 0.68 1.01 12.30
CA GLN A 34 0.16 -0.06 11.47
C GLN A 34 -0.68 0.52 10.33
N VAL A 35 -0.18 1.61 9.76
CA VAL A 35 -0.86 2.26 8.66
C VAL A 35 0.16 2.89 7.72
N ILE A 36 0.25 2.34 6.53
CA ILE A 36 1.19 2.83 5.53
C ILE A 36 0.57 4.03 4.82
N LEU A 37 1.44 4.96 4.42
CA LEU A 37 0.99 6.16 3.73
C LEU A 37 1.71 6.25 2.38
N VAL A 38 0.92 6.22 1.32
CA VAL A 38 1.46 6.30 -0.03
C VAL A 38 1.01 7.62 -0.67
N ASN A 39 1.97 8.49 -0.88
CA ASN A 39 1.69 9.78 -1.49
C ASN A 39 1.60 9.61 -3.01
N MET A 40 0.41 9.89 -3.52
CA MET A 40 0.17 9.79 -4.95
C MET A 40 0.01 11.17 -5.60
N ALA A 41 0.78 12.12 -5.08
CA ALA A 41 0.72 13.48 -5.60
C ALA A 41 1.24 13.50 -7.03
N SER A 42 2.19 12.60 -7.30
CA SER A 42 2.77 12.51 -8.62
C SER A 42 1.97 11.54 -9.48
N PHE A 43 0.94 10.96 -8.88
CA PHE A 43 0.08 10.02 -9.57
C PHE A 43 -1.31 9.96 -8.92
N PRO A 44 -2.01 11.12 -8.97
CA PRO A 44 -3.34 11.21 -8.39
C PRO A 44 -4.38 10.51 -9.29
N GLU A 45 -3.99 10.30 -10.53
CA GLU A 45 -4.86 9.65 -11.50
C GLU A 45 -4.62 8.13 -11.48
N CYS A 46 -3.70 7.72 -10.61
CA CYS A 46 -3.37 6.31 -10.50
C CYS A 46 -3.59 5.89 -9.04
N THR A 47 -4.30 6.73 -8.31
CA THR A 47 -4.57 6.46 -6.91
C THR A 47 -5.33 5.14 -6.76
N ALA A 48 -6.46 5.06 -7.45
CA ALA A 48 -7.28 3.88 -7.40
C ALA A 48 -6.44 2.66 -7.79
N ALA A 49 -5.74 2.81 -8.91
CA ALA A 49 -4.89 1.72 -9.39
C ALA A 49 -4.19 1.06 -8.21
N ALA A 50 -3.45 1.85 -7.46
CA ALA A 50 -2.74 1.35 -6.31
C ALA A 50 -3.69 0.51 -5.44
N ILE A 51 -4.71 1.18 -4.93
CA ILE A 51 -5.70 0.52 -4.10
C ILE A 51 -6.02 -0.85 -4.71
N LYS A 52 -6.60 -0.82 -5.90
CA LYS A 52 -6.97 -2.03 -6.59
C LYS A 52 -5.87 -3.08 -6.39
N ALA A 53 -4.72 -2.80 -6.98
CA ALA A 53 -3.59 -3.71 -6.88
C ALA A 53 -3.61 -4.39 -5.51
N ILE A 54 -3.54 -3.56 -4.48
CA ILE A 54 -3.54 -4.06 -3.11
C ILE A 54 -4.68 -5.07 -2.95
N ARG A 55 -5.87 -4.63 -3.33
CA ARG A 55 -7.05 -5.48 -3.24
C ARG A 55 -6.83 -6.79 -4.00
N GLU A 56 -6.28 -6.65 -5.20
CA GLU A 56 -6.01 -7.81 -6.04
C GLU A 56 -5.05 -8.76 -5.32
N SER A 57 -4.19 -8.18 -4.50
CA SER A 57 -3.22 -8.98 -3.76
C SER A 57 -3.94 -10.05 -2.95
N GLY A 58 -3.20 -11.12 -2.67
CA GLY A 58 -3.75 -12.22 -1.90
C GLY A 58 -3.63 -11.97 -0.40
N MET A 59 -3.97 -10.75 -0.02
CA MET A 59 -3.91 -10.36 1.39
C MET A 59 -5.29 -10.00 1.92
N ASN A 60 -6.23 -9.83 0.98
CA ASN A 60 -7.58 -9.48 1.34
C ASN A 60 -7.57 -8.35 2.38
N LEU A 61 -7.00 -7.23 1.96
CA LEU A 61 -6.90 -6.07 2.83
C LEU A 61 -7.86 -4.98 2.33
N ASN A 62 -8.11 -4.01 3.20
CA ASN A 62 -9.00 -2.92 2.86
C ASN A 62 -8.21 -1.61 2.85
N PRO A 63 -7.66 -1.27 1.67
CA PRO A 63 -6.88 -0.05 1.51
C PRO A 63 -7.79 1.18 1.48
N GLU A 64 -7.25 2.28 1.99
CA GLU A 64 -8.01 3.52 2.04
C GLU A 64 -7.44 4.52 1.00
N VAL A 65 -8.10 5.65 0.91
CA VAL A 65 -7.69 6.68 -0.03
C VAL A 65 -8.22 8.03 0.44
N GLU A 66 -7.29 8.93 0.75
CA GLU A 66 -7.65 10.26 1.21
C GLU A 66 -6.95 11.32 0.36
N GLY A 67 -7.72 11.94 -0.52
CA GLY A 67 -7.18 12.97 -1.39
C GLY A 67 -6.18 12.38 -2.39
N THR A 68 -4.95 12.24 -1.93
CA THR A 68 -3.90 11.69 -2.77
C THR A 68 -3.01 10.74 -1.96
N LEU A 69 -3.50 10.40 -0.78
CA LEU A 69 -2.76 9.49 0.10
C LEU A 69 -3.50 8.16 0.19
N ILE A 70 -2.74 7.12 0.47
CA ILE A 70 -3.31 5.79 0.59
C ILE A 70 -3.03 5.24 1.99
N ARG A 71 -4.10 5.07 2.76
CA ARG A 71 -3.98 4.56 4.10
C ARG A 71 -4.30 3.06 4.14
N VAL A 72 -3.28 2.27 4.47
CA VAL A 72 -3.43 0.83 4.54
C VAL A 72 -3.15 0.36 5.97
N PRO A 73 -4.24 0.07 6.71
CA PRO A 73 -4.11 -0.39 8.09
C PRO A 73 -3.66 -1.85 8.13
N ILE A 74 -2.66 -2.10 8.97
CA ILE A 74 -2.13 -3.44 9.11
C ILE A 74 -2.99 -4.22 10.09
N PRO A 75 -3.22 -5.52 9.76
CA PRO A 75 -4.02 -6.38 10.60
C PRO A 75 -3.25 -6.80 11.86
N LYS A 76 -3.98 -6.93 12.95
CA LYS A 76 -3.39 -7.32 14.22
C LYS A 76 -3.05 -8.81 14.18
N VAL A 77 -4.09 -9.62 14.06
CA VAL A 77 -3.92 -11.06 14.00
C VAL A 77 -2.94 -11.49 15.10
N THR A 78 -2.54 -12.75 15.02
CA THR A 78 -1.61 -13.30 15.99
C THR A 78 -2.15 -13.14 17.41
N SER A 79 -3.13 -13.97 17.73
CA SER A 79 -3.75 -13.93 19.04
C SER A 79 -2.86 -14.65 20.06
N GLY A 80 -2.54 -15.90 19.73
CA GLY A 80 -1.71 -16.70 20.60
C GLY A 80 -0.42 -15.98 20.96
N PRO A 81 0.27 -16.50 22.02
CA PRO A 81 1.51 -15.90 22.47
C PRO A 81 2.66 -16.23 21.52
N SER A 82 3.51 -15.25 21.30
CA SER A 82 4.65 -15.44 20.41
C SER A 82 5.84 -16.01 21.19
N SER A 83 6.18 -17.25 20.87
CA SER A 83 7.29 -17.92 21.54
C SER A 83 7.92 -18.93 20.58
N GLY A 84 7.09 -19.86 20.13
CA GLY A 84 7.56 -20.90 19.22
C GLY A 84 7.09 -20.63 17.79
N GLY A 1 8.24 -14.59 16.76
CA GLY A 1 8.75 -14.24 15.45
C GLY A 1 7.61 -14.04 14.45
N SER A 2 6.76 -13.07 14.77
CA SER A 2 5.62 -12.76 13.91
C SER A 2 5.75 -11.33 13.37
N SER A 3 6.46 -11.21 12.26
CA SER A 3 6.66 -9.92 11.63
C SER A 3 5.55 -9.64 10.62
N GLY A 4 5.22 -8.38 10.47
CA GLY A 4 4.19 -7.97 9.54
C GLY A 4 4.69 -6.90 8.58
N SER A 5 5.52 -7.33 7.63
CA SER A 5 6.08 -6.41 6.66
C SER A 5 4.97 -5.86 5.76
N SER A 6 5.11 -4.59 5.41
CA SER A 6 4.12 -3.94 4.56
C SER A 6 3.75 -4.85 3.40
N GLY A 7 4.74 -5.17 2.59
CA GLY A 7 4.53 -6.03 1.44
C GLY A 7 3.77 -5.31 0.33
N LEU A 8 4.17 -4.07 0.10
CA LEU A 8 3.53 -3.25 -0.92
C LEU A 8 4.59 -2.73 -1.89
N ASP A 9 5.69 -2.26 -1.32
CA ASP A 9 6.78 -1.74 -2.13
C ASP A 9 7.11 -2.72 -3.24
N HIS A 10 6.82 -3.98 -2.98
CA HIS A 10 7.06 -5.04 -3.96
C HIS A 10 5.85 -5.18 -4.88
N ILE A 11 4.69 -4.96 -4.30
CA ILE A 11 3.44 -5.07 -5.05
C ILE A 11 3.55 -4.23 -6.32
N THR A 12 2.82 -4.66 -7.34
CA THR A 12 2.83 -3.95 -8.61
C THR A 12 1.43 -3.39 -8.92
N VAL A 13 1.42 -2.16 -9.40
CA VAL A 13 0.17 -1.50 -9.74
C VAL A 13 0.05 -1.39 -11.26
N VAL A 14 -1.12 -1.76 -11.76
CA VAL A 14 -1.37 -1.70 -13.19
C VAL A 14 -1.55 -0.25 -13.62
N THR A 15 -0.90 0.09 -14.72
CA THR A 15 -0.98 1.45 -15.24
C THR A 15 -1.24 1.43 -16.75
N ALA A 16 -1.51 2.60 -17.29
CA ALA A 16 -1.78 2.73 -18.72
C ALA A 16 -0.46 2.72 -19.49
N ASP A 17 0.18 1.57 -19.48
CA ASP A 17 1.45 1.42 -20.18
C ASP A 17 2.08 0.08 -19.79
N GLY A 18 1.84 -0.32 -18.55
CA GLY A 18 2.38 -1.57 -18.05
C GLY A 18 2.12 -1.71 -16.55
N LYS A 19 3.06 -2.38 -15.89
CA LYS A 19 2.96 -2.60 -14.46
C LYS A 19 4.15 -1.93 -13.76
N VAL A 20 3.84 -1.20 -12.70
CA VAL A 20 4.86 -0.51 -11.93
C VAL A 20 4.74 -0.88 -10.46
N ALA A 21 5.80 -0.60 -9.72
CA ALA A 21 5.83 -0.90 -8.29
C ALA A 21 5.01 0.14 -7.55
N LEU A 22 4.50 -0.27 -6.40
CA LEU A 22 3.70 0.62 -5.56
C LEU A 22 4.57 1.77 -5.06
N ASN A 23 5.88 1.59 -5.24
CA ASN A 23 6.83 2.60 -4.81
C ASN A 23 7.26 3.44 -6.02
N GLN A 24 6.38 3.49 -7.01
CA GLN A 24 6.65 4.24 -8.22
C GLN A 24 5.56 5.30 -8.44
N ILE A 25 4.32 4.82 -8.46
CA ILE A 25 3.18 5.69 -8.66
C ILE A 25 2.94 6.50 -7.39
N GLY A 26 3.30 5.90 -6.26
CA GLY A 26 3.13 6.56 -4.98
C GLY A 26 4.35 6.35 -4.09
N GLN A 27 4.52 7.26 -3.14
CA GLN A 27 5.64 7.19 -2.22
C GLN A 27 5.21 6.51 -0.91
N ILE A 28 5.73 5.32 -0.70
CA ILE A 28 5.41 4.56 0.49
C ILE A 28 6.25 5.09 1.67
N SER A 29 5.54 5.45 2.73
CA SER A 29 6.19 5.97 3.91
C SER A 29 5.46 5.50 5.17
N MET A 30 6.06 4.55 5.85
CA MET A 30 5.47 4.01 7.07
C MET A 30 5.65 4.98 8.24
N LYS A 31 4.72 5.92 8.34
CA LYS A 31 4.76 6.91 9.39
C LYS A 31 4.00 6.37 10.61
N SER A 32 3.01 5.55 10.33
CA SER A 32 2.20 4.96 11.39
C SER A 32 2.78 3.62 11.82
N PRO A 33 2.16 3.02 12.87
CA PRO A 33 2.61 1.75 13.38
C PRO A 33 2.20 0.60 12.45
N GLN A 34 0.91 0.56 12.15
CA GLN A 34 0.38 -0.47 11.28
C GLN A 34 -0.52 0.16 10.20
N VAL A 35 -0.02 1.23 9.62
CA VAL A 35 -0.77 1.93 8.58
C VAL A 35 0.21 2.56 7.59
N ILE A 36 0.29 1.94 6.42
CA ILE A 36 1.19 2.43 5.39
C ILE A 36 0.54 3.61 4.67
N LEU A 37 1.37 4.59 4.34
CA LEU A 37 0.88 5.77 3.65
C LEU A 37 1.63 5.92 2.32
N VAL A 38 0.86 5.86 1.24
CA VAL A 38 1.43 6.00 -0.09
C VAL A 38 0.94 7.30 -0.72
N ASN A 39 1.84 8.27 -0.77
CA ASN A 39 1.51 9.57 -1.34
C ASN A 39 1.48 9.45 -2.87
N MET A 40 0.33 9.76 -3.43
CA MET A 40 0.15 9.70 -4.87
C MET A 40 0.09 11.10 -5.48
N ALA A 41 0.76 12.04 -4.82
CA ALA A 41 0.78 13.40 -5.29
C ALA A 41 1.38 13.46 -6.70
N SER A 42 2.05 12.37 -7.06
CA SER A 42 2.67 12.27 -8.37
C SER A 42 1.71 11.61 -9.36
N PHE A 43 0.99 10.62 -8.86
CA PHE A 43 0.04 9.91 -9.70
C PHE A 43 -1.35 9.90 -9.05
N PRO A 44 -2.00 11.09 -9.06
CA PRO A 44 -3.33 11.23 -8.48
C PRO A 44 -4.38 10.60 -9.38
N GLU A 45 -3.94 10.17 -10.55
CA GLU A 45 -4.84 9.55 -11.51
C GLU A 45 -4.77 8.02 -11.41
N CYS A 46 -3.68 7.55 -10.82
CA CYS A 46 -3.48 6.13 -10.65
C CYS A 46 -3.68 5.79 -9.17
N THR A 47 -4.36 6.69 -8.47
CA THR A 47 -4.63 6.50 -7.06
C THR A 47 -5.42 5.21 -6.84
N ALA A 48 -6.52 5.10 -7.55
CA ALA A 48 -7.37 3.93 -7.44
C ALA A 48 -6.57 2.67 -7.82
N ALA A 49 -5.87 2.79 -8.94
CA ALA A 49 -5.06 1.69 -9.42
C ALA A 49 -4.36 1.01 -8.24
N ALA A 50 -3.62 1.83 -7.51
CA ALA A 50 -2.89 1.32 -6.35
C ALA A 50 -3.85 0.56 -5.45
N ILE A 51 -4.82 1.28 -4.91
CA ILE A 51 -5.81 0.68 -4.03
C ILE A 51 -6.21 -0.69 -4.58
N LYS A 52 -6.29 -0.76 -5.90
CA LYS A 52 -6.65 -2.00 -6.57
C LYS A 52 -5.59 -3.06 -6.29
N ALA A 53 -4.41 -2.83 -6.84
CA ALA A 53 -3.30 -3.75 -6.65
C ALA A 53 -3.43 -4.43 -5.29
N ILE A 54 -3.52 -3.61 -4.25
CA ILE A 54 -3.65 -4.11 -2.89
C ILE A 54 -4.77 -5.15 -2.85
N ARG A 55 -5.97 -4.70 -3.18
CA ARG A 55 -7.12 -5.59 -3.18
C ARG A 55 -6.88 -6.77 -4.11
N GLU A 56 -6.08 -6.54 -5.14
CA GLU A 56 -5.76 -7.57 -6.10
C GLU A 56 -4.37 -8.15 -5.81
N SER A 57 -3.95 -8.02 -4.56
CA SER A 57 -2.66 -8.53 -4.14
C SER A 57 -2.84 -9.68 -3.15
N GLY A 58 -3.73 -10.59 -3.51
CA GLY A 58 -4.00 -11.74 -2.65
C GLY A 58 -3.97 -11.35 -1.18
N MET A 59 -4.53 -10.18 -0.90
CA MET A 59 -4.58 -9.67 0.47
C MET A 59 -5.95 -9.07 0.78
N ASN A 60 -6.70 -9.81 1.58
CA ASN A 60 -8.03 -9.37 1.98
C ASN A 60 -7.91 -8.16 2.90
N LEU A 61 -7.40 -7.08 2.35
CA LEU A 61 -7.22 -5.85 3.11
C LEU A 61 -8.18 -4.78 2.58
N ASN A 62 -8.36 -3.74 3.38
CA ASN A 62 -9.24 -2.65 3.00
C ASN A 62 -8.46 -1.34 3.04
N PRO A 63 -7.81 -1.03 1.89
CA PRO A 63 -7.02 0.19 1.78
C PRO A 63 -7.93 1.41 1.63
N GLU A 64 -7.46 2.53 2.18
CA GLU A 64 -8.22 3.76 2.12
C GLU A 64 -7.59 4.72 1.11
N VAL A 65 -8.23 5.87 0.94
CA VAL A 65 -7.75 6.87 0.02
C VAL A 65 -8.26 8.25 0.45
N GLU A 66 -7.31 9.12 0.78
CA GLU A 66 -7.66 10.46 1.21
C GLU A 66 -6.88 11.50 0.39
N GLY A 67 -7.59 12.13 -0.53
CA GLY A 67 -6.97 13.13 -1.39
C GLY A 67 -5.96 12.50 -2.34
N THR A 68 -4.75 12.36 -1.84
CA THR A 68 -3.68 11.77 -2.64
C THR A 68 -2.87 10.77 -1.79
N LEU A 69 -3.41 10.48 -0.61
CA LEU A 69 -2.76 9.54 0.29
C LEU A 69 -3.52 8.21 0.28
N ILE A 70 -2.80 7.15 0.58
CA ILE A 70 -3.40 5.83 0.62
C ILE A 70 -3.09 5.17 1.96
N ARG A 71 -4.15 4.84 2.69
CA ARG A 71 -4.00 4.20 3.99
C ARG A 71 -4.15 2.69 3.85
N VAL A 72 -3.18 1.98 4.42
CA VAL A 72 -3.19 0.53 4.36
C VAL A 72 -2.87 -0.02 5.76
N PRO A 73 -3.95 -0.41 6.49
CA PRO A 73 -3.80 -0.95 7.82
C PRO A 73 -3.29 -2.39 7.77
N ILE A 74 -2.31 -2.66 8.63
CA ILE A 74 -1.72 -3.99 8.70
C ILE A 74 -2.64 -4.91 9.51
N PRO A 75 -2.77 -6.17 9.02
CA PRO A 75 -3.61 -7.16 9.69
C PRO A 75 -2.94 -7.66 10.96
N LYS A 76 -3.76 -8.24 11.83
CA LYS A 76 -3.26 -8.78 13.09
C LYS A 76 -2.39 -10.01 12.81
N VAL A 77 -1.50 -10.29 13.74
CA VAL A 77 -0.61 -11.43 13.61
C VAL A 77 -1.16 -12.60 14.45
N THR A 78 -0.93 -13.80 13.94
CA THR A 78 -1.39 -15.00 14.63
C THR A 78 -0.71 -15.12 15.99
N SER A 79 0.61 -15.18 15.95
CA SER A 79 1.39 -15.30 17.17
C SER A 79 2.11 -13.98 17.47
N GLY A 80 2.27 -13.71 18.76
CA GLY A 80 2.93 -12.49 19.19
C GLY A 80 2.59 -12.16 20.64
N PRO A 81 3.57 -12.45 21.54
CA PRO A 81 3.38 -12.20 22.96
C PRO A 81 3.51 -10.71 23.26
N SER A 82 3.30 -10.38 24.53
CA SER A 82 3.38 -9.00 24.97
C SER A 82 2.42 -8.13 24.15
N SER A 83 1.14 -8.26 24.44
CA SER A 83 0.12 -7.49 23.74
C SER A 83 -1.23 -7.67 24.43
N GLY A 84 -1.65 -8.92 24.54
CA GLY A 84 -2.92 -9.24 25.18
C GLY A 84 -4.09 -8.77 24.32
N GLY A 1 15.91 -14.65 -2.36
CA GLY A 1 14.47 -14.55 -2.44
C GLY A 1 13.88 -14.14 -1.08
N SER A 2 12.87 -13.28 -1.15
CA SER A 2 12.21 -12.81 0.06
C SER A 2 10.99 -11.98 -0.32
N SER A 3 9.95 -12.08 0.52
CA SER A 3 8.73 -11.35 0.29
C SER A 3 7.93 -11.25 1.60
N GLY A 4 8.07 -10.10 2.25
CA GLY A 4 7.37 -9.87 3.50
C GLY A 4 7.45 -8.40 3.90
N SER A 5 7.25 -8.16 5.19
CA SER A 5 7.29 -6.80 5.71
C SER A 5 6.50 -5.86 4.79
N SER A 6 5.23 -5.67 5.14
CA SER A 6 4.37 -4.81 4.35
C SER A 6 4.51 -5.14 2.86
N GLY A 7 3.95 -6.29 2.50
CA GLY A 7 3.99 -6.73 1.12
C GLY A 7 3.24 -5.75 0.20
N LEU A 8 3.89 -4.64 -0.08
CA LEU A 8 3.30 -3.62 -0.94
C LEU A 8 4.37 -3.05 -1.86
N ASP A 9 5.47 -2.64 -1.25
CA ASP A 9 6.58 -2.07 -2.01
C ASP A 9 6.89 -2.98 -3.20
N HIS A 10 6.59 -4.26 -3.03
CA HIS A 10 6.84 -5.23 -4.07
C HIS A 10 5.62 -5.31 -4.99
N ILE A 11 4.45 -5.19 -4.38
CA ILE A 11 3.20 -5.25 -5.12
C ILE A 11 3.33 -4.39 -6.39
N THR A 12 2.64 -4.83 -7.43
CA THR A 12 2.66 -4.11 -8.70
C THR A 12 1.29 -3.50 -8.99
N VAL A 13 1.32 -2.29 -9.54
CA VAL A 13 0.09 -1.58 -9.87
C VAL A 13 -0.01 -1.42 -11.39
N VAL A 14 -1.19 -1.69 -11.90
CA VAL A 14 -1.43 -1.58 -13.33
C VAL A 14 -1.71 -0.11 -13.68
N THR A 15 -0.82 0.45 -14.48
CA THR A 15 -0.96 1.83 -14.90
C THR A 15 -1.27 1.91 -16.40
N ALA A 16 -1.61 3.11 -16.83
CA ALA A 16 -1.93 3.33 -18.24
C ALA A 16 -0.63 3.42 -19.04
N ASP A 17 0.01 2.27 -19.21
CA ASP A 17 1.25 2.21 -19.95
C ASP A 17 1.91 0.85 -19.73
N GLY A 18 1.72 0.32 -18.54
CA GLY A 18 2.28 -0.97 -18.19
C GLY A 18 2.10 -1.26 -16.70
N LYS A 19 3.12 -1.88 -16.12
CA LYS A 19 3.08 -2.22 -14.71
C LYS A 19 4.25 -1.56 -13.99
N VAL A 20 4.01 -1.17 -12.75
CA VAL A 20 5.03 -0.52 -11.95
C VAL A 20 4.88 -0.95 -10.49
N ALA A 21 5.92 -0.67 -9.72
CA ALA A 21 5.92 -1.02 -8.31
C ALA A 21 5.10 0.01 -7.53
N LEU A 22 4.47 -0.48 -6.47
CA LEU A 22 3.65 0.39 -5.64
C LEU A 22 4.51 1.50 -5.05
N ASN A 23 5.81 1.29 -5.13
CA ASN A 23 6.76 2.26 -4.61
C ASN A 23 7.27 3.13 -5.76
N GLN A 24 6.42 3.29 -6.76
CA GLN A 24 6.77 4.09 -7.93
C GLN A 24 5.71 5.16 -8.18
N ILE A 25 4.47 4.70 -8.29
CA ILE A 25 3.35 5.60 -8.53
C ILE A 25 3.06 6.40 -7.26
N GLY A 26 3.37 5.77 -6.13
CA GLY A 26 3.14 6.42 -4.85
C GLY A 26 4.35 6.23 -3.93
N GLN A 27 4.60 7.25 -3.11
CA GLN A 27 5.72 7.20 -2.18
C GLN A 27 5.29 6.56 -0.87
N ILE A 28 5.82 5.37 -0.62
CA ILE A 28 5.50 4.65 0.59
C ILE A 28 6.33 5.21 1.75
N SER A 29 5.63 5.58 2.81
CA SER A 29 6.27 6.13 3.98
C SER A 29 5.49 5.75 5.24
N MET A 30 6.05 4.80 5.98
CA MET A 30 5.43 4.34 7.20
C MET A 30 5.56 5.37 8.32
N LYS A 31 4.63 6.32 8.32
CA LYS A 31 4.63 7.37 9.33
C LYS A 31 3.83 6.91 10.54
N SER A 32 2.84 6.06 10.27
CA SER A 32 1.99 5.55 11.33
C SER A 32 2.60 4.28 11.92
N PRO A 33 1.92 3.75 12.97
CA PRO A 33 2.37 2.54 13.63
C PRO A 33 2.10 1.30 12.78
N GLN A 34 0.84 1.13 12.43
CA GLN A 34 0.43 0.00 11.62
C GLN A 34 -0.38 0.48 10.40
N VAL A 35 0.12 1.54 9.79
CA VAL A 35 -0.55 2.10 8.62
C VAL A 35 0.50 2.72 7.70
N ILE A 36 0.56 2.18 6.48
CA ILE A 36 1.51 2.67 5.50
C ILE A 36 0.84 3.73 4.63
N LEU A 37 1.50 4.88 4.55
CA LEU A 37 0.97 5.99 3.77
C LEU A 37 1.69 6.03 2.42
N VAL A 38 0.90 6.12 1.36
CA VAL A 38 1.44 6.17 0.02
C VAL A 38 0.94 7.43 -0.69
N ASN A 39 1.83 8.42 -0.75
CA ASN A 39 1.49 9.69 -1.39
C ASN A 39 1.48 9.50 -2.91
N MET A 40 0.33 9.78 -3.50
CA MET A 40 0.17 9.65 -4.94
C MET A 40 0.09 11.02 -5.61
N ALA A 41 0.87 11.96 -5.08
CA ALA A 41 0.89 13.31 -5.61
C ALA A 41 1.51 13.29 -7.01
N SER A 42 2.23 12.20 -7.29
CA SER A 42 2.87 12.05 -8.58
C SER A 42 1.99 11.22 -9.52
N PHE A 43 1.04 10.53 -8.91
CA PHE A 43 0.12 9.70 -9.68
C PHE A 43 -1.27 9.68 -9.03
N PRO A 44 -1.94 10.86 -9.07
CA PRO A 44 -3.27 10.97 -8.49
C PRO A 44 -4.32 10.30 -9.38
N GLU A 45 -3.92 10.03 -10.62
CA GLU A 45 -4.82 9.39 -11.57
C GLU A 45 -4.69 7.87 -11.47
N CYS A 46 -3.61 7.44 -10.82
CA CYS A 46 -3.36 6.02 -10.66
C CYS A 46 -3.60 5.66 -9.18
N THR A 47 -4.25 6.57 -8.48
CA THR A 47 -4.54 6.36 -7.07
C THR A 47 -5.33 5.06 -6.87
N ALA A 48 -6.48 5.01 -7.51
CA ALA A 48 -7.34 3.84 -7.41
C ALA A 48 -6.55 2.60 -7.82
N ALA A 49 -5.89 2.71 -8.97
CA ALA A 49 -5.09 1.61 -9.48
C ALA A 49 -4.35 0.93 -8.32
N ALA A 50 -3.57 1.74 -7.61
CA ALA A 50 -2.82 1.23 -6.48
C ALA A 50 -3.74 0.45 -5.55
N ILE A 51 -4.72 1.15 -5.00
CA ILE A 51 -5.67 0.55 -4.09
C ILE A 51 -6.08 -0.82 -4.63
N LYS A 52 -6.42 -0.83 -5.92
CA LYS A 52 -6.82 -2.08 -6.57
C LYS A 52 -5.75 -3.14 -6.33
N ALA A 53 -4.59 -2.91 -6.91
CA ALA A 53 -3.49 -3.85 -6.77
C ALA A 53 -3.58 -4.53 -5.40
N ILE A 54 -3.57 -3.71 -4.36
CA ILE A 54 -3.66 -4.24 -3.00
C ILE A 54 -4.78 -5.26 -2.92
N ARG A 55 -6.00 -4.77 -3.10
CA ARG A 55 -7.17 -5.63 -3.05
C ARG A 55 -7.05 -6.74 -4.09
N GLU A 56 -6.15 -6.54 -5.04
CA GLU A 56 -5.94 -7.52 -6.09
C GLU A 56 -4.56 -8.17 -5.93
N SER A 57 -4.07 -8.15 -4.70
CA SER A 57 -2.78 -8.73 -4.39
C SER A 57 -2.93 -9.88 -3.39
N GLY A 58 -3.73 -10.85 -3.78
CA GLY A 58 -3.99 -12.00 -2.92
C GLY A 58 -4.06 -11.59 -1.45
N MET A 59 -4.63 -10.41 -1.24
CA MET A 59 -4.77 -9.89 0.12
C MET A 59 -6.16 -9.27 0.32
N ASN A 60 -6.87 -9.79 1.32
CA ASN A 60 -8.20 -9.29 1.63
C ASN A 60 -8.09 -8.11 2.59
N LEU A 61 -7.16 -7.21 2.28
CA LEU A 61 -6.95 -6.04 3.11
C LEU A 61 -7.89 -4.93 2.66
N ASN A 62 -8.08 -3.96 3.55
CA ASN A 62 -8.95 -2.84 3.27
C ASN A 62 -8.13 -1.54 3.24
N PRO A 63 -7.57 -1.24 2.02
CA PRO A 63 -6.77 -0.05 1.85
C PRO A 63 -7.65 1.20 1.80
N GLU A 64 -7.11 2.28 2.35
CA GLU A 64 -7.83 3.55 2.37
C GLU A 64 -7.25 4.50 1.32
N VAL A 65 -7.94 5.62 1.14
CA VAL A 65 -7.51 6.62 0.18
C VAL A 65 -8.11 7.98 0.56
N GLU A 66 -7.21 8.92 0.83
CA GLU A 66 -7.64 10.26 1.21
C GLU A 66 -6.96 11.30 0.31
N GLY A 67 -7.75 11.84 -0.61
CA GLY A 67 -7.25 12.84 -1.54
C GLY A 67 -6.22 12.23 -2.50
N THR A 68 -4.98 12.18 -2.03
CA THR A 68 -3.90 11.63 -2.83
C THR A 68 -3.04 10.69 -1.99
N LEU A 69 -3.52 10.42 -0.79
CA LEU A 69 -2.81 9.53 0.12
C LEU A 69 -3.56 8.20 0.23
N ILE A 70 -2.82 7.15 0.54
CA ILE A 70 -3.40 5.83 0.68
C ILE A 70 -3.02 5.26 2.04
N ARG A 71 -4.05 4.93 2.82
CA ARG A 71 -3.85 4.37 4.14
C ARG A 71 -4.00 2.85 4.11
N VAL A 72 -2.91 2.16 4.42
CA VAL A 72 -2.92 0.71 4.43
C VAL A 72 -2.61 0.22 5.84
N PRO A 73 -3.70 -0.14 6.58
CA PRO A 73 -3.55 -0.63 7.94
C PRO A 73 -3.03 -2.07 7.94
N ILE A 74 -2.08 -2.32 8.83
CA ILE A 74 -1.49 -3.64 8.96
C ILE A 74 -2.45 -4.55 9.74
N PRO A 75 -2.55 -5.81 9.27
CA PRO A 75 -3.42 -6.79 9.91
C PRO A 75 -2.81 -7.29 11.21
N LYS A 76 -3.68 -7.52 12.19
CA LYS A 76 -3.24 -8.00 13.49
C LYS A 76 -3.40 -9.52 13.55
N VAL A 77 -3.14 -10.06 14.73
CA VAL A 77 -3.27 -11.49 14.94
C VAL A 77 -2.90 -12.23 13.63
N THR A 78 -1.62 -12.49 13.48
CA THR A 78 -1.13 -13.17 12.30
C THR A 78 -1.36 -12.32 11.05
N SER A 79 -0.49 -12.51 10.07
CA SER A 79 -0.58 -11.76 8.83
C SER A 79 -0.14 -10.32 9.05
N GLY A 80 1.00 -9.99 8.46
CA GLY A 80 1.55 -8.64 8.58
C GLY A 80 2.96 -8.68 9.16
N PRO A 81 3.02 -8.70 10.51
CA PRO A 81 4.30 -8.74 11.20
C PRO A 81 4.93 -10.13 11.13
N SER A 82 6.22 -10.17 11.42
CA SER A 82 6.95 -11.43 11.38
C SER A 82 8.28 -11.29 12.11
N SER A 83 9.15 -10.46 11.55
CA SER A 83 10.46 -10.22 12.14
C SER A 83 10.32 -9.37 13.39
N GLY A 84 11.28 -9.53 14.29
CA GLY A 84 11.28 -8.79 15.53
C GLY A 84 10.76 -9.65 16.68
N GLY A 1 16.33 -7.43 1.69
CA GLY A 1 15.01 -6.93 1.38
C GLY A 1 14.03 -8.08 1.13
N SER A 2 13.42 -8.53 2.22
CA SER A 2 12.45 -9.63 2.13
C SER A 2 11.48 -9.55 3.30
N SER A 3 12.04 -9.60 4.50
CA SER A 3 11.24 -9.54 5.71
C SER A 3 10.58 -8.17 5.84
N GLY A 4 9.67 -8.06 6.80
CA GLY A 4 8.97 -6.81 7.03
C GLY A 4 7.46 -7.03 7.01
N SER A 5 6.76 -6.25 7.83
CA SER A 5 5.32 -6.34 7.91
C SER A 5 4.68 -5.76 6.65
N SER A 6 5.01 -4.51 6.37
CA SER A 6 4.49 -3.84 5.20
C SER A 6 4.97 -4.54 3.93
N GLY A 7 4.01 -4.89 3.09
CA GLY A 7 4.31 -5.58 1.84
C GLY A 7 3.56 -4.94 0.67
N LEU A 8 3.92 -3.70 0.38
CA LEU A 8 3.29 -2.98 -0.71
C LEU A 8 4.36 -2.50 -1.70
N ASP A 9 5.44 -1.97 -1.15
CA ASP A 9 6.53 -1.48 -1.96
C ASP A 9 6.88 -2.53 -3.02
N HIS A 10 6.63 -3.78 -2.66
CA HIS A 10 6.91 -4.88 -3.58
C HIS A 10 5.74 -5.07 -4.53
N ILE A 11 4.54 -4.87 -3.99
CA ILE A 11 3.33 -5.02 -4.78
C ILE A 11 3.46 -4.19 -6.07
N THR A 12 2.74 -4.63 -7.08
CA THR A 12 2.76 -3.95 -8.36
C THR A 12 1.39 -3.34 -8.68
N VAL A 13 1.43 -2.17 -9.28
CA VAL A 13 0.20 -1.47 -9.64
C VAL A 13 0.05 -1.44 -11.15
N VAL A 14 -1.07 -1.95 -11.63
CA VAL A 14 -1.34 -1.98 -13.05
C VAL A 14 -1.64 -0.56 -13.54
N THR A 15 -0.76 -0.07 -14.40
CA THR A 15 -0.92 1.27 -14.95
C THR A 15 -1.41 1.20 -16.40
N ALA A 16 -1.85 2.34 -16.90
CA ALA A 16 -2.34 2.42 -18.26
C ALA A 16 -1.16 2.43 -19.23
N ASP A 17 -0.35 1.39 -19.13
CA ASP A 17 0.82 1.26 -19.99
C ASP A 17 1.59 -0.01 -19.63
N GLY A 18 1.61 -0.30 -18.33
CA GLY A 18 2.29 -1.48 -17.84
C GLY A 18 2.13 -1.63 -16.33
N LYS A 19 3.08 -2.32 -15.72
CA LYS A 19 3.06 -2.53 -14.28
C LYS A 19 4.26 -1.82 -13.65
N VAL A 20 4.01 -1.24 -12.48
CA VAL A 20 5.05 -0.53 -11.76
C VAL A 20 4.94 -0.84 -10.27
N ALA A 21 6.02 -0.57 -9.55
CA ALA A 21 6.05 -0.81 -8.13
C ALA A 21 5.21 0.24 -7.41
N LEU A 22 4.60 -0.18 -6.31
CA LEU A 22 3.76 0.72 -5.52
C LEU A 22 4.61 1.88 -5.01
N ASN A 23 5.92 1.70 -5.09
CA ASN A 23 6.85 2.72 -4.63
C ASN A 23 7.32 3.55 -5.83
N GLN A 24 6.52 3.51 -6.89
CA GLN A 24 6.85 4.25 -8.10
C GLN A 24 5.78 5.31 -8.37
N ILE A 25 4.54 4.86 -8.44
CA ILE A 25 3.43 5.76 -8.69
C ILE A 25 3.21 6.65 -7.47
N GLY A 26 3.74 6.21 -6.34
CA GLY A 26 3.63 6.95 -5.10
C GLY A 26 4.77 6.62 -4.15
N GLN A 27 4.91 7.46 -3.13
CA GLN A 27 5.95 7.26 -2.14
C GLN A 27 5.38 6.58 -0.89
N ILE A 28 5.86 5.37 -0.65
CA ILE A 28 5.41 4.61 0.50
C ILE A 28 6.17 5.08 1.75
N SER A 29 5.41 5.60 2.70
CA SER A 29 5.98 6.09 3.94
C SER A 29 5.19 5.55 5.13
N MET A 30 5.76 4.54 5.78
CA MET A 30 5.12 3.93 6.93
C MET A 30 5.20 4.86 8.15
N LYS A 31 4.11 5.57 8.38
CA LYS A 31 4.04 6.49 9.50
C LYS A 31 3.81 5.71 10.79
N SER A 32 2.68 5.01 10.83
CA SER A 32 2.34 4.20 11.99
C SER A 32 3.06 2.86 11.94
N PRO A 33 3.06 2.16 13.10
CA PRO A 33 3.71 0.85 13.19
C PRO A 33 2.87 -0.23 12.50
N GLN A 34 1.76 0.21 11.93
CA GLN A 34 0.87 -0.71 11.23
C GLN A 34 -0.03 0.07 10.26
N VAL A 35 0.58 1.02 9.57
CA VAL A 35 -0.16 1.84 8.62
C VAL A 35 0.78 2.26 7.48
N ILE A 36 0.33 2.02 6.26
CA ILE A 36 1.12 2.36 5.10
C ILE A 36 0.53 3.62 4.44
N LEU A 37 1.41 4.55 4.12
CA LEU A 37 1.00 5.80 3.49
C LEU A 37 1.67 5.92 2.12
N VAL A 38 0.84 6.16 1.12
CA VAL A 38 1.34 6.30 -0.24
C VAL A 38 0.95 7.68 -0.77
N ASN A 39 1.97 8.44 -1.16
CA ASN A 39 1.75 9.77 -1.69
C ASN A 39 1.63 9.70 -3.21
N MET A 40 0.40 9.87 -3.68
CA MET A 40 0.14 9.82 -5.11
C MET A 40 -0.03 11.22 -5.68
N ALA A 41 0.72 12.15 -5.12
CA ALA A 41 0.65 13.54 -5.56
C ALA A 41 1.18 13.63 -6.99
N SER A 42 1.97 12.65 -7.37
CA SER A 42 2.54 12.60 -8.71
C SER A 42 1.71 11.68 -9.60
N PHE A 43 0.77 10.99 -8.97
CA PHE A 43 -0.09 10.06 -9.69
C PHE A 43 -1.50 10.03 -9.08
N PRO A 44 -2.19 11.19 -9.18
CA PRO A 44 -3.54 11.30 -8.64
C PRO A 44 -4.54 10.59 -9.54
N GLU A 45 -4.05 10.09 -10.66
CA GLU A 45 -4.89 9.38 -11.61
C GLU A 45 -4.66 7.87 -11.50
N CYS A 46 -3.56 7.52 -10.86
CA CYS A 46 -3.21 6.12 -10.67
C CYS A 46 -3.59 5.71 -9.24
N THR A 47 -4.13 6.68 -8.52
CA THR A 47 -4.53 6.44 -7.14
C THR A 47 -5.30 5.12 -7.03
N ALA A 48 -6.30 4.99 -7.88
CA ALA A 48 -7.13 3.80 -7.90
C ALA A 48 -6.24 2.58 -8.15
N ALA A 49 -5.42 2.68 -9.19
CA ALA A 49 -4.51 1.60 -9.55
C ALA A 49 -3.94 0.99 -8.27
N ALA A 50 -3.27 1.83 -7.51
CA ALA A 50 -2.65 1.39 -6.26
C ALA A 50 -3.68 0.62 -5.43
N ILE A 51 -4.72 1.34 -5.02
CA ILE A 51 -5.77 0.73 -4.23
C ILE A 51 -6.09 -0.66 -4.77
N LYS A 52 -6.33 -0.71 -6.07
CA LYS A 52 -6.63 -1.98 -6.73
C LYS A 52 -5.57 -3.01 -6.35
N ALA A 53 -4.36 -2.77 -6.83
CA ALA A 53 -3.25 -3.67 -6.56
C ALA A 53 -3.45 -4.31 -5.19
N ILE A 54 -3.51 -3.46 -4.17
CA ILE A 54 -3.69 -3.93 -2.81
C ILE A 54 -4.81 -4.97 -2.79
N ARG A 55 -6.01 -4.51 -3.07
CA ARG A 55 -7.18 -5.39 -3.08
C ARG A 55 -6.93 -6.57 -4.02
N GLU A 56 -6.01 -6.36 -4.96
CA GLU A 56 -5.68 -7.40 -5.92
C GLU A 56 -4.33 -8.03 -5.57
N SER A 57 -3.97 -7.94 -4.30
CA SER A 57 -2.73 -8.50 -3.83
C SER A 57 -2.99 -9.73 -2.97
N GLY A 58 -4.04 -10.46 -3.34
CA GLY A 58 -4.40 -11.66 -2.61
C GLY A 58 -4.24 -11.46 -1.10
N MET A 59 -4.72 -10.33 -0.63
CA MET A 59 -4.63 -9.99 0.78
C MET A 59 -6.02 -9.85 1.40
N ASN A 60 -6.94 -9.32 0.59
CA ASN A 60 -8.30 -9.12 1.04
C ASN A 60 -8.31 -8.05 2.13
N LEU A 61 -7.64 -6.94 1.86
CA LEU A 61 -7.58 -5.84 2.80
C LEU A 61 -8.45 -4.69 2.31
N ASN A 62 -8.64 -3.72 3.19
CA ASN A 62 -9.45 -2.56 2.86
C ASN A 62 -8.56 -1.31 2.88
N PRO A 63 -7.96 -1.01 1.70
CA PRO A 63 -7.10 0.15 1.57
C PRO A 63 -7.91 1.44 1.51
N GLU A 64 -7.43 2.44 2.23
CA GLU A 64 -8.10 3.73 2.27
C GLU A 64 -7.35 4.75 1.41
N VAL A 65 -8.09 5.73 0.92
CA VAL A 65 -7.50 6.77 0.10
C VAL A 65 -8.20 8.10 0.38
N GLU A 66 -7.40 9.09 0.75
CA GLU A 66 -7.92 10.41 1.06
C GLU A 66 -7.18 11.47 0.25
N GLY A 67 -7.86 11.96 -0.78
CA GLY A 67 -7.27 12.99 -1.63
C GLY A 67 -6.23 12.39 -2.58
N THR A 68 -5.01 12.29 -2.06
CA THR A 68 -3.91 11.74 -2.85
C THR A 68 -3.06 10.82 -1.98
N LEU A 69 -3.57 10.51 -0.80
CA LEU A 69 -2.85 9.65 0.12
C LEU A 69 -3.57 8.31 0.22
N ILE A 70 -2.80 7.28 0.56
CA ILE A 70 -3.35 5.95 0.69
C ILE A 70 -2.96 5.36 2.05
N ARG A 71 -3.93 5.32 2.95
CA ARG A 71 -3.70 4.80 4.28
C ARG A 71 -4.17 3.34 4.36
N VAL A 72 -3.20 2.45 4.53
CA VAL A 72 -3.50 1.03 4.63
C VAL A 72 -3.08 0.52 6.01
N PRO A 73 -4.09 0.43 6.92
CA PRO A 73 -3.84 -0.04 8.27
C PRO A 73 -3.63 -1.55 8.30
N ILE A 74 -2.62 -1.97 9.04
CA ILE A 74 -2.31 -3.39 9.15
C ILE A 74 -3.22 -4.02 10.21
N PRO A 75 -3.69 -5.26 9.90
CA PRO A 75 -4.56 -5.98 10.80
C PRO A 75 -3.78 -6.54 12.00
N LYS A 76 -4.32 -6.31 13.18
CA LYS A 76 -3.69 -6.78 14.40
C LYS A 76 -4.54 -6.36 15.61
N VAL A 77 -4.26 -7.00 16.73
CA VAL A 77 -4.99 -6.70 17.95
C VAL A 77 -4.07 -5.96 18.92
N THR A 78 -4.39 -4.69 19.13
CA THR A 78 -3.61 -3.86 20.03
C THR A 78 -3.92 -4.20 21.49
N SER A 79 -2.87 -4.57 22.21
CA SER A 79 -3.02 -4.93 23.62
C SER A 79 -3.87 -6.19 23.75
N GLY A 80 -4.08 -6.60 25.00
CA GLY A 80 -4.87 -7.79 25.27
C GLY A 80 -4.01 -9.05 25.14
N PRO A 81 -4.67 -10.16 24.69
CA PRO A 81 -3.99 -11.43 24.53
C PRO A 81 -3.11 -11.41 23.28
N SER A 82 -1.97 -10.74 23.39
CA SER A 82 -1.04 -10.64 22.28
C SER A 82 0.37 -10.99 22.76
N SER A 83 1.01 -11.88 22.01
CA SER A 83 2.36 -12.30 22.34
C SER A 83 3.07 -12.80 21.08
N GLY A 84 4.40 -12.80 21.15
CA GLY A 84 5.21 -13.24 20.03
C GLY A 84 6.30 -14.20 20.49
N GLY A 1 13.16 -5.62 17.82
CA GLY A 1 12.83 -6.39 16.64
C GLY A 1 12.67 -5.48 15.42
N SER A 2 11.42 -5.22 15.07
CA SER A 2 11.13 -4.37 13.93
C SER A 2 9.64 -4.00 13.92
N SER A 3 9.37 -2.77 13.51
CA SER A 3 8.00 -2.28 13.45
C SER A 3 7.14 -3.25 12.64
N GLY A 4 7.53 -3.45 11.40
CA GLY A 4 6.80 -4.34 10.52
C GLY A 4 7.43 -4.37 9.12
N SER A 5 6.93 -5.27 8.30
CA SER A 5 7.42 -5.42 6.94
C SER A 5 6.30 -5.13 5.93
N SER A 6 6.24 -3.88 5.51
CA SER A 6 5.22 -3.47 4.55
C SER A 6 5.36 -4.27 3.26
N GLY A 7 4.31 -4.99 2.93
CA GLY A 7 4.29 -5.81 1.73
C GLY A 7 3.52 -5.11 0.60
N LEU A 8 3.95 -3.90 0.28
CA LEU A 8 3.30 -3.13 -0.77
C LEU A 8 4.35 -2.65 -1.77
N ASP A 9 5.44 -2.13 -1.22
CA ASP A 9 6.53 -1.63 -2.05
C ASP A 9 6.85 -2.66 -3.13
N HIS A 10 6.62 -3.92 -2.79
CA HIS A 10 6.89 -5.00 -3.72
C HIS A 10 5.70 -5.17 -4.68
N ILE A 11 4.51 -4.94 -4.13
CA ILE A 11 3.29 -5.06 -4.91
C ILE A 11 3.44 -4.23 -6.19
N THR A 12 2.67 -4.63 -7.20
CA THR A 12 2.70 -3.93 -8.47
C THR A 12 1.31 -3.38 -8.81
N VAL A 13 1.31 -2.16 -9.32
CA VAL A 13 0.06 -1.51 -9.69
C VAL A 13 -0.05 -1.45 -11.21
N VAL A 14 -1.23 -1.78 -11.70
CA VAL A 14 -1.49 -1.77 -13.13
C VAL A 14 -1.66 -0.33 -13.60
N THR A 15 -0.87 0.04 -14.59
CA THR A 15 -0.92 1.39 -15.15
C THR A 15 -1.01 1.33 -16.67
N ALA A 16 -1.02 2.51 -17.27
CA ALA A 16 -1.10 2.61 -18.72
C ALA A 16 0.06 1.82 -19.35
N ASP A 17 1.27 2.16 -18.93
CA ASP A 17 2.45 1.50 -19.45
C ASP A 17 2.29 -0.02 -19.28
N GLY A 18 1.98 -0.42 -18.06
CA GLY A 18 1.79 -1.83 -17.75
C GLY A 18 1.66 -2.05 -16.24
N LYS A 19 2.72 -2.55 -15.65
CA LYS A 19 2.73 -2.81 -14.22
C LYS A 19 3.95 -2.14 -13.59
N VAL A 20 3.68 -1.36 -12.55
CA VAL A 20 4.74 -0.66 -11.85
C VAL A 20 4.66 -0.97 -10.36
N ALA A 21 5.78 -0.73 -9.67
CA ALA A 21 5.85 -0.99 -8.25
C ALA A 21 5.06 0.09 -7.49
N LEU A 22 4.41 -0.34 -6.43
CA LEU A 22 3.63 0.58 -5.62
C LEU A 22 4.51 1.74 -5.16
N ASN A 23 5.82 1.50 -5.22
CA ASN A 23 6.79 2.51 -4.82
C ASN A 23 7.21 3.31 -6.05
N GLN A 24 6.30 3.40 -7.02
CA GLN A 24 6.57 4.12 -8.24
C GLN A 24 5.50 5.20 -8.47
N ILE A 25 4.26 4.75 -8.48
CA ILE A 25 3.14 5.66 -8.68
C ILE A 25 2.92 6.48 -7.41
N GLY A 26 3.20 5.86 -6.28
CA GLY A 26 3.04 6.52 -5.00
C GLY A 26 4.28 6.32 -4.13
N GLN A 27 4.47 7.26 -3.20
CA GLN A 27 5.61 7.20 -2.30
C GLN A 27 5.20 6.57 -0.97
N ILE A 28 5.63 5.33 -0.79
CA ILE A 28 5.31 4.59 0.42
C ILE A 28 6.25 5.06 1.55
N SER A 29 5.65 5.36 2.69
CA SER A 29 6.41 5.80 3.84
C SER A 29 5.71 5.37 5.13
N MET A 30 6.27 4.34 5.74
CA MET A 30 5.71 3.82 6.99
C MET A 30 5.88 4.82 8.13
N LYS A 31 4.94 5.75 8.21
CA LYS A 31 4.97 6.76 9.25
C LYS A 31 4.21 6.26 10.47
N SER A 32 3.28 5.35 10.23
CA SER A 32 2.47 4.78 11.29
C SER A 32 3.04 3.43 11.71
N PRO A 33 2.42 2.84 12.77
CA PRO A 33 2.84 1.55 13.27
C PRO A 33 2.40 0.42 12.34
N GLN A 34 1.11 0.39 12.07
CA GLN A 34 0.54 -0.63 11.20
C GLN A 34 -0.34 0.02 10.12
N VAL A 35 0.18 1.11 9.58
CA VAL A 35 -0.55 1.83 8.54
C VAL A 35 0.46 2.49 7.59
N ILE A 36 0.42 2.04 6.34
CA ILE A 36 1.32 2.57 5.32
C ILE A 36 0.67 3.80 4.67
N LEU A 37 1.50 4.81 4.43
CA LEU A 37 1.03 6.03 3.81
C LEU A 37 1.70 6.20 2.45
N VAL A 38 0.87 6.34 1.43
CA VAL A 38 1.37 6.51 0.07
C VAL A 38 0.93 7.88 -0.45
N ASN A 39 1.90 8.61 -1.00
CA ASN A 39 1.63 9.93 -1.54
C ASN A 39 1.56 9.84 -3.07
N MET A 40 0.34 9.97 -3.58
CA MET A 40 0.13 9.91 -5.01
C MET A 40 0.02 11.31 -5.62
N ALA A 41 0.69 12.26 -4.96
CA ALA A 41 0.69 13.63 -5.42
C ALA A 41 1.30 13.71 -6.82
N SER A 42 1.98 12.63 -7.19
CA SER A 42 2.63 12.56 -8.49
C SER A 42 1.79 11.70 -9.44
N PHE A 43 0.83 11.00 -8.86
CA PHE A 43 -0.05 10.13 -9.63
C PHE A 43 -1.46 10.09 -9.05
N PRO A 44 -2.14 11.26 -9.09
CA PRO A 44 -3.48 11.37 -8.56
C PRO A 44 -4.50 10.71 -9.50
N GLU A 45 -4.00 10.28 -10.64
CA GLU A 45 -4.83 9.62 -11.63
C GLU A 45 -4.66 8.10 -11.56
N CYS A 46 -3.64 7.69 -10.83
CA CYS A 46 -3.35 6.27 -10.67
C CYS A 46 -3.55 5.90 -9.21
N THR A 47 -4.31 6.74 -8.51
CA THR A 47 -4.58 6.52 -7.10
C THR A 47 -5.33 5.20 -6.91
N ALA A 48 -6.51 5.12 -7.52
CA ALA A 48 -7.33 3.94 -7.43
C ALA A 48 -6.49 2.71 -7.80
N ALA A 49 -5.82 2.82 -8.94
CA ALA A 49 -4.97 1.74 -9.42
C ALA A 49 -4.25 1.09 -8.24
N ALA A 50 -3.48 1.91 -7.53
CA ALA A 50 -2.73 1.43 -6.38
C ALA A 50 -3.67 0.61 -5.49
N ILE A 51 -4.67 1.28 -4.95
CA ILE A 51 -5.64 0.63 -4.09
C ILE A 51 -5.96 -0.76 -4.64
N LYS A 52 -6.46 -0.77 -5.87
CA LYS A 52 -6.81 -2.02 -6.53
C LYS A 52 -5.71 -3.05 -6.26
N ALA A 53 -4.53 -2.76 -6.77
CA ALA A 53 -3.40 -3.65 -6.59
C ALA A 53 -3.49 -4.33 -5.23
N ILE A 54 -3.48 -3.50 -4.19
CA ILE A 54 -3.57 -4.01 -2.83
C ILE A 54 -4.69 -5.05 -2.75
N ARG A 55 -5.84 -4.66 -3.27
CA ARG A 55 -7.00 -5.54 -3.25
C ARG A 55 -6.73 -6.78 -4.10
N GLU A 56 -6.09 -6.56 -5.23
CA GLU A 56 -5.76 -7.65 -6.14
C GLU A 56 -4.39 -8.23 -5.79
N SER A 57 -3.97 -7.97 -4.57
CA SER A 57 -2.68 -8.47 -4.10
C SER A 57 -2.88 -9.76 -3.31
N GLY A 58 -4.02 -10.38 -3.54
CA GLY A 58 -4.34 -11.62 -2.84
C GLY A 58 -4.10 -11.49 -1.33
N MET A 59 -4.69 -10.45 -0.77
CA MET A 59 -4.55 -10.19 0.65
C MET A 59 -5.92 -10.07 1.32
N ASN A 60 -6.83 -9.40 0.62
CA ASN A 60 -8.18 -9.20 1.14
C ASN A 60 -8.15 -8.12 2.22
N LEU A 61 -7.42 -7.05 1.93
CA LEU A 61 -7.32 -5.94 2.86
C LEU A 61 -8.20 -4.79 2.39
N ASN A 62 -8.41 -3.84 3.29
CA ASN A 62 -9.23 -2.68 2.97
C ASN A 62 -8.36 -1.42 3.01
N PRO A 63 -7.79 -1.08 1.82
CA PRO A 63 -6.94 0.09 1.71
C PRO A 63 -7.77 1.37 1.73
N GLU A 64 -7.22 2.40 2.35
CA GLU A 64 -7.89 3.68 2.44
C GLU A 64 -7.27 4.68 1.47
N VAL A 65 -8.06 5.68 1.10
CA VAL A 65 -7.60 6.69 0.17
C VAL A 65 -8.25 8.04 0.54
N GLU A 66 -7.40 9.01 0.82
CA GLU A 66 -7.88 10.33 1.18
C GLU A 66 -7.21 11.40 0.31
N GLY A 67 -7.97 11.90 -0.64
CA GLY A 67 -7.47 12.92 -1.55
C GLY A 67 -6.41 12.34 -2.49
N THR A 68 -5.19 12.28 -1.98
CA THR A 68 -4.08 11.75 -2.75
C THR A 68 -3.21 10.85 -1.89
N LEU A 69 -3.72 10.55 -0.71
CA LEU A 69 -2.99 9.69 0.22
C LEU A 69 -3.67 8.33 0.28
N ILE A 70 -2.88 7.32 0.62
CA ILE A 70 -3.38 5.96 0.72
C ILE A 70 -3.01 5.38 2.09
N ARG A 71 -4.04 4.93 2.80
CA ARG A 71 -3.83 4.35 4.12
C ARG A 71 -4.10 2.85 4.09
N VAL A 72 -3.04 2.08 4.30
CA VAL A 72 -3.14 0.64 4.29
C VAL A 72 -2.83 0.10 5.69
N PRO A 73 -3.91 -0.18 6.47
CA PRO A 73 -3.75 -0.69 7.82
C PRO A 73 -3.33 -2.17 7.80
N ILE A 74 -2.28 -2.46 8.56
CA ILE A 74 -1.77 -3.81 8.63
C ILE A 74 -2.64 -4.63 9.60
N PRO A 75 -2.91 -5.90 9.20
CA PRO A 75 -3.73 -6.78 10.02
C PRO A 75 -2.94 -7.28 11.24
N LYS A 76 -3.67 -7.89 12.16
CA LYS A 76 -3.05 -8.42 13.37
C LYS A 76 -2.62 -7.26 14.26
N VAL A 77 -3.62 -6.51 14.72
CA VAL A 77 -3.36 -5.37 15.58
C VAL A 77 -2.97 -5.88 16.98
N THR A 78 -1.94 -5.26 17.54
CA THR A 78 -1.46 -5.63 18.85
C THR A 78 -0.96 -7.07 18.86
N SER A 79 0.20 -7.26 19.45
CA SER A 79 0.80 -8.57 19.53
C SER A 79 1.32 -8.84 20.94
N GLY A 80 2.17 -7.92 21.41
CA GLY A 80 2.74 -8.04 22.74
C GLY A 80 2.16 -6.98 23.67
N PRO A 81 3.00 -6.57 24.66
CA PRO A 81 2.59 -5.57 25.63
C PRO A 81 2.58 -4.17 25.00
N SER A 82 1.39 -3.62 24.87
CA SER A 82 1.23 -2.29 24.29
C SER A 82 1.90 -1.24 25.19
N SER A 83 1.98 -0.03 24.66
CA SER A 83 2.59 1.05 25.40
C SER A 83 1.66 1.53 26.51
N GLY A 84 2.24 2.20 27.49
CA GLY A 84 1.48 2.70 28.62
C GLY A 84 2.40 3.27 29.70
N GLY A 1 16.10 -12.18 -1.57
CA GLY A 1 15.96 -11.80 -0.17
C GLY A 1 15.62 -10.32 -0.03
N SER A 2 15.93 -9.77 1.14
CA SER A 2 15.65 -8.38 1.41
C SER A 2 14.15 -8.12 1.33
N SER A 3 13.49 -8.27 2.47
CA SER A 3 12.06 -8.06 2.53
C SER A 3 11.70 -7.37 3.86
N GLY A 4 10.68 -6.52 3.79
CA GLY A 4 10.23 -5.81 4.97
C GLY A 4 8.71 -5.93 5.14
N SER A 5 8.23 -5.40 6.26
CA SER A 5 6.81 -5.45 6.55
C SER A 5 6.02 -4.79 5.41
N SER A 6 4.70 -4.85 5.54
CA SER A 6 3.83 -4.28 4.54
C SER A 6 4.30 -4.67 3.14
N GLY A 7 3.72 -5.74 2.63
CA GLY A 7 4.07 -6.24 1.31
C GLY A 7 3.33 -5.46 0.22
N LEU A 8 3.84 -4.27 -0.08
CA LEU A 8 3.23 -3.43 -1.10
C LEU A 8 4.28 -3.09 -2.16
N ASP A 9 5.42 -2.61 -1.68
CA ASP A 9 6.51 -2.24 -2.57
C ASP A 9 6.68 -3.32 -3.64
N HIS A 10 6.48 -4.55 -3.22
CA HIS A 10 6.61 -5.69 -4.12
C HIS A 10 5.41 -5.72 -5.08
N ILE A 11 4.25 -5.46 -4.50
CA ILE A 11 3.02 -5.45 -5.29
C ILE A 11 3.21 -4.58 -6.52
N THR A 12 2.42 -4.88 -7.55
CA THR A 12 2.49 -4.13 -8.80
C THR A 12 1.16 -3.45 -9.08
N VAL A 13 1.24 -2.28 -9.70
CA VAL A 13 0.06 -1.51 -10.04
C VAL A 13 -0.01 -1.34 -11.56
N VAL A 14 -1.18 -1.65 -12.11
CA VAL A 14 -1.38 -1.53 -13.54
C VAL A 14 -1.66 -0.07 -13.89
N THR A 15 -0.70 0.53 -14.57
CA THR A 15 -0.83 1.92 -14.97
C THR A 15 -1.39 2.02 -16.40
N ALA A 16 -1.55 3.25 -16.85
CA ALA A 16 -2.07 3.49 -18.19
C ALA A 16 -0.90 3.56 -19.18
N ASP A 17 -0.16 2.48 -19.24
CA ASP A 17 0.98 2.40 -20.14
C ASP A 17 1.69 1.05 -19.95
N GLY A 18 1.73 0.61 -18.70
CA GLY A 18 2.36 -0.65 -18.36
C GLY A 18 2.16 -0.99 -16.89
N LYS A 19 3.17 -1.66 -16.32
CA LYS A 19 3.11 -2.05 -14.93
C LYS A 19 4.27 -1.39 -14.18
N VAL A 20 4.03 -1.13 -12.90
CA VAL A 20 5.04 -0.51 -12.06
C VAL A 20 4.87 -1.00 -10.62
N ALA A 21 5.87 -0.70 -9.80
CA ALA A 21 5.85 -1.09 -8.41
C ALA A 21 5.01 -0.09 -7.61
N LEU A 22 4.47 -0.58 -6.51
CA LEU A 22 3.64 0.26 -5.64
C LEU A 22 4.51 1.37 -5.05
N ASN A 23 5.83 1.18 -5.16
CA ASN A 23 6.78 2.15 -4.64
C ASN A 23 7.29 3.02 -5.79
N GLN A 24 6.43 3.20 -6.78
CA GLN A 24 6.78 4.01 -7.94
C GLN A 24 5.72 5.09 -8.18
N ILE A 25 4.47 4.64 -8.27
CA ILE A 25 3.37 5.55 -8.50
C ILE A 25 3.11 6.36 -7.23
N GLY A 26 3.51 5.79 -6.10
CA GLY A 26 3.34 6.44 -4.82
C GLY A 26 4.55 6.21 -3.91
N GLN A 27 4.74 7.14 -2.99
CA GLN A 27 5.85 7.05 -2.06
C GLN A 27 5.37 6.46 -0.72
N ILE A 28 5.82 5.25 -0.46
CA ILE A 28 5.46 4.56 0.77
C ILE A 28 6.32 5.09 1.92
N SER A 29 5.66 5.51 2.97
CA SER A 29 6.35 6.04 4.14
C SER A 29 5.58 5.68 5.41
N MET A 30 6.16 4.76 6.17
CA MET A 30 5.54 4.33 7.42
C MET A 30 5.57 5.44 8.47
N LYS A 31 4.57 6.31 8.40
CA LYS A 31 4.48 7.42 9.33
C LYS A 31 3.64 6.99 10.54
N SER A 32 2.66 6.15 10.28
CA SER A 32 1.78 5.66 11.33
C SER A 32 2.42 4.45 12.01
N PRO A 33 1.77 4.00 13.11
CA PRO A 33 2.25 2.86 13.87
C PRO A 33 1.98 1.56 13.14
N GLN A 34 0.71 1.36 12.80
CA GLN A 34 0.31 0.16 12.09
C GLN A 34 -0.45 0.52 10.82
N VAL A 35 -0.11 1.68 10.27
CA VAL A 35 -0.73 2.16 9.05
C VAL A 35 0.32 2.81 8.15
N ILE A 36 0.34 2.34 6.90
CA ILE A 36 1.30 2.86 5.94
C ILE A 36 0.64 3.98 5.13
N LEU A 37 1.47 4.88 4.62
CA LEU A 37 0.98 6.00 3.83
C LEU A 37 1.73 6.02 2.49
N VAL A 38 0.95 6.22 1.43
CA VAL A 38 1.53 6.28 0.10
C VAL A 38 1.04 7.54 -0.61
N ASN A 39 1.96 8.49 -0.76
CA ASN A 39 1.63 9.74 -1.41
C ASN A 39 1.55 9.52 -2.92
N MET A 40 0.40 9.87 -3.49
CA MET A 40 0.19 9.71 -4.92
C MET A 40 0.04 11.08 -5.60
N ALA A 41 0.79 12.04 -5.10
CA ALA A 41 0.74 13.39 -5.65
C ALA A 41 1.29 13.37 -7.07
N SER A 42 2.17 12.41 -7.33
CA SER A 42 2.77 12.27 -8.64
C SER A 42 1.96 11.29 -9.49
N PHE A 43 0.92 10.75 -8.87
CA PHE A 43 0.06 9.79 -9.56
C PHE A 43 -1.35 9.80 -8.95
N PRO A 44 -2.04 10.95 -9.13
CA PRO A 44 -3.40 11.09 -8.60
C PRO A 44 -4.40 10.32 -9.45
N GLU A 45 -3.97 9.97 -10.66
CA GLU A 45 -4.82 9.23 -11.58
C GLU A 45 -4.50 7.74 -11.50
N CYS A 46 -3.56 7.41 -10.63
CA CYS A 46 -3.16 6.02 -10.45
C CYS A 46 -3.42 5.63 -9.00
N THR A 47 -4.09 6.53 -8.28
CA THR A 47 -4.41 6.29 -6.90
C THR A 47 -5.22 5.00 -6.74
N ALA A 48 -6.42 5.02 -7.33
CA ALA A 48 -7.29 3.86 -7.27
C ALA A 48 -6.52 2.62 -7.73
N ALA A 49 -5.87 2.76 -8.87
CA ALA A 49 -5.10 1.67 -9.43
C ALA A 49 -4.34 0.95 -8.31
N ALA A 50 -3.55 1.72 -7.59
CA ALA A 50 -2.77 1.17 -6.49
C ALA A 50 -3.69 0.35 -5.58
N ILE A 51 -4.63 1.05 -4.98
CA ILE A 51 -5.58 0.40 -4.08
C ILE A 51 -5.95 -0.97 -4.65
N LYS A 52 -6.25 -0.97 -5.94
CA LYS A 52 -6.61 -2.21 -6.62
C LYS A 52 -5.50 -3.25 -6.42
N ALA A 53 -4.36 -2.94 -7.01
CA ALA A 53 -3.21 -3.84 -6.91
C ALA A 53 -3.24 -4.56 -5.56
N ILE A 54 -3.37 -3.77 -4.51
CA ILE A 54 -3.41 -4.31 -3.17
C ILE A 54 -4.48 -5.40 -3.10
N ARG A 55 -5.73 -4.98 -3.20
CA ARG A 55 -6.84 -5.92 -3.16
C ARG A 55 -6.60 -7.07 -4.14
N GLU A 56 -6.14 -6.72 -5.33
CA GLU A 56 -5.87 -7.70 -6.36
C GLU A 56 -4.79 -8.67 -5.90
N SER A 57 -3.83 -8.13 -5.15
CA SER A 57 -2.74 -8.95 -4.63
C SER A 57 -3.28 -10.27 -4.08
N GLY A 58 -4.50 -10.20 -3.56
CA GLY A 58 -5.15 -11.38 -3.01
C GLY A 58 -5.06 -11.38 -1.48
N MET A 59 -4.80 -10.20 -0.94
CA MET A 59 -4.69 -10.06 0.50
C MET A 59 -6.01 -9.55 1.10
N ASN A 60 -6.38 -10.14 2.22
CA ASN A 60 -7.60 -9.76 2.90
C ASN A 60 -7.39 -8.44 3.64
N LEU A 61 -6.99 -7.43 2.87
CA LEU A 61 -6.74 -6.11 3.43
C LEU A 61 -7.78 -5.13 2.90
N ASN A 62 -7.72 -3.91 3.41
CA ASN A 62 -8.64 -2.87 2.98
C ASN A 62 -7.91 -1.53 2.94
N PRO A 63 -7.35 -1.22 1.74
CA PRO A 63 -6.63 0.03 1.55
C PRO A 63 -7.59 1.21 1.46
N GLU A 64 -7.15 2.35 2.00
CA GLU A 64 -7.96 3.54 1.98
C GLU A 64 -7.43 4.52 0.94
N VAL A 65 -8.13 5.65 0.81
CA VAL A 65 -7.74 6.66 -0.15
C VAL A 65 -8.25 8.03 0.34
N GLU A 66 -7.30 8.91 0.62
CA GLU A 66 -7.64 10.25 1.08
C GLU A 66 -6.94 11.30 0.23
N GLY A 67 -7.72 11.92 -0.63
CA GLY A 67 -7.17 12.95 -1.52
C GLY A 67 -6.16 12.36 -2.49
N THR A 68 -4.93 12.23 -2.03
CA THR A 68 -3.87 11.68 -2.85
C THR A 68 -3.00 10.73 -2.03
N LEU A 69 -3.49 10.40 -0.84
CA LEU A 69 -2.77 9.51 0.04
C LEU A 69 -3.51 8.16 0.11
N ILE A 70 -2.74 7.12 0.40
CA ILE A 70 -3.31 5.78 0.50
C ILE A 70 -3.01 5.21 1.88
N ARG A 71 -4.07 4.95 2.63
CA ARG A 71 -3.94 4.40 3.97
C ARG A 71 -4.10 2.88 3.94
N VAL A 72 -3.14 2.20 4.53
CA VAL A 72 -3.16 0.74 4.58
C VAL A 72 -2.75 0.28 5.98
N PRO A 73 -3.77 -0.09 6.79
CA PRO A 73 -3.53 -0.55 8.15
C PRO A 73 -2.97 -1.98 8.15
N ILE A 74 -2.08 -2.23 9.08
CA ILE A 74 -1.47 -3.55 9.21
C ILE A 74 -2.39 -4.46 10.02
N PRO A 75 -2.48 -5.74 9.56
CA PRO A 75 -3.32 -6.71 10.24
C PRO A 75 -2.66 -7.19 11.54
N LYS A 76 -3.50 -7.65 12.46
CA LYS A 76 -3.02 -8.15 13.74
C LYS A 76 -2.60 -6.95 14.60
N VAL A 77 -3.59 -6.38 15.27
CA VAL A 77 -3.33 -5.24 16.14
C VAL A 77 -2.98 -5.73 17.54
N THR A 78 -1.97 -5.09 18.12
CA THR A 78 -1.53 -5.46 19.46
C THR A 78 -2.44 -4.84 20.51
N SER A 79 -2.61 -5.56 21.61
CA SER A 79 -3.45 -5.10 22.70
C SER A 79 -2.58 -4.49 23.80
N GLY A 80 -3.15 -3.51 24.48
CA GLY A 80 -2.44 -2.83 25.56
C GLY A 80 -2.03 -3.83 26.65
N PRO A 81 -3.00 -4.15 27.53
CA PRO A 81 -2.75 -5.10 28.61
C PRO A 81 -2.69 -6.53 28.09
N SER A 82 -3.75 -6.92 27.39
CA SER A 82 -3.83 -8.26 26.84
C SER A 82 -5.17 -8.45 26.14
N SER A 83 -5.10 -8.98 24.92
CA SER A 83 -6.30 -9.21 24.14
C SER A 83 -7.07 -10.39 24.71
N GLY A 84 -8.36 -10.18 24.91
CA GLY A 84 -9.23 -11.21 25.46
C GLY A 84 -9.41 -11.03 26.97
N GLY A 1 10.18 -14.41 15.05
CA GLY A 1 8.89 -14.29 14.38
C GLY A 1 8.85 -13.05 13.49
N SER A 2 7.68 -12.83 12.89
CA SER A 2 7.50 -11.69 12.01
C SER A 2 8.37 -11.86 10.76
N SER A 3 7.73 -11.67 9.61
CA SER A 3 8.44 -11.79 8.34
C SER A 3 7.63 -11.12 7.23
N GLY A 4 8.01 -9.90 6.91
CA GLY A 4 7.33 -9.14 5.87
C GLY A 4 6.26 -8.23 6.47
N SER A 5 6.72 -7.15 7.09
CA SER A 5 5.82 -6.19 7.70
C SER A 5 4.90 -5.58 6.65
N SER A 6 5.50 -4.80 5.75
CA SER A 6 4.76 -4.16 4.69
C SER A 6 5.14 -4.77 3.34
N GLY A 7 4.11 -5.20 2.61
CA GLY A 7 4.32 -5.80 1.31
C GLY A 7 3.59 -5.01 0.22
N LEU A 8 4.17 -3.86 -0.12
CA LEU A 8 3.58 -3.01 -1.14
C LEU A 8 4.64 -2.73 -2.23
N ASP A 9 5.80 -2.30 -1.77
CA ASP A 9 6.89 -2.00 -2.68
C ASP A 9 7.04 -3.14 -3.69
N HIS A 10 6.89 -4.35 -3.18
CA HIS A 10 7.00 -5.54 -4.02
C HIS A 10 5.78 -5.64 -4.94
N ILE A 11 4.63 -5.30 -4.37
CA ILE A 11 3.39 -5.35 -5.13
C ILE A 11 3.52 -4.49 -6.39
N THR A 12 2.71 -4.82 -7.38
CA THR A 12 2.74 -4.09 -8.64
C THR A 12 1.37 -3.44 -8.90
N VAL A 13 1.42 -2.29 -9.57
CA VAL A 13 0.20 -1.56 -9.89
C VAL A 13 0.04 -1.50 -11.41
N VAL A 14 -1.16 -1.84 -11.85
CA VAL A 14 -1.46 -1.81 -13.28
C VAL A 14 -1.80 -0.39 -13.70
N THR A 15 -0.95 0.18 -14.54
CA THR A 15 -1.15 1.53 -15.03
C THR A 15 -1.62 1.51 -16.48
N ALA A 16 -2.20 2.63 -16.91
CA ALA A 16 -2.69 2.76 -18.26
C ALA A 16 -1.50 2.93 -19.22
N ASP A 17 -0.67 1.90 -19.26
CA ASP A 17 0.50 1.93 -20.13
C ASP A 17 1.32 0.66 -19.91
N GLY A 18 1.34 0.22 -18.66
CA GLY A 18 2.09 -0.98 -18.30
C GLY A 18 1.94 -1.29 -16.81
N LYS A 19 3.01 -1.85 -16.25
CA LYS A 19 3.02 -2.20 -14.84
C LYS A 19 4.19 -1.51 -14.15
N VAL A 20 3.99 -1.18 -12.89
CA VAL A 20 5.01 -0.52 -12.11
C VAL A 20 4.92 -0.96 -10.65
N ALA A 21 5.94 -0.61 -9.88
CA ALA A 21 5.97 -0.97 -8.48
C ALA A 21 5.14 0.04 -7.69
N LEU A 22 4.65 -0.42 -6.54
CA LEU A 22 3.84 0.42 -5.68
C LEU A 22 4.71 1.54 -5.10
N ASN A 23 6.01 1.39 -5.30
CA ASN A 23 6.96 2.38 -4.80
C ASN A 23 7.44 3.25 -5.96
N GLN A 24 6.58 3.36 -6.97
CA GLN A 24 6.91 4.15 -8.14
C GLN A 24 5.85 5.22 -8.36
N ILE A 25 4.60 4.77 -8.44
CA ILE A 25 3.49 5.67 -8.66
C ILE A 25 3.29 6.53 -7.41
N GLY A 26 3.71 5.99 -6.27
CA GLY A 26 3.59 6.68 -5.01
C GLY A 26 4.74 6.33 -4.07
N GLN A 27 4.92 7.17 -3.06
CA GLN A 27 5.98 6.96 -2.09
C GLN A 27 5.41 6.33 -0.81
N ILE A 28 5.99 5.21 -0.44
CA ILE A 28 5.54 4.50 0.76
C ILE A 28 6.34 5.00 1.96
N SER A 29 5.62 5.37 3.01
CA SER A 29 6.25 5.86 4.23
C SER A 29 5.46 5.40 5.44
N MET A 30 6.04 4.45 6.16
CA MET A 30 5.39 3.92 7.36
C MET A 30 5.49 4.91 8.52
N LYS A 31 4.49 5.78 8.60
CA LYS A 31 4.46 6.77 9.66
C LYS A 31 3.65 6.23 10.84
N SER A 32 2.58 5.51 10.50
CA SER A 32 1.73 4.93 11.52
C SER A 32 2.31 3.60 12.02
N PRO A 33 1.62 3.01 13.02
CA PRO A 33 2.06 1.74 13.58
C PRO A 33 1.74 0.58 12.64
N GLN A 34 0.47 0.44 12.31
CA GLN A 34 0.04 -0.62 11.43
C GLN A 34 -0.77 -0.04 10.26
N VAL A 35 -0.27 1.07 9.72
CA VAL A 35 -0.93 1.73 8.62
C VAL A 35 0.13 2.40 7.73
N ILE A 36 0.14 1.98 6.48
CA ILE A 36 1.09 2.53 5.52
C ILE A 36 0.46 3.73 4.80
N LEU A 37 1.29 4.73 4.54
CA LEU A 37 0.81 5.93 3.86
C LEU A 37 1.56 6.07 2.53
N VAL A 38 0.79 6.08 1.46
CA VAL A 38 1.36 6.22 0.12
C VAL A 38 0.97 7.59 -0.45
N ASN A 39 1.98 8.30 -0.93
CA ASN A 39 1.75 9.61 -1.52
C ASN A 39 1.60 9.48 -3.03
N MET A 40 0.44 9.91 -3.52
CA MET A 40 0.16 9.84 -4.94
C MET A 40 -0.13 11.23 -5.51
N ALA A 41 0.79 12.14 -5.22
CA ALA A 41 0.65 13.51 -5.70
C ALA A 41 1.10 13.58 -7.16
N SER A 42 2.02 12.71 -7.51
CA SER A 42 2.54 12.66 -8.86
C SER A 42 1.75 11.64 -9.70
N PHE A 43 0.84 10.96 -9.02
CA PHE A 43 0.00 9.97 -9.68
C PHE A 43 -1.38 9.90 -9.03
N PRO A 44 -2.13 11.02 -9.16
CA PRO A 44 -3.47 11.10 -8.60
C PRO A 44 -4.46 10.31 -9.45
N GLU A 45 -4.01 9.94 -10.64
CA GLU A 45 -4.85 9.19 -11.56
C GLU A 45 -4.59 7.69 -11.41
N CYS A 46 -3.53 7.38 -10.66
CA CYS A 46 -3.15 6.00 -10.44
C CYS A 46 -3.46 5.65 -8.98
N THR A 47 -4.05 6.62 -8.29
CA THR A 47 -4.40 6.43 -6.89
C THR A 47 -5.21 5.13 -6.72
N ALA A 48 -6.28 5.05 -7.50
CA ALA A 48 -7.15 3.88 -7.44
C ALA A 48 -6.34 2.63 -7.83
N ALA A 49 -5.65 2.74 -8.95
CA ALA A 49 -4.85 1.63 -9.44
C ALA A 49 -4.13 0.98 -8.26
N ALA A 50 -3.41 1.80 -7.50
CA ALA A 50 -2.67 1.32 -6.35
C ALA A 50 -3.63 0.56 -5.42
N ILE A 51 -4.58 1.31 -4.88
CA ILE A 51 -5.56 0.74 -3.98
C ILE A 51 -5.98 -0.64 -4.49
N LYS A 52 -6.03 -0.76 -5.81
CA LYS A 52 -6.41 -2.01 -6.44
C LYS A 52 -5.33 -3.05 -6.19
N ALA A 53 -4.17 -2.81 -6.77
CA ALA A 53 -3.04 -3.71 -6.61
C ALA A 53 -3.11 -4.38 -5.24
N ILE A 54 -3.30 -3.54 -4.22
CA ILE A 54 -3.39 -4.04 -2.86
C ILE A 54 -4.48 -5.10 -2.78
N ARG A 55 -5.71 -4.68 -3.05
CA ARG A 55 -6.84 -5.59 -3.02
C ARG A 55 -6.60 -6.78 -3.95
N GLU A 56 -6.05 -6.48 -5.11
CA GLU A 56 -5.76 -7.51 -6.10
C GLU A 56 -4.80 -8.55 -5.51
N SER A 57 -3.96 -8.08 -4.59
CA SER A 57 -2.99 -8.95 -3.95
C SER A 57 -3.70 -9.89 -2.97
N GLY A 58 -2.99 -10.96 -2.61
CA GLY A 58 -3.54 -11.94 -1.69
C GLY A 58 -3.56 -11.39 -0.25
N MET A 59 -4.23 -10.26 -0.10
CA MET A 59 -4.33 -9.63 1.21
C MET A 59 -5.80 -9.43 1.61
N ASN A 60 -6.60 -9.07 0.62
CA ASN A 60 -8.02 -8.85 0.86
C ASN A 60 -8.19 -7.69 1.84
N LEU A 61 -7.10 -6.97 2.05
CA LEU A 61 -7.11 -5.83 2.96
C LEU A 61 -8.05 -4.76 2.41
N ASN A 62 -8.34 -3.78 3.25
CA ASN A 62 -9.22 -2.69 2.87
C ASN A 62 -8.47 -1.36 3.00
N PRO A 63 -7.74 -1.01 1.92
CA PRO A 63 -6.98 0.23 1.90
C PRO A 63 -7.89 1.44 1.72
N GLU A 64 -7.43 2.57 2.22
CA GLU A 64 -8.19 3.80 2.13
C GLU A 64 -7.56 4.74 1.11
N VAL A 65 -8.20 5.88 0.91
CA VAL A 65 -7.72 6.87 -0.04
C VAL A 65 -8.25 8.25 0.36
N GLU A 66 -7.31 9.14 0.65
CA GLU A 66 -7.67 10.49 1.04
C GLU A 66 -6.92 11.51 0.19
N GLY A 67 -7.66 12.11 -0.75
CA GLY A 67 -7.07 13.09 -1.64
C GLY A 67 -6.05 12.45 -2.58
N THR A 68 -4.81 12.43 -2.12
CA THR A 68 -3.73 11.85 -2.91
C THR A 68 -2.93 10.85 -2.07
N LEU A 69 -3.40 10.66 -0.85
CA LEU A 69 -2.75 9.73 0.06
C LEU A 69 -3.57 8.45 0.16
N ILE A 70 -2.88 7.36 0.47
CA ILE A 70 -3.54 6.06 0.60
C ILE A 70 -3.21 5.48 1.97
N ARG A 71 -4.23 4.90 2.58
CA ARG A 71 -4.07 4.29 3.90
C ARG A 71 -4.19 2.77 3.79
N VAL A 72 -3.12 2.10 4.18
CA VAL A 72 -3.08 0.64 4.14
C VAL A 72 -2.85 0.10 5.55
N PRO A 73 -3.98 -0.31 6.20
CA PRO A 73 -3.91 -0.85 7.54
C PRO A 73 -3.36 -2.28 7.54
N ILE A 74 -2.51 -2.56 8.52
CA ILE A 74 -1.91 -3.88 8.63
C ILE A 74 -2.84 -4.79 9.43
N PRO A 75 -2.91 -6.06 9.00
CA PRO A 75 -3.76 -7.05 9.66
C PRO A 75 -3.13 -7.50 10.98
N LYS A 76 -3.96 -8.13 11.81
CA LYS A 76 -3.50 -8.61 13.09
C LYS A 76 -3.06 -10.07 12.95
N VAL A 77 -1.75 -10.24 12.79
CA VAL A 77 -1.19 -11.58 12.64
C VAL A 77 -1.22 -12.29 14.00
N THR A 78 -1.26 -13.61 13.93
CA THR A 78 -1.28 -14.42 15.13
C THR A 78 0.08 -14.39 15.83
N SER A 79 1.11 -14.59 15.03
CA SER A 79 2.47 -14.60 15.55
C SER A 79 2.88 -13.18 15.97
N GLY A 80 3.91 -13.12 16.80
CA GLY A 80 4.41 -11.83 17.27
C GLY A 80 3.77 -11.47 18.61
N PRO A 81 3.10 -10.29 18.63
CA PRO A 81 2.45 -9.82 19.86
C PRO A 81 1.17 -10.60 20.12
N SER A 82 1.18 -11.33 21.24
CA SER A 82 0.02 -12.12 21.62
C SER A 82 -1.26 -11.35 21.31
N SER A 83 -2.05 -11.92 20.41
CA SER A 83 -3.31 -11.31 20.03
C SER A 83 -4.47 -11.96 20.79
N GLY A 84 -5.63 -11.34 20.67
CA GLY A 84 -6.82 -11.85 21.33
C GLY A 84 -7.89 -10.76 21.47
N GLY A 1 6.87 -8.56 14.87
CA GLY A 1 7.36 -9.44 13.82
C GLY A 1 8.39 -8.72 12.95
N SER A 2 9.49 -9.42 12.70
CA SER A 2 10.56 -8.86 11.88
C SER A 2 10.28 -9.12 10.40
N SER A 3 10.13 -10.40 10.08
CA SER A 3 9.86 -10.80 8.71
C SER A 3 8.72 -9.95 8.14
N GLY A 4 8.98 -9.40 6.96
CA GLY A 4 7.98 -8.57 6.29
C GLY A 4 7.83 -7.23 7.01
N SER A 5 8.09 -6.16 6.26
CA SER A 5 7.99 -4.82 6.79
C SER A 5 6.63 -4.22 6.42
N SER A 6 6.35 -4.22 5.12
CA SER A 6 5.10 -3.67 4.64
C SER A 6 4.39 -4.70 3.74
N GLY A 7 5.03 -4.98 2.62
CA GLY A 7 4.47 -5.95 1.67
C GLY A 7 3.67 -5.24 0.57
N LEU A 8 4.13 -4.04 0.24
CA LEU A 8 3.47 -3.25 -0.79
C LEU A 8 4.50 -2.77 -1.81
N ASP A 9 5.61 -2.28 -1.28
CA ASP A 9 6.69 -1.79 -2.12
C ASP A 9 6.99 -2.82 -3.22
N HIS A 10 6.65 -4.06 -2.92
CA HIS A 10 6.88 -5.14 -3.86
C HIS A 10 5.67 -5.27 -4.80
N ILE A 11 4.50 -5.02 -4.24
CA ILE A 11 3.28 -5.09 -5.01
C ILE A 11 3.43 -4.29 -6.30
N THR A 12 2.69 -4.70 -7.32
CA THR A 12 2.75 -4.03 -8.60
C THR A 12 1.38 -3.41 -8.93
N VAL A 13 1.44 -2.20 -9.46
CA VAL A 13 0.23 -1.48 -9.83
C VAL A 13 0.11 -1.43 -11.35
N VAL A 14 -1.05 -1.83 -11.84
CA VAL A 14 -1.30 -1.83 -13.27
C VAL A 14 -1.65 -0.41 -13.73
N THR A 15 -0.77 0.14 -14.54
CA THR A 15 -0.97 1.49 -15.05
C THR A 15 -1.72 1.44 -16.38
N ALA A 16 -1.85 2.61 -16.99
CA ALA A 16 -2.54 2.72 -18.26
C ALA A 16 -2.21 1.51 -19.13
N ASP A 17 -1.00 1.52 -19.67
CA ASP A 17 -0.54 0.44 -20.52
C ASP A 17 0.85 -0.01 -20.06
N GLY A 18 0.95 -0.30 -18.77
CA GLY A 18 2.21 -0.74 -18.21
C GLY A 18 2.05 -1.17 -16.75
N LYS A 19 3.14 -1.66 -16.18
CA LYS A 19 3.12 -2.10 -14.79
C LYS A 19 4.29 -1.46 -14.04
N VAL A 20 4.04 -1.15 -12.79
CA VAL A 20 5.06 -0.53 -11.95
C VAL A 20 4.86 -0.97 -10.50
N ALA A 21 5.87 -0.70 -9.68
CA ALA A 21 5.82 -1.06 -8.27
C ALA A 21 5.08 0.05 -7.51
N LEU A 22 4.44 -0.36 -6.42
CA LEU A 22 3.70 0.58 -5.59
C LEU A 22 4.67 1.65 -5.06
N ASN A 23 5.95 1.34 -5.16
CA ASN A 23 6.98 2.26 -4.69
C ASN A 23 7.50 3.07 -5.88
N GLN A 24 6.63 3.25 -6.86
CA GLN A 24 6.99 4.01 -8.05
C GLN A 24 5.99 5.15 -8.28
N ILE A 25 4.73 4.77 -8.34
CA ILE A 25 3.67 5.75 -8.56
C ILE A 25 3.42 6.52 -7.26
N GLY A 26 3.43 5.79 -6.16
CA GLY A 26 3.21 6.40 -4.86
C GLY A 26 4.42 6.20 -3.96
N GLN A 27 4.56 7.11 -3.00
CA GLN A 27 5.67 7.05 -2.06
C GLN A 27 5.23 6.39 -0.76
N ILE A 28 5.76 5.19 -0.54
CA ILE A 28 5.44 4.44 0.66
C ILE A 28 6.28 4.96 1.83
N SER A 29 5.59 5.34 2.89
CA SER A 29 6.25 5.86 4.07
C SER A 29 5.46 5.50 5.33
N MET A 30 5.97 4.53 6.06
CA MET A 30 5.32 4.08 7.28
C MET A 30 5.41 5.14 8.37
N LYS A 31 4.44 6.05 8.34
CA LYS A 31 4.40 7.12 9.32
C LYS A 31 3.60 6.67 10.54
N SER A 32 2.67 5.76 10.29
CA SER A 32 1.84 5.24 11.35
C SER A 32 2.42 3.94 11.89
N PRO A 33 1.73 3.38 12.93
CA PRO A 33 2.19 2.13 13.54
C PRO A 33 1.89 0.94 12.63
N GLN A 34 0.63 0.80 12.29
CA GLN A 34 0.21 -0.30 11.43
C GLN A 34 -0.65 0.23 10.27
N VAL A 35 -0.20 1.34 9.72
CA VAL A 35 -0.91 1.95 8.60
C VAL A 35 0.11 2.61 7.66
N ILE A 36 0.27 2.00 6.50
CA ILE A 36 1.21 2.51 5.51
C ILE A 36 0.54 3.65 4.74
N LEU A 37 1.34 4.65 4.41
CA LEU A 37 0.85 5.81 3.68
C LEU A 37 1.56 5.88 2.32
N VAL A 38 0.75 5.98 1.27
CA VAL A 38 1.28 6.06 -0.07
C VAL A 38 0.84 7.39 -0.71
N ASN A 39 1.79 8.30 -0.80
CA ASN A 39 1.52 9.61 -1.37
C ASN A 39 1.50 9.49 -2.90
N MET A 40 0.37 9.85 -3.48
CA MET A 40 0.21 9.79 -4.93
C MET A 40 0.08 11.19 -5.52
N ALA A 41 0.95 12.08 -5.08
CA ALA A 41 0.94 13.45 -5.56
C ALA A 41 1.49 13.49 -7.00
N SER A 42 2.31 12.49 -7.31
CA SER A 42 2.90 12.40 -8.63
C SER A 42 2.08 11.46 -9.51
N PHE A 43 0.99 10.97 -8.94
CA PHE A 43 0.11 10.07 -9.66
C PHE A 43 -1.28 10.00 -9.01
N PRO A 44 -2.00 11.15 -9.07
CA PRO A 44 -3.32 11.24 -8.49
C PRO A 44 -4.35 10.51 -9.36
N GLU A 45 -3.96 10.26 -10.60
CA GLU A 45 -4.82 9.58 -11.55
C GLU A 45 -4.63 8.07 -11.45
N CYS A 46 -3.52 7.68 -10.81
CA CYS A 46 -3.21 6.28 -10.65
C CYS A 46 -3.47 5.89 -9.19
N THR A 47 -4.17 6.77 -8.49
CA THR A 47 -4.48 6.54 -7.09
C THR A 47 -5.27 5.23 -6.93
N ALA A 48 -6.37 5.14 -7.67
CA ALA A 48 -7.21 3.95 -7.61
C ALA A 48 -6.36 2.72 -7.97
N ALA A 49 -5.63 2.85 -9.08
CA ALA A 49 -4.79 1.76 -9.54
C ALA A 49 -4.11 1.11 -8.35
N ALA A 50 -3.41 1.93 -7.57
CA ALA A 50 -2.70 1.44 -6.40
C ALA A 50 -3.67 0.67 -5.52
N ILE A 51 -4.66 1.39 -4.99
CA ILE A 51 -5.66 0.78 -4.13
C ILE A 51 -6.00 -0.60 -4.66
N LYS A 52 -6.36 -0.65 -5.94
CA LYS A 52 -6.72 -1.90 -6.58
C LYS A 52 -5.61 -2.93 -6.33
N ALA A 53 -4.44 -2.63 -6.89
CA ALA A 53 -3.30 -3.52 -6.74
C ALA A 53 -3.40 -4.25 -5.38
N ILE A 54 -3.38 -3.44 -4.32
CA ILE A 54 -3.46 -3.99 -2.98
C ILE A 54 -4.53 -5.08 -2.94
N ARG A 55 -5.75 -4.68 -3.29
CA ARG A 55 -6.86 -5.62 -3.30
C ARG A 55 -6.62 -6.72 -4.34
N GLU A 56 -5.81 -6.40 -5.32
CA GLU A 56 -5.49 -7.33 -6.38
C GLU A 56 -4.09 -7.92 -6.18
N SER A 57 -3.65 -7.89 -4.93
CA SER A 57 -2.33 -8.40 -4.59
C SER A 57 -2.43 -9.85 -4.11
N GLY A 58 -3.06 -10.02 -2.95
CA GLY A 58 -3.23 -11.34 -2.39
C GLY A 58 -3.54 -11.25 -0.89
N MET A 59 -4.45 -10.35 -0.56
CA MET A 59 -4.85 -10.15 0.83
C MET A 59 -6.18 -9.39 0.91
N ASN A 60 -7.11 -9.98 1.65
CA ASN A 60 -8.42 -9.37 1.82
C ASN A 60 -8.29 -8.15 2.75
N LEU A 61 -7.45 -7.22 2.33
CA LEU A 61 -7.22 -6.01 3.12
C LEU A 61 -8.17 -4.90 2.62
N ASN A 62 -8.26 -3.86 3.42
CA ASN A 62 -9.12 -2.74 3.08
C ASN A 62 -8.27 -1.47 2.97
N PRO A 63 -7.77 -1.22 1.73
CA PRO A 63 -6.96 -0.04 1.47
C PRO A 63 -7.81 1.23 1.43
N GLU A 64 -7.29 2.27 2.07
CA GLU A 64 -7.99 3.54 2.11
C GLU A 64 -7.34 4.54 1.15
N VAL A 65 -8.01 5.67 0.98
CA VAL A 65 -7.51 6.71 0.09
C VAL A 65 -8.06 8.07 0.54
N GLU A 66 -7.13 8.95 0.89
CA GLU A 66 -7.50 10.28 1.34
C GLU A 66 -6.75 11.34 0.53
N GLY A 67 -7.49 11.97 -0.38
CA GLY A 67 -6.91 13.00 -1.23
C GLY A 67 -5.91 12.40 -2.22
N THR A 68 -4.70 12.19 -1.72
CA THR A 68 -3.64 11.62 -2.55
C THR A 68 -2.79 10.65 -1.73
N LEU A 69 -3.32 10.26 -0.58
CA LEU A 69 -2.63 9.33 0.29
C LEU A 69 -3.51 8.10 0.51
N ILE A 70 -2.86 6.94 0.43
CA ILE A 70 -3.55 5.68 0.62
C ILE A 70 -3.24 5.13 2.00
N ARG A 71 -4.30 4.83 2.74
CA ARG A 71 -4.15 4.29 4.08
C ARG A 71 -4.39 2.78 4.08
N VAL A 72 -3.32 2.04 4.33
CA VAL A 72 -3.40 0.59 4.37
C VAL A 72 -3.07 0.10 5.78
N PRO A 73 -4.15 -0.24 6.54
CA PRO A 73 -3.98 -0.72 7.90
C PRO A 73 -3.48 -2.17 7.91
N ILE A 74 -2.54 -2.43 8.80
CA ILE A 74 -1.98 -3.76 8.93
C ILE A 74 -2.87 -4.61 9.84
N PRO A 75 -3.03 -5.90 9.44
CA PRO A 75 -3.86 -6.82 10.20
C PRO A 75 -3.14 -7.27 11.48
N LYS A 76 -2.75 -6.28 12.28
CA LYS A 76 -2.06 -6.56 13.53
C LYS A 76 -1.02 -7.65 13.30
N VAL A 77 0.17 -7.21 12.87
CA VAL A 77 1.25 -8.14 12.60
C VAL A 77 0.86 -9.07 11.46
N THR A 78 1.70 -9.09 10.44
CA THR A 78 1.46 -9.93 9.28
C THR A 78 0.88 -11.28 9.71
N SER A 79 -0.34 -11.54 9.24
CA SER A 79 -1.01 -12.78 9.58
C SER A 79 -0.49 -13.91 8.67
N GLY A 80 -0.71 -13.73 7.38
CA GLY A 80 -0.28 -14.72 6.40
C GLY A 80 1.22 -14.60 6.14
N PRO A 81 1.81 -15.74 5.67
CA PRO A 81 3.23 -15.78 5.38
C PRO A 81 3.55 -15.03 4.07
N SER A 82 3.29 -13.73 4.09
CA SER A 82 3.53 -12.90 2.92
C SER A 82 5.03 -12.82 2.64
N SER A 83 5.36 -12.87 1.36
CA SER A 83 6.74 -12.81 0.94
C SER A 83 6.84 -12.80 -0.58
N GLY A 84 6.29 -13.86 -1.18
CA GLY A 84 6.30 -13.99 -2.62
C GLY A 84 7.71 -14.26 -3.14
N GLY A 1 16.17 -5.05 0.94
CA GLY A 1 16.14 -4.48 2.27
C GLY A 1 14.71 -4.41 2.81
N SER A 2 14.13 -5.58 3.03
CA SER A 2 12.78 -5.66 3.54
C SER A 2 12.74 -5.28 5.02
N SER A 3 12.67 -3.97 5.25
CA SER A 3 12.63 -3.46 6.61
C SER A 3 11.23 -3.65 7.21
N GLY A 4 11.17 -4.44 8.26
CA GLY A 4 9.90 -4.71 8.92
C GLY A 4 9.00 -5.61 8.06
N SER A 5 7.96 -5.00 7.51
CA SER A 5 7.03 -5.73 6.67
C SER A 5 5.98 -4.78 6.10
N SER A 6 5.38 -5.19 5.00
CA SER A 6 4.36 -4.38 4.36
C SER A 6 3.64 -5.21 3.29
N GLY A 7 4.42 -5.70 2.33
CA GLY A 7 3.87 -6.49 1.24
C GLY A 7 3.09 -5.63 0.26
N LEU A 8 3.62 -4.43 0.03
CA LEU A 8 2.98 -3.50 -0.89
C LEU A 8 4.03 -2.90 -1.83
N ASP A 9 5.14 -2.48 -1.22
CA ASP A 9 6.22 -1.89 -1.99
C ASP A 9 6.61 -2.83 -3.13
N HIS A 10 6.29 -4.11 -2.93
CA HIS A 10 6.60 -5.12 -3.94
C HIS A 10 5.43 -5.24 -4.91
N ILE A 11 4.22 -5.10 -4.36
CA ILE A 11 3.02 -5.20 -5.16
C ILE A 11 3.19 -4.37 -6.44
N THR A 12 2.49 -4.79 -7.48
CA THR A 12 2.54 -4.11 -8.76
C THR A 12 1.21 -3.44 -9.08
N VAL A 13 1.29 -2.25 -9.66
CA VAL A 13 0.10 -1.50 -10.02
C VAL A 13 0.01 -1.39 -11.54
N VAL A 14 -1.12 -1.83 -12.07
CA VAL A 14 -1.34 -1.79 -13.51
C VAL A 14 -1.63 -0.34 -13.93
N THR A 15 -0.68 0.23 -14.66
CA THR A 15 -0.82 1.60 -15.13
C THR A 15 -1.26 1.62 -16.59
N ALA A 16 -1.77 2.77 -17.01
CA ALA A 16 -2.24 2.93 -18.38
C ALA A 16 -1.03 3.08 -19.31
N ASP A 17 -0.26 2.00 -19.40
CA ASP A 17 0.92 2.00 -20.24
C ASP A 17 1.74 0.74 -19.97
N GLY A 18 1.71 0.32 -18.71
CA GLY A 18 2.43 -0.87 -18.30
C GLY A 18 2.19 -1.18 -16.83
N LYS A 19 3.20 -1.79 -16.21
CA LYS A 19 3.10 -2.15 -14.80
C LYS A 19 4.28 -1.51 -14.04
N VAL A 20 4.02 -1.18 -12.78
CA VAL A 20 5.03 -0.57 -11.95
C VAL A 20 4.83 -1.01 -10.50
N ALA A 21 5.83 -0.74 -9.68
CA ALA A 21 5.78 -1.10 -8.28
C ALA A 21 5.05 -0.02 -7.50
N LEU A 22 4.33 -0.45 -6.47
CA LEU A 22 3.58 0.47 -5.64
C LEU A 22 4.51 1.55 -5.10
N ASN A 23 5.80 1.24 -5.13
CA ASN A 23 6.81 2.17 -4.64
C ASN A 23 7.33 2.99 -5.82
N GLN A 24 6.46 3.22 -6.79
CA GLN A 24 6.82 3.98 -7.97
C GLN A 24 5.81 5.10 -8.20
N ILE A 25 4.55 4.71 -8.28
CA ILE A 25 3.47 5.67 -8.50
C ILE A 25 3.25 6.48 -7.22
N GLY A 26 3.39 5.79 -6.10
CA GLY A 26 3.21 6.43 -4.81
C GLY A 26 4.43 6.23 -3.91
N GLN A 27 4.58 7.14 -2.96
CA GLN A 27 5.71 7.07 -2.05
C GLN A 27 5.27 6.42 -0.73
N ILE A 28 5.79 5.23 -0.50
CA ILE A 28 5.47 4.48 0.71
C ILE A 28 6.30 5.03 1.87
N SER A 29 5.61 5.44 2.92
CA SER A 29 6.26 5.98 4.10
C SER A 29 5.44 5.67 5.35
N MET A 30 6.04 4.85 6.21
CA MET A 30 5.38 4.47 7.44
C MET A 30 5.35 5.63 8.44
N LYS A 31 4.35 6.47 8.29
CA LYS A 31 4.19 7.62 9.16
C LYS A 31 3.39 7.21 10.40
N SER A 32 2.64 6.14 10.25
CA SER A 32 1.81 5.64 11.34
C SER A 32 2.45 4.37 11.92
N PRO A 33 1.81 3.85 13.01
CA PRO A 33 2.30 2.66 13.66
C PRO A 33 1.97 1.41 12.84
N GLN A 34 0.75 1.37 12.33
CA GLN A 34 0.31 0.25 11.52
C GLN A 34 -0.53 0.74 10.34
N VAL A 35 0.00 1.76 9.66
CA VAL A 35 -0.70 2.33 8.52
C VAL A 35 0.34 2.87 7.54
N ILE A 36 0.49 2.16 6.42
CA ILE A 36 1.43 2.56 5.39
C ILE A 36 0.79 3.63 4.51
N LEU A 37 1.37 4.82 4.54
CA LEU A 37 0.87 5.92 3.75
C LEU A 37 1.61 5.97 2.41
N VAL A 38 0.83 6.06 1.34
CA VAL A 38 1.40 6.11 0.01
C VAL A 38 0.96 7.41 -0.68
N ASN A 39 1.90 8.35 -0.73
CA ASN A 39 1.61 9.63 -1.35
C ASN A 39 1.60 9.46 -2.87
N MET A 40 0.45 9.76 -3.46
CA MET A 40 0.29 9.65 -4.90
C MET A 40 0.27 11.03 -5.56
N ALA A 41 1.02 11.95 -4.97
CA ALA A 41 1.11 13.30 -5.48
C ALA A 41 1.75 13.28 -6.87
N SER A 42 2.35 12.14 -7.20
CA SER A 42 3.00 11.97 -8.48
C SER A 42 2.07 11.22 -9.44
N PHE A 43 1.04 10.61 -8.87
CA PHE A 43 0.09 9.86 -9.66
C PHE A 43 -1.27 9.79 -8.95
N PRO A 44 -1.94 10.96 -8.89
CA PRO A 44 -3.25 11.05 -8.25
C PRO A 44 -4.33 10.44 -9.13
N GLU A 45 -3.98 10.24 -10.39
CA GLU A 45 -4.90 9.66 -11.35
C GLU A 45 -4.81 8.13 -11.33
N CYS A 46 -3.79 7.65 -10.64
CA CYS A 46 -3.57 6.21 -10.54
C CYS A 46 -3.78 5.79 -9.08
N THR A 47 -4.36 6.71 -8.32
CA THR A 47 -4.63 6.46 -6.92
C THR A 47 -5.42 5.16 -6.74
N ALA A 48 -6.57 5.12 -7.39
CA ALA A 48 -7.43 3.95 -7.33
C ALA A 48 -6.66 2.73 -7.81
N ALA A 49 -6.05 2.88 -8.98
CA ALA A 49 -5.28 1.80 -9.58
C ALA A 49 -4.49 1.08 -8.48
N ALA A 50 -3.74 1.88 -7.72
CA ALA A 50 -2.93 1.33 -6.64
C ALA A 50 -3.83 0.52 -5.70
N ILE A 51 -4.76 1.21 -5.07
CA ILE A 51 -5.68 0.57 -4.15
C ILE A 51 -6.06 -0.81 -4.69
N LYS A 52 -6.47 -0.81 -5.95
CA LYS A 52 -6.86 -2.06 -6.60
C LYS A 52 -5.74 -3.08 -6.46
N ALA A 53 -4.62 -2.76 -7.10
CA ALA A 53 -3.46 -3.64 -7.05
C ALA A 53 -3.42 -4.36 -5.71
N ILE A 54 -3.47 -3.57 -4.65
CA ILE A 54 -3.44 -4.13 -3.31
C ILE A 54 -4.51 -5.21 -3.18
N ARG A 55 -5.75 -4.81 -3.41
CA ARG A 55 -6.88 -5.73 -3.33
C ARG A 55 -6.71 -6.85 -4.36
N GLU A 56 -5.83 -6.61 -5.32
CA GLU A 56 -5.57 -7.58 -6.37
C GLU A 56 -4.48 -8.55 -5.94
N SER A 57 -3.52 -8.01 -5.19
CA SER A 57 -2.41 -8.81 -4.71
C SER A 57 -2.92 -10.17 -4.23
N GLY A 58 -4.06 -10.14 -3.55
CA GLY A 58 -4.65 -11.36 -3.03
C GLY A 58 -4.54 -11.42 -1.51
N MET A 59 -4.80 -10.30 -0.87
CA MET A 59 -4.73 -10.21 0.57
C MET A 59 -6.01 -9.61 1.15
N ASN A 60 -6.44 -10.17 2.28
CA ASN A 60 -7.65 -9.72 2.93
C ASN A 60 -7.37 -8.38 3.64
N LEU A 61 -6.92 -7.42 2.85
CA LEU A 61 -6.60 -6.10 3.39
C LEU A 61 -7.65 -5.10 2.89
N ASN A 62 -7.68 -3.96 3.56
CA ASN A 62 -8.62 -2.90 3.21
C ASN A 62 -7.87 -1.59 3.04
N PRO A 63 -7.41 -1.35 1.78
CA PRO A 63 -6.68 -0.13 1.47
C PRO A 63 -7.62 1.07 1.39
N GLU A 64 -7.17 2.17 1.98
CA GLU A 64 -7.96 3.39 1.98
C GLU A 64 -7.40 4.39 0.97
N VAL A 65 -8.07 5.52 0.87
CA VAL A 65 -7.65 6.57 -0.06
C VAL A 65 -8.08 7.93 0.49
N GLU A 66 -7.09 8.76 0.77
CA GLU A 66 -7.34 10.09 1.29
C GLU A 66 -6.64 11.15 0.44
N GLY A 67 -7.42 11.83 -0.37
CA GLY A 67 -6.88 12.87 -1.23
C GLY A 67 -5.86 12.28 -2.22
N THR A 68 -4.64 12.15 -1.73
CA THR A 68 -3.57 11.60 -2.56
C THR A 68 -2.71 10.62 -1.74
N LEU A 69 -3.22 10.28 -0.57
CA LEU A 69 -2.52 9.36 0.30
C LEU A 69 -3.38 8.11 0.52
N ILE A 70 -2.76 6.96 0.36
CA ILE A 70 -3.45 5.69 0.54
C ILE A 70 -3.14 5.14 1.93
N ARG A 71 -4.20 4.75 2.62
CA ARG A 71 -4.07 4.20 3.96
C ARG A 71 -4.16 2.67 3.92
N VAL A 72 -3.16 2.04 4.52
CA VAL A 72 -3.11 0.59 4.56
C VAL A 72 -2.83 0.14 5.99
N PRO A 73 -3.92 -0.22 6.71
CA PRO A 73 -3.79 -0.68 8.08
C PRO A 73 -3.24 -2.10 8.14
N ILE A 74 -2.25 -2.28 9.01
CA ILE A 74 -1.63 -3.59 9.16
C ILE A 74 -2.56 -4.49 9.99
N PRO A 75 -2.63 -5.78 9.56
CA PRO A 75 -3.47 -6.75 10.25
C PRO A 75 -2.83 -7.19 11.57
N LYS A 76 -3.20 -6.48 12.63
CA LYS A 76 -2.67 -6.79 13.94
C LYS A 76 -3.54 -6.12 15.01
N VAL A 77 -3.76 -6.84 16.09
CA VAL A 77 -4.58 -6.34 17.19
C VAL A 77 -3.72 -6.21 18.44
N THR A 78 -3.93 -5.12 19.16
CA THR A 78 -3.19 -4.86 20.38
C THR A 78 -3.90 -5.48 21.58
N SER A 79 -5.09 -4.96 21.86
CA SER A 79 -5.89 -5.45 22.97
C SER A 79 -5.17 -5.15 24.29
N GLY A 80 -5.97 -5.00 25.34
CA GLY A 80 -5.43 -4.71 26.65
C GLY A 80 -5.42 -3.20 26.92
N PRO A 81 -5.40 -2.86 28.24
CA PRO A 81 -5.39 -1.46 28.64
C PRO A 81 -4.01 -0.84 28.43
N SER A 82 -3.00 -1.49 29.00
CA SER A 82 -1.63 -1.01 28.88
C SER A 82 -0.78 -2.05 28.15
N SER A 83 -0.11 -1.61 27.10
CA SER A 83 0.74 -2.50 26.33
C SER A 83 1.85 -1.69 25.66
N GLY A 84 3.00 -1.67 26.31
CA GLY A 84 4.15 -0.94 25.80
C GLY A 84 4.81 -1.71 24.64
N GLY A 1 4.02 -2.67 16.74
CA GLY A 1 4.10 -2.52 15.29
C GLY A 1 5.54 -2.36 14.84
N SER A 2 6.13 -3.44 14.37
CA SER A 2 7.50 -3.42 13.91
C SER A 2 7.61 -2.55 12.65
N SER A 3 8.86 -2.24 12.29
CA SER A 3 9.12 -1.42 11.13
C SER A 3 10.25 -2.02 10.31
N GLY A 4 9.90 -3.04 9.52
CA GLY A 4 10.88 -3.71 8.69
C GLY A 4 10.69 -3.33 7.21
N SER A 5 10.48 -4.34 6.39
CA SER A 5 10.28 -4.13 4.97
C SER A 5 8.83 -4.43 4.59
N SER A 6 8.04 -3.38 4.51
CA SER A 6 6.64 -3.52 4.17
C SER A 6 6.48 -4.48 3.00
N GLY A 7 5.26 -4.94 2.80
CA GLY A 7 4.97 -5.88 1.73
C GLY A 7 4.11 -5.22 0.64
N LEU A 8 4.35 -3.92 0.45
CA LEU A 8 3.62 -3.16 -0.54
C LEU A 8 4.59 -2.70 -1.64
N ASP A 9 5.80 -2.36 -1.21
CA ASP A 9 6.82 -1.90 -2.13
C ASP A 9 7.00 -2.93 -3.25
N HIS A 10 6.56 -4.15 -2.96
CA HIS A 10 6.66 -5.23 -3.92
C HIS A 10 5.41 -5.27 -4.80
N ILE A 11 4.30 -4.88 -4.19
CA ILE A 11 3.03 -4.85 -4.91
C ILE A 11 3.24 -4.25 -6.30
N THR A 12 2.25 -4.46 -7.15
CA THR A 12 2.32 -3.94 -8.51
C THR A 12 1.01 -3.23 -8.87
N VAL A 13 1.16 -2.08 -9.51
CA VAL A 13 0.00 -1.30 -9.92
C VAL A 13 -0.01 -1.17 -11.45
N VAL A 14 -1.16 -1.49 -12.03
CA VAL A 14 -1.32 -1.42 -13.46
C VAL A 14 -1.49 0.04 -13.88
N THR A 15 -0.51 0.53 -14.62
CA THR A 15 -0.53 1.91 -15.09
C THR A 15 -0.87 1.95 -16.58
N ALA A 16 -1.30 3.12 -17.03
CA ALA A 16 -1.65 3.31 -18.42
C ALA A 16 -0.38 3.28 -19.27
N ASP A 17 0.16 2.08 -19.44
CA ASP A 17 1.37 1.90 -20.22
C ASP A 17 1.95 0.51 -19.94
N GLY A 18 1.78 0.08 -18.71
CA GLY A 18 2.27 -1.23 -18.30
C GLY A 18 2.07 -1.45 -16.80
N LYS A 19 3.08 -2.05 -16.18
CA LYS A 19 3.03 -2.32 -14.76
C LYS A 19 4.19 -1.61 -14.06
N VAL A 20 3.98 -1.33 -12.78
CA VAL A 20 5.00 -0.66 -11.99
C VAL A 20 4.84 -1.05 -10.52
N ALA A 21 5.84 -0.68 -9.73
CA ALA A 21 5.81 -0.98 -8.31
C ALA A 21 5.08 0.14 -7.57
N LEU A 22 4.41 -0.26 -6.49
CA LEU A 22 3.66 0.71 -5.69
C LEU A 22 4.60 1.82 -5.24
N ASN A 23 5.89 1.53 -5.29
CA ASN A 23 6.89 2.50 -4.89
C ASN A 23 7.40 3.25 -6.13
N GLN A 24 6.49 3.45 -7.07
CA GLN A 24 6.83 4.13 -8.30
C GLN A 24 5.80 5.24 -8.59
N ILE A 25 4.54 4.83 -8.62
CA ILE A 25 3.46 5.77 -8.88
C ILE A 25 3.29 6.68 -7.67
N GLY A 26 3.77 6.21 -6.54
CA GLY A 26 3.67 6.97 -5.30
C GLY A 26 4.80 6.61 -4.34
N GLN A 27 4.91 7.41 -3.28
CA GLN A 27 5.95 7.18 -2.29
C GLN A 27 5.37 6.47 -1.07
N ILE A 28 5.93 5.31 -0.77
CA ILE A 28 5.48 4.52 0.36
C ILE A 28 6.16 5.03 1.64
N SER A 29 5.33 5.46 2.58
CA SER A 29 5.83 5.97 3.84
C SER A 29 4.91 5.54 4.99
N MET A 30 5.44 4.67 5.83
CA MET A 30 4.69 4.17 6.97
C MET A 30 4.28 5.32 7.90
N LYS A 31 3.05 5.76 7.73
CA LYS A 31 2.53 6.84 8.55
C LYS A 31 2.24 6.32 9.96
N SER A 32 1.27 5.42 10.04
CA SER A 32 0.89 4.83 11.31
C SER A 32 1.82 3.67 11.65
N PRO A 33 1.91 3.37 12.98
CA PRO A 33 2.75 2.29 13.45
C PRO A 33 2.14 0.93 13.15
N GLN A 34 1.82 0.73 11.88
CA GLN A 34 1.22 -0.51 11.43
C GLN A 34 0.77 -0.41 9.98
N VAL A 35 0.15 0.72 9.67
CA VAL A 35 -0.34 0.96 8.31
C VAL A 35 0.78 1.60 7.49
N ILE A 36 0.69 1.40 6.18
CA ILE A 36 1.67 1.95 5.26
C ILE A 36 1.01 2.98 4.35
N LEU A 37 1.45 4.22 4.49
CA LEU A 37 0.91 5.31 3.69
C LEU A 37 1.63 5.35 2.35
N VAL A 38 0.91 5.82 1.34
CA VAL A 38 1.47 5.91 0.00
C VAL A 38 0.97 7.20 -0.66
N ASN A 39 1.89 8.13 -0.86
CA ASN A 39 1.56 9.40 -1.48
C ASN A 39 1.49 9.22 -2.99
N MET A 40 0.42 9.74 -3.57
CA MET A 40 0.22 9.64 -5.01
C MET A 40 0.13 11.03 -5.65
N ALA A 41 0.90 11.96 -5.08
CA ALA A 41 0.91 13.31 -5.58
C ALA A 41 1.48 13.33 -7.00
N SER A 42 2.12 12.22 -7.35
CA SER A 42 2.72 12.10 -8.67
C SER A 42 1.79 11.29 -9.58
N PHE A 43 0.81 10.64 -8.96
CA PHE A 43 -0.14 9.84 -9.71
C PHE A 43 -1.51 9.86 -9.03
N PRO A 44 -2.17 11.04 -9.11
CA PRO A 44 -3.49 11.20 -8.51
C PRO A 44 -4.56 10.51 -9.35
N GLU A 45 -4.19 10.19 -10.58
CA GLU A 45 -5.10 9.52 -11.50
C GLU A 45 -4.92 8.01 -11.42
N CYS A 46 -3.83 7.60 -10.78
CA CYS A 46 -3.53 6.19 -10.64
C CYS A 46 -3.70 5.81 -9.16
N THR A 47 -4.40 6.67 -8.45
CA THR A 47 -4.64 6.44 -7.03
C THR A 47 -5.39 5.13 -6.83
N ALA A 48 -6.53 5.01 -7.50
CA ALA A 48 -7.35 3.82 -7.39
C ALA A 48 -6.50 2.59 -7.77
N ALA A 49 -5.82 2.71 -8.90
CA ALA A 49 -4.98 1.64 -9.39
C ALA A 49 -4.26 0.99 -8.20
N ALA A 50 -3.51 1.82 -7.48
CA ALA A 50 -2.76 1.36 -6.33
C ALA A 50 -3.69 0.55 -5.42
N ILE A 51 -4.71 1.22 -4.91
CA ILE A 51 -5.68 0.59 -4.04
C ILE A 51 -6.04 -0.79 -4.58
N LYS A 52 -6.19 -0.84 -5.90
CA LYS A 52 -6.53 -2.08 -6.57
C LYS A 52 -5.46 -3.12 -6.26
N ALA A 53 -4.27 -2.88 -6.79
CA ALA A 53 -3.15 -3.79 -6.60
C ALA A 53 -3.28 -4.45 -5.22
N ILE A 54 -3.30 -3.61 -4.20
CA ILE A 54 -3.41 -4.09 -2.83
C ILE A 54 -4.55 -5.11 -2.75
N ARG A 55 -5.76 -4.62 -2.95
CA ARG A 55 -6.93 -5.48 -2.90
C ARG A 55 -6.76 -6.66 -3.84
N GLU A 56 -5.89 -6.48 -4.82
CA GLU A 56 -5.62 -7.53 -5.79
C GLU A 56 -4.33 -8.26 -5.44
N SER A 57 -3.98 -8.19 -4.16
CA SER A 57 -2.76 -8.85 -3.69
C SER A 57 -3.13 -9.99 -2.74
N GLY A 58 -4.27 -10.59 -3.00
CA GLY A 58 -4.75 -11.70 -2.19
C GLY A 58 -4.42 -11.47 -0.70
N MET A 59 -4.55 -10.22 -0.29
CA MET A 59 -4.27 -9.85 1.09
C MET A 59 -5.56 -9.60 1.87
N ASN A 60 -6.63 -9.37 1.11
CA ASN A 60 -7.92 -9.11 1.72
C ASN A 60 -7.78 -8.00 2.76
N LEU A 61 -7.23 -6.88 2.32
CA LEU A 61 -7.03 -5.74 3.20
C LEU A 61 -8.02 -4.63 2.82
N ASN A 62 -8.14 -3.66 3.71
CA ASN A 62 -9.03 -2.54 3.48
C ASN A 62 -8.22 -1.25 3.42
N PRO A 63 -7.67 -0.98 2.20
CA PRO A 63 -6.87 0.22 1.98
C PRO A 63 -7.75 1.46 1.90
N GLU A 64 -7.24 2.56 2.44
CA GLU A 64 -7.98 3.81 2.43
C GLU A 64 -7.40 4.75 1.37
N VAL A 65 -8.04 5.91 1.24
CA VAL A 65 -7.59 6.90 0.27
C VAL A 65 -8.06 8.28 0.71
N GLU A 66 -7.10 9.14 0.99
CA GLU A 66 -7.41 10.50 1.42
C GLU A 66 -6.67 11.51 0.54
N GLY A 67 -7.44 12.14 -0.35
CA GLY A 67 -6.86 13.13 -1.24
C GLY A 67 -5.99 12.48 -2.31
N THR A 68 -4.73 12.28 -1.94
CA THR A 68 -3.77 11.66 -2.85
C THR A 68 -2.90 10.65 -2.11
N LEU A 69 -3.30 10.36 -0.88
CA LEU A 69 -2.57 9.42 -0.05
C LEU A 69 -3.36 8.11 0.05
N ILE A 70 -2.63 7.03 0.28
CA ILE A 70 -3.24 5.72 0.41
C ILE A 70 -2.74 5.05 1.68
N ARG A 71 -3.69 4.69 2.53
CA ARG A 71 -3.36 4.03 3.79
C ARG A 71 -3.71 2.55 3.72
N VAL A 72 -2.76 1.72 4.12
CA VAL A 72 -2.97 0.28 4.11
C VAL A 72 -2.73 -0.27 5.52
N PRO A 73 -3.87 -0.63 6.18
CA PRO A 73 -3.80 -1.17 7.53
C PRO A 73 -3.30 -2.62 7.52
N ILE A 74 -2.25 -2.85 8.30
CA ILE A 74 -1.67 -4.18 8.38
C ILE A 74 -2.40 -4.99 9.45
N PRO A 75 -2.56 -6.31 9.19
CA PRO A 75 -3.24 -7.20 10.12
C PRO A 75 -2.35 -7.51 11.33
N LYS A 76 -2.98 -7.50 12.49
CA LYS A 76 -2.26 -7.79 13.72
C LYS A 76 -2.05 -9.30 13.86
N VAL A 77 -1.05 -9.79 13.14
CA VAL A 77 -0.74 -11.21 13.17
C VAL A 77 0.74 -11.41 12.82
N THR A 78 1.59 -10.84 13.66
CA THR A 78 3.03 -10.96 13.46
C THR A 78 3.78 -10.55 14.73
N SER A 79 4.80 -11.34 15.04
CA SER A 79 5.60 -11.08 16.23
C SER A 79 4.72 -11.04 17.47
N GLY A 80 5.35 -11.14 18.62
CA GLY A 80 4.64 -11.11 19.89
C GLY A 80 5.61 -11.18 21.07
N PRO A 81 5.13 -10.67 22.23
CA PRO A 81 5.93 -10.67 23.44
C PRO A 81 6.00 -12.07 24.05
N SER A 82 4.84 -12.72 24.08
CA SER A 82 4.76 -14.07 24.64
C SER A 82 5.07 -14.04 26.13
N SER A 83 4.13 -14.53 26.92
CA SER A 83 4.28 -14.56 28.36
C SER A 83 4.20 -13.14 28.93
N GLY A 84 4.10 -13.07 30.25
CA GLY A 84 4.01 -11.79 30.93
C GLY A 84 2.56 -11.47 31.29
N GLY A 1 13.41 7.04 7.11
CA GLY A 1 12.67 6.07 6.31
C GLY A 1 11.76 5.22 7.18
N SER A 2 11.06 4.29 6.54
CA SER A 2 10.16 3.41 7.25
C SER A 2 9.87 2.16 6.40
N SER A 3 10.65 1.13 6.67
CA SER A 3 10.50 -0.14 5.94
C SER A 3 10.83 -1.30 6.86
N GLY A 4 9.87 -2.20 6.99
CA GLY A 4 10.05 -3.37 7.84
C GLY A 4 8.96 -4.42 7.56
N SER A 5 7.89 -4.33 8.35
CA SER A 5 6.79 -5.26 8.19
C SER A 5 5.76 -4.70 7.20
N SER A 6 6.09 -4.84 5.93
CA SER A 6 5.21 -4.35 4.87
C SER A 6 5.45 -5.13 3.58
N GLY A 7 4.42 -5.18 2.75
CA GLY A 7 4.51 -5.89 1.48
C GLY A 7 3.75 -5.15 0.39
N LEU A 8 4.22 -3.94 0.11
CA LEU A 8 3.59 -3.12 -0.91
C LEU A 8 4.66 -2.62 -1.89
N ASP A 9 5.72 -2.07 -1.33
CA ASP A 9 6.82 -1.55 -2.12
C ASP A 9 7.14 -2.55 -3.24
N HIS A 10 6.86 -3.81 -2.95
CA HIS A 10 7.12 -4.88 -3.92
C HIS A 10 5.91 -5.04 -4.83
N ILE A 11 4.73 -4.97 -4.22
CA ILE A 11 3.49 -5.11 -4.97
C ILE A 11 3.58 -4.28 -6.26
N THR A 12 2.90 -4.77 -7.29
CA THR A 12 2.89 -4.08 -8.56
C THR A 12 1.50 -3.52 -8.85
N VAL A 13 1.50 -2.31 -9.43
CA VAL A 13 0.26 -1.65 -9.77
C VAL A 13 0.11 -1.58 -11.29
N VAL A 14 -1.08 -1.90 -11.76
CA VAL A 14 -1.35 -1.87 -13.19
C VAL A 14 -1.68 -0.43 -13.60
N THR A 15 -0.78 0.14 -14.39
CA THR A 15 -0.95 1.50 -14.86
C THR A 15 -1.66 1.50 -16.21
N ALA A 16 -1.77 2.69 -16.78
CA ALA A 16 -2.43 2.85 -18.07
C ALA A 16 -2.08 1.65 -18.96
N ASP A 17 -0.92 1.75 -19.59
CA ASP A 17 -0.46 0.70 -20.48
C ASP A 17 0.94 0.24 -20.03
N GLY A 18 1.02 -0.15 -18.77
CA GLY A 18 2.29 -0.61 -18.22
C GLY A 18 2.12 -1.02 -16.75
N LYS A 19 3.22 -1.52 -16.19
CA LYS A 19 3.20 -1.96 -14.80
C LYS A 19 4.37 -1.31 -14.06
N VAL A 20 4.18 -1.13 -12.76
CA VAL A 20 5.20 -0.52 -11.93
C VAL A 20 4.99 -0.96 -10.47
N ALA A 21 6.01 -0.72 -9.66
CA ALA A 21 5.95 -1.08 -8.26
C ALA A 21 5.15 -0.03 -7.50
N LEU A 22 4.55 -0.46 -6.41
CA LEU A 22 3.74 0.43 -5.58
C LEU A 22 4.63 1.56 -5.06
N ASN A 23 5.93 1.31 -5.10
CA ASN A 23 6.89 2.30 -4.63
C ASN A 23 7.42 3.10 -5.82
N GLN A 24 6.53 3.33 -6.78
CA GLN A 24 6.90 4.08 -7.97
C GLN A 24 5.85 5.17 -8.26
N ILE A 25 4.60 4.73 -8.35
CA ILE A 25 3.50 5.64 -8.61
C ILE A 25 3.28 6.53 -7.40
N GLY A 26 3.80 6.08 -6.27
CA GLY A 26 3.67 6.83 -5.03
C GLY A 26 4.80 6.48 -4.05
N GLN A 27 4.90 7.29 -3.01
CA GLN A 27 5.93 7.09 -2.00
C GLN A 27 5.34 6.40 -0.77
N ILE A 28 5.77 5.17 -0.55
CA ILE A 28 5.29 4.40 0.59
C ILE A 28 6.03 4.84 1.85
N SER A 29 5.26 5.33 2.81
CA SER A 29 5.83 5.80 4.06
C SER A 29 4.99 5.28 5.23
N MET A 30 5.51 4.24 5.88
CA MET A 30 4.83 3.65 7.01
C MET A 30 4.80 4.61 8.21
N LYS A 31 3.79 5.46 8.22
CA LYS A 31 3.64 6.43 9.30
C LYS A 31 3.43 5.68 10.61
N SER A 32 2.44 4.80 10.60
CA SER A 32 2.13 4.03 11.79
C SER A 32 2.68 2.61 11.66
N PRO A 33 2.85 1.94 12.83
CA PRO A 33 3.38 0.59 12.86
C PRO A 33 2.32 -0.42 12.40
N GLN A 34 1.79 -0.17 11.21
CA GLN A 34 0.77 -1.04 10.65
C GLN A 34 0.05 -0.34 9.49
N VAL A 35 -0.16 0.96 9.66
CA VAL A 35 -0.84 1.75 8.65
C VAL A 35 0.20 2.27 7.65
N ILE A 36 0.05 1.84 6.40
CA ILE A 36 0.96 2.26 5.35
C ILE A 36 0.39 3.49 4.64
N LEU A 37 1.24 4.49 4.48
CA LEU A 37 0.83 5.72 3.82
C LEU A 37 1.58 5.85 2.49
N VAL A 38 0.81 6.12 1.45
CA VAL A 38 1.39 6.28 0.12
C VAL A 38 0.97 7.64 -0.45
N ASN A 39 1.96 8.35 -0.99
CA ASN A 39 1.70 9.65 -1.58
C ASN A 39 1.61 9.51 -3.09
N MET A 40 0.47 9.93 -3.63
CA MET A 40 0.24 9.86 -5.05
C MET A 40 0.03 11.26 -5.65
N ALA A 41 0.75 12.22 -5.08
CA ALA A 41 0.66 13.59 -5.55
C ALA A 41 1.22 13.68 -6.96
N SER A 42 2.04 12.70 -7.31
CA SER A 42 2.65 12.67 -8.63
C SER A 42 1.86 11.72 -9.54
N PHE A 43 0.92 11.01 -8.93
CA PHE A 43 0.09 10.07 -9.67
C PHE A 43 -1.31 10.00 -9.09
N PRO A 44 -2.04 11.15 -9.20
CA PRO A 44 -3.40 11.23 -8.69
C PRO A 44 -4.37 10.48 -9.60
N GLU A 45 -3.84 10.02 -10.72
CA GLU A 45 -4.65 9.28 -11.69
C GLU A 45 -4.42 7.78 -11.54
N CYS A 46 -3.36 7.44 -10.81
CA CYS A 46 -3.01 6.06 -10.58
C CYS A 46 -3.29 5.72 -9.12
N THR A 47 -4.04 6.60 -8.47
CA THR A 47 -4.38 6.41 -7.08
C THR A 47 -5.15 5.10 -6.88
N ALA A 48 -6.31 5.04 -7.51
CA ALA A 48 -7.14 3.85 -7.42
C ALA A 48 -6.31 2.62 -7.77
N ALA A 49 -5.60 2.72 -8.89
CA ALA A 49 -4.76 1.63 -9.35
C ALA A 49 -4.06 0.99 -8.14
N ALA A 50 -3.32 1.83 -7.42
CA ALA A 50 -2.60 1.36 -6.24
C ALA A 50 -3.57 0.59 -5.34
N ILE A 51 -4.55 1.31 -4.83
CA ILE A 51 -5.55 0.71 -3.95
C ILE A 51 -5.94 -0.67 -4.49
N LYS A 52 -6.03 -0.74 -5.81
CA LYS A 52 -6.40 -1.99 -6.46
C LYS A 52 -5.35 -3.06 -6.13
N ALA A 53 -4.16 -2.86 -6.68
CA ALA A 53 -3.07 -3.79 -6.46
C ALA A 53 -3.19 -4.39 -5.07
N ILE A 54 -3.28 -3.52 -4.07
CA ILE A 54 -3.41 -3.95 -2.69
C ILE A 54 -4.55 -4.97 -2.59
N ARG A 55 -5.74 -4.51 -2.97
CA ARG A 55 -6.91 -5.37 -2.92
C ARG A 55 -6.71 -6.60 -3.80
N GLU A 56 -5.87 -6.44 -4.81
CA GLU A 56 -5.58 -7.52 -5.74
C GLU A 56 -4.68 -8.56 -5.07
N SER A 57 -3.83 -8.07 -4.18
CA SER A 57 -2.90 -8.93 -3.46
C SER A 57 -3.68 -9.84 -2.50
N GLY A 58 -3.12 -11.02 -2.28
CA GLY A 58 -3.74 -11.98 -1.39
C GLY A 58 -4.40 -11.29 -0.20
N MET A 59 -3.79 -10.18 0.22
CA MET A 59 -4.31 -9.41 1.33
C MET A 59 -5.27 -8.32 0.85
N ASN A 60 -6.48 -8.75 0.50
CA ASN A 60 -7.50 -7.83 0.03
C ASN A 60 -7.46 -6.56 0.88
N LEU A 61 -7.41 -6.77 2.19
CA LEU A 61 -7.38 -5.66 3.13
C LEU A 61 -8.43 -4.63 2.73
N ASN A 62 -8.40 -3.49 3.41
CA ASN A 62 -9.35 -2.43 3.14
C ASN A 62 -8.63 -1.08 3.19
N PRO A 63 -7.88 -0.78 2.09
CA PRO A 63 -7.15 0.46 1.99
C PRO A 63 -8.08 1.64 1.72
N GLU A 64 -7.71 2.79 2.26
CA GLU A 64 -8.50 3.99 2.08
C GLU A 64 -7.85 4.92 1.04
N VAL A 65 -8.51 6.03 0.78
CA VAL A 65 -8.02 7.00 -0.17
C VAL A 65 -8.53 8.39 0.19
N GLU A 66 -7.59 9.27 0.49
CA GLU A 66 -7.93 10.64 0.85
C GLU A 66 -7.17 11.64 -0.02
N GLY A 67 -7.89 12.22 -0.96
CA GLY A 67 -7.30 13.18 -1.87
C GLY A 67 -6.31 12.51 -2.82
N THR A 68 -5.07 12.39 -2.35
CA THR A 68 -4.02 11.77 -3.14
C THR A 68 -3.16 10.85 -2.27
N LEU A 69 -3.66 10.61 -1.06
CA LEU A 69 -2.96 9.75 -0.12
C LEU A 69 -3.70 8.42 0.01
N ILE A 70 -2.95 7.39 0.35
CA ILE A 70 -3.53 6.06 0.51
C ILE A 70 -3.14 5.51 1.89
N ARG A 71 -4.13 4.95 2.56
CA ARG A 71 -3.92 4.38 3.88
C ARG A 71 -4.13 2.86 3.84
N VAL A 72 -3.04 2.15 4.07
CA VAL A 72 -3.09 0.68 4.07
C VAL A 72 -2.83 0.17 5.49
N PRO A 73 -3.95 -0.15 6.20
CA PRO A 73 -3.85 -0.66 7.55
C PRO A 73 -3.38 -2.11 7.57
N ILE A 74 -2.47 -2.40 8.49
CA ILE A 74 -1.92 -3.74 8.61
C ILE A 74 -2.48 -4.39 9.88
N PRO A 75 -2.77 -5.71 9.77
CA PRO A 75 -3.30 -6.46 10.90
C PRO A 75 -2.21 -6.74 11.93
N LYS A 76 -2.65 -7.11 13.12
CA LYS A 76 -1.74 -7.41 14.21
C LYS A 76 -0.87 -8.62 13.82
N VAL A 77 -1.53 -9.76 13.69
CA VAL A 77 -0.84 -10.99 13.31
C VAL A 77 0.44 -11.11 14.14
N THR A 78 1.26 -12.08 13.76
CA THR A 78 2.52 -12.32 14.46
C THR A 78 3.64 -12.56 13.45
N SER A 79 4.85 -12.24 13.88
CA SER A 79 6.02 -12.41 13.04
C SER A 79 6.64 -13.79 13.28
N GLY A 80 6.83 -14.10 14.55
CA GLY A 80 7.41 -15.39 14.92
C GLY A 80 8.93 -15.29 15.01
N PRO A 81 9.52 -16.22 15.81
CA PRO A 81 10.96 -16.25 15.97
C PRO A 81 11.65 -16.84 14.73
N SER A 82 11.12 -17.96 14.29
CA SER A 82 11.67 -18.63 13.11
C SER A 82 10.55 -19.26 12.30
N SER A 83 10.07 -18.49 11.32
CA SER A 83 8.99 -18.96 10.47
C SER A 83 9.49 -19.07 9.02
N GLY A 84 9.96 -17.95 8.51
CA GLY A 84 10.48 -17.91 7.14
C GLY A 84 10.14 -16.57 6.47
N GLY A 1 15.29 3.78 -2.28
CA GLY A 1 14.82 2.59 -1.59
C GLY A 1 14.57 2.88 -0.11
N SER A 2 14.31 1.82 0.64
CA SER A 2 14.06 1.94 2.06
C SER A 2 14.08 0.56 2.72
N SER A 3 13.24 -0.32 2.21
CA SER A 3 13.15 -1.67 2.73
C SER A 3 12.70 -1.63 4.19
N GLY A 4 11.79 -2.53 4.53
CA GLY A 4 11.27 -2.61 5.88
C GLY A 4 10.53 -3.93 6.10
N SER A 5 9.36 -3.82 6.73
CA SER A 5 8.54 -4.99 7.00
C SER A 5 7.07 -4.66 6.79
N SER A 6 6.71 -4.51 5.53
CA SER A 6 5.33 -4.19 5.17
C SER A 6 4.82 -5.18 4.13
N GLY A 7 5.24 -4.97 2.89
CA GLY A 7 4.83 -5.83 1.80
C GLY A 7 3.94 -5.07 0.81
N LEU A 8 4.50 -4.01 0.25
CA LEU A 8 3.76 -3.20 -0.71
C LEU A 8 4.70 -2.77 -1.84
N ASP A 9 5.86 -2.27 -1.44
CA ASP A 9 6.86 -1.83 -2.40
C ASP A 9 7.04 -2.90 -3.47
N HIS A 10 6.74 -4.14 -3.09
CA HIS A 10 6.87 -5.26 -4.00
C HIS A 10 5.62 -5.34 -4.89
N ILE A 11 4.49 -5.06 -4.28
CA ILE A 11 3.22 -5.10 -4.99
C ILE A 11 3.36 -4.36 -6.32
N THR A 12 2.48 -4.69 -7.25
CA THR A 12 2.49 -4.05 -8.55
C THR A 12 1.15 -3.37 -8.83
N VAL A 13 1.24 -2.21 -9.46
CA VAL A 13 0.04 -1.45 -9.78
C VAL A 13 -0.10 -1.34 -11.30
N VAL A 14 -1.29 -1.62 -11.78
CA VAL A 14 -1.56 -1.54 -13.21
C VAL A 14 -1.83 -0.09 -13.61
N THR A 15 -0.94 0.44 -14.44
CA THR A 15 -1.08 1.80 -14.90
C THR A 15 -1.61 1.84 -16.34
N ALA A 16 -2.03 3.02 -16.76
CA ALA A 16 -2.55 3.20 -18.10
C ALA A 16 -1.38 3.29 -19.10
N ASP A 17 -0.61 2.22 -19.15
CA ASP A 17 0.54 2.18 -20.04
C ASP A 17 1.29 0.86 -19.82
N GLY A 18 1.33 0.45 -18.57
CA GLY A 18 2.02 -0.78 -18.21
C GLY A 18 1.90 -1.06 -16.71
N LYS A 19 2.84 -1.84 -16.21
CA LYS A 19 2.86 -2.19 -14.79
C LYS A 19 4.06 -1.54 -14.12
N VAL A 20 3.92 -1.29 -12.83
CA VAL A 20 4.99 -0.68 -12.06
C VAL A 20 4.84 -1.06 -10.59
N ALA A 21 5.91 -0.83 -9.83
CA ALA A 21 5.91 -1.15 -8.41
C ALA A 21 5.19 -0.04 -7.65
N LEU A 22 4.55 -0.43 -6.56
CA LEU A 22 3.82 0.52 -5.73
C LEU A 22 4.79 1.61 -5.26
N ASN A 23 6.07 1.30 -5.33
CA ASN A 23 7.10 2.24 -4.91
C ASN A 23 7.61 3.01 -6.13
N GLN A 24 6.69 3.25 -7.06
CA GLN A 24 7.05 3.97 -8.28
C GLN A 24 6.04 5.10 -8.53
N ILE A 25 4.77 4.70 -8.58
CA ILE A 25 3.70 5.66 -8.82
C ILE A 25 3.57 6.57 -7.60
N GLY A 26 3.64 5.96 -6.43
CA GLY A 26 3.52 6.70 -5.19
C GLY A 26 4.70 6.38 -4.25
N GLN A 27 4.79 7.17 -3.19
CA GLN A 27 5.85 6.99 -2.22
C GLN A 27 5.30 6.35 -0.94
N ILE A 28 5.83 5.18 -0.63
CA ILE A 28 5.39 4.45 0.56
C ILE A 28 6.10 5.03 1.78
N SER A 29 5.29 5.44 2.76
CA SER A 29 5.82 6.01 3.98
C SER A 29 4.97 5.55 5.18
N MET A 30 5.55 4.61 5.92
CA MET A 30 4.86 4.08 7.10
C MET A 30 4.64 5.18 8.15
N LYS A 31 3.46 5.77 8.08
CA LYS A 31 3.11 6.83 9.02
C LYS A 31 2.90 6.22 10.41
N SER A 32 1.80 5.49 10.54
CA SER A 32 1.48 4.86 11.80
C SER A 32 2.15 3.49 11.89
N PRO A 33 2.12 2.91 13.12
CA PRO A 33 2.73 1.61 13.35
C PRO A 33 1.86 0.50 12.78
N GLN A 34 0.74 0.90 12.18
CA GLN A 34 -0.18 -0.06 11.59
C GLN A 34 -0.93 0.60 10.43
N VAL A 35 -0.29 1.57 9.80
CA VAL A 35 -0.89 2.28 8.68
C VAL A 35 0.21 2.71 7.71
N ILE A 36 0.10 2.22 6.48
CA ILE A 36 1.07 2.56 5.46
C ILE A 36 0.50 3.66 4.56
N LEU A 37 1.23 4.76 4.51
CA LEU A 37 0.81 5.90 3.70
C LEU A 37 1.56 5.86 2.37
N VAL A 38 0.79 6.03 1.29
CA VAL A 38 1.37 6.01 -0.04
C VAL A 38 1.00 7.31 -0.76
N ASN A 39 1.96 8.21 -0.86
CA ASN A 39 1.75 9.47 -1.52
C ASN A 39 1.66 9.26 -3.03
N MET A 40 0.60 9.79 -3.62
CA MET A 40 0.38 9.65 -5.05
C MET A 40 0.26 11.02 -5.71
N ALA A 41 0.96 11.99 -5.14
CA ALA A 41 0.94 13.34 -5.66
C ALA A 41 1.51 13.35 -7.08
N SER A 42 2.28 12.31 -7.38
CA SER A 42 2.89 12.17 -8.69
C SER A 42 1.99 11.32 -9.59
N PHE A 43 0.99 10.72 -8.98
CA PHE A 43 0.07 9.87 -9.71
C PHE A 43 -1.33 9.92 -9.10
N PRO A 44 -1.97 11.12 -9.20
CA PRO A 44 -3.30 11.31 -8.66
C PRO A 44 -4.35 10.65 -9.54
N GLU A 45 -3.88 10.11 -10.67
CA GLU A 45 -4.77 9.44 -11.60
C GLU A 45 -4.54 7.93 -11.57
N CYS A 46 -3.62 7.53 -10.71
CA CYS A 46 -3.28 6.12 -10.57
C CYS A 46 -3.51 5.71 -9.11
N THR A 47 -4.12 6.63 -8.37
CA THR A 47 -4.40 6.37 -6.96
C THR A 47 -5.22 5.09 -6.81
N ALA A 48 -6.32 5.03 -7.54
CA ALA A 48 -7.19 3.86 -7.50
C ALA A 48 -6.37 2.62 -7.83
N ALA A 49 -5.67 2.68 -8.95
CA ALA A 49 -4.86 1.56 -9.40
C ALA A 49 -4.15 0.94 -8.20
N ALA A 50 -3.38 1.78 -7.51
CA ALA A 50 -2.65 1.31 -6.35
C ALA A 50 -3.60 0.55 -5.42
N ILE A 51 -4.61 1.26 -4.94
CA ILE A 51 -5.59 0.67 -4.04
C ILE A 51 -5.94 -0.73 -4.55
N LYS A 52 -6.47 -0.77 -5.77
CA LYS A 52 -6.85 -2.04 -6.37
C LYS A 52 -5.75 -3.07 -6.13
N ALA A 53 -4.58 -2.78 -6.71
CA ALA A 53 -3.44 -3.67 -6.58
C ALA A 53 -3.50 -4.37 -5.22
N ILE A 54 -3.44 -3.57 -4.17
CA ILE A 54 -3.49 -4.10 -2.82
C ILE A 54 -4.62 -5.12 -2.71
N ARG A 55 -5.81 -4.68 -3.10
CA ARG A 55 -6.98 -5.54 -3.06
C ARG A 55 -6.72 -6.81 -3.87
N GLU A 56 -6.25 -6.61 -5.09
CA GLU A 56 -5.97 -7.73 -5.98
C GLU A 56 -4.93 -8.64 -5.36
N SER A 57 -4.02 -8.04 -4.59
CA SER A 57 -2.98 -8.79 -3.93
C SER A 57 -3.58 -9.84 -2.99
N GLY A 58 -2.93 -10.98 -2.93
CA GLY A 58 -3.39 -12.07 -2.08
C GLY A 58 -3.24 -11.70 -0.60
N MET A 59 -3.88 -10.62 -0.21
CA MET A 59 -3.82 -10.15 1.16
C MET A 59 -5.23 -9.96 1.74
N ASN A 60 -6.12 -9.48 0.88
CA ASN A 60 -7.50 -9.25 1.29
C ASN A 60 -7.53 -8.19 2.38
N LEU A 61 -7.09 -6.99 2.01
CA LEU A 61 -7.06 -5.88 2.95
C LEU A 61 -8.01 -4.78 2.45
N ASN A 62 -8.26 -3.82 3.33
CA ASN A 62 -9.14 -2.72 3.01
C ASN A 62 -8.34 -1.41 3.04
N PRO A 63 -7.70 -1.09 1.89
CA PRO A 63 -6.91 0.12 1.77
C PRO A 63 -7.81 1.35 1.66
N GLU A 64 -7.30 2.46 2.18
CA GLU A 64 -8.04 3.71 2.14
C GLU A 64 -7.40 4.67 1.14
N VAL A 65 -8.03 5.83 0.99
CA VAL A 65 -7.54 6.84 0.07
C VAL A 65 -8.02 8.22 0.53
N GLU A 66 -7.05 9.08 0.83
CA GLU A 66 -7.37 10.43 1.27
C GLU A 66 -6.63 11.46 0.42
N GLY A 67 -7.38 12.10 -0.47
CA GLY A 67 -6.82 13.10 -1.35
C GLY A 67 -5.87 12.46 -2.37
N THR A 68 -4.63 12.29 -1.94
CA THR A 68 -3.62 11.69 -2.80
C THR A 68 -2.71 10.76 -1.99
N LEU A 69 -3.18 10.43 -0.78
CA LEU A 69 -2.43 9.54 0.09
C LEU A 69 -3.29 8.34 0.45
N ILE A 70 -2.78 7.15 0.11
CA ILE A 70 -3.49 5.92 0.38
C ILE A 70 -3.12 5.42 1.78
N ARG A 71 -4.14 4.99 2.50
CA ARG A 71 -3.93 4.49 3.85
C ARG A 71 -4.15 2.97 3.90
N VAL A 72 -3.13 2.27 4.35
CA VAL A 72 -3.20 0.83 4.46
C VAL A 72 -3.05 0.41 5.91
N PRO A 73 -4.22 0.16 6.57
CA PRO A 73 -4.22 -0.24 7.96
C PRO A 73 -3.79 -1.70 8.12
N ILE A 74 -2.81 -1.92 8.99
CA ILE A 74 -2.31 -3.25 9.23
C ILE A 74 -3.16 -3.93 10.30
N PRO A 75 -3.43 -5.24 10.08
CA PRO A 75 -4.23 -6.01 11.02
C PRO A 75 -3.42 -6.36 12.27
N LYS A 76 -3.92 -7.34 13.01
CA LYS A 76 -3.26 -7.78 14.22
C LYS A 76 -2.02 -8.60 13.85
N VAL A 77 -0.94 -8.34 14.60
CA VAL A 77 0.30 -9.04 14.35
C VAL A 77 0.02 -10.53 14.15
N THR A 78 0.50 -11.03 13.02
CA THR A 78 0.31 -12.43 12.69
C THR A 78 1.62 -13.21 12.88
N SER A 79 2.61 -12.84 12.10
CA SER A 79 3.90 -13.49 12.16
C SER A 79 4.81 -12.75 13.16
N GLY A 80 4.99 -13.36 14.32
CA GLY A 80 5.82 -12.77 15.35
C GLY A 80 7.19 -12.38 14.79
N PRO A 81 7.40 -11.04 14.63
CA PRO A 81 8.65 -10.53 14.10
C PRO A 81 9.75 -10.60 15.16
N SER A 82 10.98 -10.37 14.71
CA SER A 82 12.12 -10.41 15.60
C SER A 82 12.16 -9.12 16.45
N SER A 83 12.36 -8.01 15.76
CA SER A 83 12.42 -6.72 16.43
C SER A 83 12.43 -5.59 15.40
N GLY A 84 11.28 -4.93 15.28
CA GLY A 84 11.15 -3.83 14.33
C GLY A 84 10.06 -2.86 14.79
N GLY A 1 10.73 -2.31 9.88
CA GLY A 1 11.29 -2.35 11.21
C GLY A 1 10.85 -3.61 11.96
N SER A 2 10.49 -3.41 13.22
CA SER A 2 10.04 -4.52 14.06
C SER A 2 8.51 -4.49 14.19
N SER A 3 7.92 -5.67 14.13
CA SER A 3 6.48 -5.80 14.25
C SER A 3 5.80 -4.98 13.14
N GLY A 4 5.40 -5.68 12.09
CA GLY A 4 4.73 -5.04 10.98
C GLY A 4 5.07 -5.74 9.66
N SER A 5 6.11 -5.25 9.01
CA SER A 5 6.55 -5.83 7.75
C SER A 5 5.52 -5.53 6.65
N SER A 6 5.67 -4.35 6.05
CA SER A 6 4.77 -3.93 4.99
C SER A 6 4.92 -4.85 3.78
N GLY A 7 3.85 -4.93 2.99
CA GLY A 7 3.86 -5.76 1.80
C GLY A 7 3.14 -5.06 0.65
N LEU A 8 3.62 -3.88 0.32
CA LEU A 8 3.04 -3.11 -0.76
C LEU A 8 4.14 -2.70 -1.74
N ASP A 9 5.23 -2.20 -1.19
CA ASP A 9 6.36 -1.77 -2.00
C ASP A 9 6.63 -2.83 -3.08
N HIS A 10 6.40 -4.07 -2.71
CA HIS A 10 6.63 -5.18 -3.63
C HIS A 10 5.44 -5.29 -4.58
N ILE A 11 4.25 -5.07 -4.03
CA ILE A 11 3.04 -5.15 -4.81
C ILE A 11 3.21 -4.34 -6.10
N THR A 12 2.53 -4.80 -7.15
CA THR A 12 2.61 -4.13 -8.43
C THR A 12 1.25 -3.50 -8.79
N VAL A 13 1.32 -2.32 -9.38
CA VAL A 13 0.11 -1.61 -9.77
C VAL A 13 0.07 -1.49 -11.29
N VAL A 14 -1.09 -1.82 -11.84
CA VAL A 14 -1.27 -1.75 -13.28
C VAL A 14 -1.56 -0.30 -13.69
N THR A 15 -0.63 0.25 -14.46
CA THR A 15 -0.77 1.62 -14.92
C THR A 15 -0.93 1.66 -16.44
N ALA A 16 -1.10 2.87 -16.96
CA ALA A 16 -1.27 3.05 -18.39
C ALA A 16 -0.05 2.49 -19.12
N ASP A 17 1.12 2.98 -18.74
CA ASP A 17 2.36 2.53 -19.35
C ASP A 17 2.39 1.01 -19.36
N GLY A 18 2.05 0.43 -18.22
CA GLY A 18 2.03 -1.02 -18.09
C GLY A 18 1.92 -1.44 -16.61
N LYS A 19 3.04 -1.88 -16.07
CA LYS A 19 3.09 -2.32 -14.68
C LYS A 19 4.24 -1.62 -13.97
N VAL A 20 4.00 -1.28 -12.71
CA VAL A 20 5.00 -0.61 -11.91
C VAL A 20 4.81 -0.98 -10.43
N ALA A 21 5.86 -0.74 -9.66
CA ALA A 21 5.82 -1.04 -8.24
C ALA A 21 4.97 0.01 -7.51
N LEU A 22 4.45 -0.39 -6.36
CA LEU A 22 3.62 0.50 -5.57
C LEU A 22 4.48 1.66 -5.05
N ASN A 23 5.78 1.45 -5.09
CA ASN A 23 6.72 2.46 -4.62
C ASN A 23 7.23 3.26 -5.82
N GLN A 24 6.38 3.36 -6.83
CA GLN A 24 6.73 4.10 -8.04
C GLN A 24 5.67 5.17 -8.32
N ILE A 25 4.43 4.72 -8.43
CA ILE A 25 3.32 5.63 -8.70
C ILE A 25 3.08 6.51 -7.47
N GLY A 26 3.52 6.01 -6.33
CA GLY A 26 3.35 6.74 -5.08
C GLY A 26 4.54 6.50 -4.15
N GLN A 27 4.72 7.43 -3.22
CA GLN A 27 5.80 7.35 -2.26
C GLN A 27 5.34 6.65 -0.99
N ILE A 28 5.82 5.43 -0.80
CA ILE A 28 5.45 4.65 0.38
C ILE A 28 6.28 5.14 1.57
N SER A 29 5.57 5.54 2.61
CA SER A 29 6.21 6.02 3.82
C SER A 29 5.46 5.52 5.06
N MET A 30 6.02 4.51 5.69
CA MET A 30 5.40 3.93 6.87
C MET A 30 5.42 4.93 8.04
N LYS A 31 4.27 5.53 8.28
CA LYS A 31 4.15 6.50 9.36
C LYS A 31 3.87 5.77 10.68
N SER A 32 2.66 5.23 10.77
CA SER A 32 2.25 4.50 11.96
C SER A 32 2.92 3.12 11.98
N PRO A 33 2.80 2.44 13.16
CA PRO A 33 3.39 1.13 13.33
C PRO A 33 2.57 0.07 12.60
N GLN A 34 1.50 0.52 11.96
CA GLN A 34 0.63 -0.37 11.22
C GLN A 34 -0.19 0.41 10.19
N VAL A 35 0.49 1.31 9.49
CA VAL A 35 -0.15 2.14 8.49
C VAL A 35 0.85 2.47 7.39
N ILE A 36 0.51 2.06 6.17
CA ILE A 36 1.36 2.30 5.02
C ILE A 36 0.82 3.49 4.23
N LEU A 37 1.54 4.60 4.34
CA LEU A 37 1.14 5.81 3.63
C LEU A 37 1.79 5.84 2.25
N VAL A 38 0.99 6.20 1.26
CA VAL A 38 1.47 6.26 -0.10
C VAL A 38 0.92 7.52 -0.78
N ASN A 39 1.81 8.49 -0.99
CA ASN A 39 1.43 9.74 -1.61
C ASN A 39 1.36 9.54 -3.13
N MET A 40 0.23 9.94 -3.69
CA MET A 40 0.02 9.82 -5.13
C MET A 40 -0.16 11.19 -5.78
N ALA A 41 0.59 12.15 -5.25
CA ALA A 41 0.52 13.51 -5.77
C ALA A 41 1.07 13.54 -7.21
N SER A 42 1.92 12.55 -7.49
CA SER A 42 2.52 12.45 -8.82
C SER A 42 1.72 11.47 -9.67
N PHE A 43 0.67 10.91 -9.07
CA PHE A 43 -0.18 9.97 -9.77
C PHE A 43 -1.57 9.92 -9.15
N PRO A 44 -2.30 11.05 -9.27
CA PRO A 44 -3.65 11.16 -8.72
C PRO A 44 -4.65 10.37 -9.59
N GLU A 45 -4.19 10.01 -10.78
CA GLU A 45 -5.03 9.27 -11.71
C GLU A 45 -4.75 7.76 -11.59
N CYS A 46 -3.70 7.45 -10.85
CA CYS A 46 -3.31 6.06 -10.65
C CYS A 46 -3.52 5.71 -9.17
N THR A 47 -4.32 6.54 -8.51
CA THR A 47 -4.59 6.33 -7.10
C THR A 47 -5.35 5.02 -6.88
N ALA A 48 -6.54 4.97 -7.45
CA ALA A 48 -7.38 3.78 -7.33
C ALA A 48 -6.56 2.55 -7.74
N ALA A 49 -5.90 2.67 -8.87
CA ALA A 49 -5.09 1.58 -9.38
C ALA A 49 -4.33 0.93 -8.22
N ALA A 50 -3.56 1.75 -7.53
CA ALA A 50 -2.79 1.26 -6.40
C ALA A 50 -3.70 0.46 -5.46
N ILE A 51 -4.66 1.17 -4.88
CA ILE A 51 -5.61 0.54 -3.98
C ILE A 51 -5.98 -0.85 -4.51
N LYS A 52 -6.53 -0.86 -5.71
CA LYS A 52 -6.93 -2.11 -6.34
C LYS A 52 -5.82 -3.14 -6.16
N ALA A 53 -4.68 -2.83 -6.75
CA ALA A 53 -3.54 -3.73 -6.67
C ALA A 53 -3.54 -4.44 -5.32
N ILE A 54 -3.46 -3.65 -4.26
CA ILE A 54 -3.46 -4.18 -2.91
C ILE A 54 -4.58 -5.22 -2.78
N ARG A 55 -5.78 -4.80 -3.17
CA ARG A 55 -6.93 -5.68 -3.11
C ARG A 55 -6.69 -6.94 -3.93
N GLU A 56 -5.83 -6.80 -4.94
CA GLU A 56 -5.50 -7.92 -5.81
C GLU A 56 -4.34 -8.72 -5.23
N SER A 57 -3.50 -8.02 -4.48
CA SER A 57 -2.35 -8.66 -3.87
C SER A 57 -2.71 -10.06 -3.39
N GLY A 58 -3.91 -10.17 -2.84
CA GLY A 58 -4.39 -11.45 -2.34
C GLY A 58 -4.54 -11.43 -0.82
N MET A 59 -4.82 -10.24 -0.30
CA MET A 59 -4.99 -10.06 1.14
C MET A 59 -6.43 -9.67 1.47
N ASN A 60 -7.08 -9.06 0.49
CA ASN A 60 -8.46 -8.62 0.67
C ASN A 60 -8.50 -7.49 1.70
N LEU A 61 -7.32 -6.96 1.99
CA LEU A 61 -7.22 -5.88 2.96
C LEU A 61 -8.13 -4.73 2.52
N ASN A 62 -8.26 -3.75 3.42
CA ASN A 62 -9.08 -2.59 3.14
C ASN A 62 -8.22 -1.33 3.18
N PRO A 63 -7.62 -1.01 2.00
CA PRO A 63 -6.77 0.16 1.88
C PRO A 63 -7.61 1.43 1.83
N GLU A 64 -7.11 2.47 2.50
CA GLU A 64 -7.80 3.74 2.54
C GLU A 64 -7.11 4.75 1.62
N VAL A 65 -7.87 5.73 1.17
CA VAL A 65 -7.34 6.75 0.30
C VAL A 65 -8.04 8.09 0.60
N GLU A 66 -7.22 9.11 0.82
CA GLU A 66 -7.74 10.43 1.11
C GLU A 66 -7.12 11.47 0.17
N GLY A 67 -7.92 11.90 -0.80
CA GLY A 67 -7.46 12.87 -1.76
C GLY A 67 -6.45 12.27 -2.73
N THR A 68 -5.19 12.29 -2.29
CA THR A 68 -4.11 11.74 -3.11
C THR A 68 -3.21 10.85 -2.25
N LEU A 69 -3.64 10.62 -1.02
CA LEU A 69 -2.87 9.79 -0.11
C LEU A 69 -3.59 8.45 0.08
N ILE A 70 -2.80 7.43 0.40
CA ILE A 70 -3.34 6.10 0.60
C ILE A 70 -2.86 5.56 1.95
N ARG A 71 -3.83 5.20 2.78
CA ARG A 71 -3.52 4.68 4.10
C ARG A 71 -3.86 3.18 4.15
N VAL A 72 -2.83 2.38 4.40
CA VAL A 72 -3.01 0.95 4.49
C VAL A 72 -2.72 0.49 5.92
N PRO A 73 -3.81 0.24 6.68
CA PRO A 73 -3.69 -0.20 8.05
C PRO A 73 -3.28 -1.67 8.12
N ILE A 74 -2.12 -1.90 8.74
CA ILE A 74 -1.61 -3.25 8.88
C ILE A 74 -2.41 -3.99 9.95
N PRO A 75 -2.68 -5.29 9.66
CA PRO A 75 -3.43 -6.12 10.60
C PRO A 75 -2.57 -6.52 11.80
N LYS A 76 -3.03 -7.55 12.49
CA LYS A 76 -2.32 -8.03 13.66
C LYS A 76 -0.88 -8.38 13.27
N VAL A 77 -0.15 -8.91 14.24
CA VAL A 77 1.24 -9.29 14.01
C VAL A 77 1.32 -10.80 13.80
N THR A 78 0.16 -11.40 13.59
CA THR A 78 0.09 -12.84 13.38
C THR A 78 -0.85 -13.17 12.22
N SER A 79 -0.69 -12.42 11.14
CA SER A 79 -1.52 -12.62 9.96
C SER A 79 -0.71 -12.31 8.70
N GLY A 80 -1.26 -12.75 7.57
CA GLY A 80 -0.60 -12.53 6.29
C GLY A 80 0.83 -13.07 6.30
N PRO A 81 1.51 -12.93 5.14
CA PRO A 81 2.88 -13.39 4.99
C PRO A 81 3.86 -12.46 5.72
N SER A 82 3.91 -12.62 7.03
CA SER A 82 4.80 -11.80 7.85
C SER A 82 6.11 -12.54 8.09
N SER A 83 7.11 -11.77 8.50
CA SER A 83 8.43 -12.33 8.76
C SER A 83 8.82 -13.28 7.64
N GLY A 84 9.43 -12.71 6.60
CA GLY A 84 9.87 -13.50 5.46
C GLY A 84 8.67 -14.17 4.78
N GLY A 1 12.06 -3.22 18.97
CA GLY A 1 11.91 -4.60 18.53
C GLY A 1 12.23 -4.74 17.03
N SER A 2 11.18 -4.99 16.26
CA SER A 2 11.34 -5.15 14.82
C SER A 2 10.03 -4.82 14.11
N SER A 3 10.14 -4.45 12.85
CA SER A 3 8.97 -4.12 12.05
C SER A 3 8.93 -4.98 10.80
N GLY A 4 7.80 -5.66 10.62
CA GLY A 4 7.62 -6.52 9.48
C GLY A 4 7.65 -5.72 8.17
N SER A 5 8.50 -6.17 7.26
CA SER A 5 8.64 -5.51 5.97
C SER A 5 7.31 -5.51 5.24
N SER A 6 6.85 -4.31 4.90
CA SER A 6 5.58 -4.16 4.19
C SER A 6 5.64 -4.90 2.85
N GLY A 7 4.53 -5.51 2.51
CA GLY A 7 4.44 -6.25 1.26
C GLY A 7 3.65 -5.47 0.21
N LEU A 8 4.16 -4.29 -0.11
CA LEU A 8 3.51 -3.43 -1.09
C LEU A 8 4.56 -2.96 -2.11
N ASP A 9 5.68 -2.49 -1.59
CA ASP A 9 6.76 -2.01 -2.44
C ASP A 9 7.04 -3.05 -3.53
N HIS A 10 6.80 -4.31 -3.18
CA HIS A 10 7.02 -5.39 -4.12
C HIS A 10 5.82 -5.54 -5.04
N ILE A 11 4.65 -5.22 -4.49
CA ILE A 11 3.41 -5.31 -5.25
C ILE A 11 3.51 -4.40 -6.48
N THR A 12 2.88 -4.84 -7.55
CA THR A 12 2.90 -4.08 -8.79
C THR A 12 1.51 -3.48 -9.06
N VAL A 13 1.51 -2.25 -9.54
CA VAL A 13 0.28 -1.56 -9.84
C VAL A 13 0.12 -1.41 -11.36
N VAL A 14 -1.03 -1.86 -11.85
CA VAL A 14 -1.31 -1.79 -13.26
C VAL A 14 -1.68 -0.35 -13.64
N THR A 15 -0.82 0.25 -14.46
CA THR A 15 -1.05 1.62 -14.90
C THR A 15 -1.56 1.63 -16.34
N ALA A 16 -1.91 2.83 -16.80
CA ALA A 16 -2.41 3.00 -18.15
C ALA A 16 -1.23 3.14 -19.11
N ASP A 17 -0.50 2.05 -19.27
CA ASP A 17 0.65 2.04 -20.16
C ASP A 17 1.46 0.76 -19.92
N GLY A 18 1.47 0.32 -18.67
CA GLY A 18 2.19 -0.88 -18.29
C GLY A 18 2.02 -1.18 -16.81
N LYS A 19 3.10 -1.67 -16.21
CA LYS A 19 3.08 -2.01 -14.79
C LYS A 19 4.26 -1.31 -14.09
N VAL A 20 4.05 -1.04 -12.81
CA VAL A 20 5.08 -0.39 -12.02
C VAL A 20 4.96 -0.83 -10.57
N ALA A 21 5.99 -0.53 -9.79
CA ALA A 21 6.01 -0.88 -8.38
C ALA A 21 5.19 0.15 -7.59
N LEU A 22 4.67 -0.31 -6.46
CA LEU A 22 3.87 0.56 -5.61
C LEU A 22 4.76 1.67 -5.05
N ASN A 23 6.06 1.49 -5.21
CA ASN A 23 7.01 2.47 -4.74
C ASN A 23 7.49 3.33 -5.91
N GLN A 24 6.60 3.50 -6.87
CA GLN A 24 6.92 4.29 -8.05
C GLN A 24 5.83 5.34 -8.29
N ILE A 25 4.59 4.87 -8.36
CA ILE A 25 3.46 5.75 -8.58
C ILE A 25 3.17 6.53 -7.30
N GLY A 26 3.52 5.92 -6.18
CA GLY A 26 3.30 6.55 -4.88
C GLY A 26 4.49 6.31 -3.96
N GLN A 27 4.68 7.25 -3.05
CA GLN A 27 5.77 7.16 -2.09
C GLN A 27 5.30 6.51 -0.79
N ILE A 28 5.85 5.35 -0.50
CA ILE A 28 5.49 4.61 0.69
C ILE A 28 6.22 5.22 1.89
N SER A 29 5.44 5.64 2.88
CA SER A 29 6.00 6.24 4.08
C SER A 29 5.18 5.83 5.30
N MET A 30 5.74 4.90 6.07
CA MET A 30 5.06 4.43 7.27
C MET A 30 4.83 5.57 8.26
N LYS A 31 3.55 5.84 8.51
CA LYS A 31 3.18 6.90 9.43
C LYS A 31 2.86 6.29 10.80
N SER A 32 1.80 5.50 10.81
CA SER A 32 1.37 4.85 12.04
C SER A 32 2.19 3.57 12.28
N PRO A 33 1.88 2.90 13.42
CA PRO A 33 2.59 1.67 13.76
C PRO A 33 2.10 0.50 12.90
N GLN A 34 1.04 0.76 12.14
CA GLN A 34 0.49 -0.26 11.27
C GLN A 34 -0.35 0.39 10.16
N VAL A 35 0.26 1.40 9.54
CA VAL A 35 -0.42 2.11 8.46
C VAL A 35 0.62 2.60 7.45
N ILE A 36 0.49 2.11 6.22
CA ILE A 36 1.41 2.48 5.16
C ILE A 36 0.77 3.58 4.31
N LEU A 37 1.36 4.76 4.38
CA LEU A 37 0.87 5.89 3.62
C LEU A 37 1.61 5.98 2.28
N VAL A 38 0.83 6.04 1.21
CA VAL A 38 1.40 6.11 -0.13
C VAL A 38 0.94 7.41 -0.79
N ASN A 39 1.86 8.38 -0.83
CA ASN A 39 1.56 9.66 -1.43
C ASN A 39 1.53 9.51 -2.96
N MET A 40 0.37 9.80 -3.52
CA MET A 40 0.20 9.70 -4.96
C MET A 40 0.09 11.09 -5.60
N ALA A 41 0.87 12.02 -5.08
CA ALA A 41 0.86 13.37 -5.59
C ALA A 41 1.45 13.40 -7.00
N SER A 42 2.23 12.37 -7.30
CA SER A 42 2.86 12.26 -8.60
C SER A 42 1.99 11.42 -9.53
N PHE A 43 1.03 10.72 -8.93
CA PHE A 43 0.12 9.88 -9.70
C PHE A 43 -1.24 9.78 -9.01
N PRO A 44 -1.96 10.93 -9.02
CA PRO A 44 -3.28 10.99 -8.41
C PRO A 44 -4.32 10.29 -9.28
N GLU A 45 -3.97 10.12 -10.54
CA GLU A 45 -4.86 9.46 -11.49
C GLU A 45 -4.69 7.94 -11.42
N CYS A 46 -3.60 7.53 -10.79
CA CYS A 46 -3.31 6.11 -10.64
C CYS A 46 -3.51 5.73 -9.17
N THR A 47 -4.21 6.60 -8.45
CA THR A 47 -4.49 6.37 -7.05
C THR A 47 -5.25 5.06 -6.87
N ALA A 48 -6.41 4.99 -7.53
CA ALA A 48 -7.24 3.80 -7.45
C ALA A 48 -6.42 2.58 -7.86
N ALA A 49 -5.73 2.72 -8.99
CA ALA A 49 -4.91 1.64 -9.51
C ALA A 49 -4.19 0.95 -8.35
N ALA A 50 -3.43 1.76 -7.61
CA ALA A 50 -2.68 1.23 -6.47
C ALA A 50 -3.63 0.43 -5.58
N ILE A 51 -4.62 1.11 -5.05
CA ILE A 51 -5.58 0.48 -4.17
C ILE A 51 -5.97 -0.88 -4.76
N LYS A 52 -6.15 -0.89 -6.07
CA LYS A 52 -6.52 -2.12 -6.76
C LYS A 52 -5.47 -3.19 -6.51
N ALA A 53 -4.27 -2.92 -7.02
CA ALA A 53 -3.16 -3.85 -6.86
C ALA A 53 -3.32 -4.59 -5.53
N ILE A 54 -3.32 -3.82 -4.46
CA ILE A 54 -3.46 -4.38 -3.12
C ILE A 54 -4.67 -5.32 -3.09
N ARG A 55 -5.82 -4.75 -3.42
CA ARG A 55 -7.06 -5.51 -3.45
C ARG A 55 -6.86 -6.80 -4.24
N GLU A 56 -6.28 -6.66 -5.42
CA GLU A 56 -6.04 -7.80 -6.29
C GLU A 56 -5.07 -8.76 -5.63
N SER A 57 -4.11 -8.20 -4.91
CA SER A 57 -3.11 -9.01 -4.22
C SER A 57 -3.81 -10.05 -3.35
N GLY A 58 -5.06 -9.78 -3.04
CA GLY A 58 -5.84 -10.70 -2.20
C GLY A 58 -5.14 -10.94 -0.86
N MET A 59 -5.07 -9.88 -0.07
CA MET A 59 -4.44 -9.97 1.23
C MET A 59 -5.44 -9.68 2.35
N ASN A 60 -6.72 -9.77 1.99
CA ASN A 60 -7.79 -9.52 2.95
C ASN A 60 -7.55 -8.17 3.61
N LEU A 61 -6.77 -7.33 2.94
CA LEU A 61 -6.47 -6.00 3.46
C LEU A 61 -7.62 -5.05 3.13
N ASN A 62 -7.41 -3.78 3.42
CA ASN A 62 -8.41 -2.78 3.16
C ASN A 62 -7.74 -1.39 3.07
N PRO A 63 -7.21 -1.09 1.86
CA PRO A 63 -6.54 0.17 1.63
C PRO A 63 -7.54 1.31 1.51
N GLU A 64 -7.13 2.49 1.98
CA GLU A 64 -7.99 3.66 1.93
C GLU A 64 -7.47 4.65 0.87
N VAL A 65 -8.20 5.74 0.73
CA VAL A 65 -7.84 6.77 -0.23
C VAL A 65 -8.29 8.13 0.29
N GLU A 66 -7.31 8.97 0.60
CA GLU A 66 -7.59 10.29 1.11
C GLU A 66 -6.84 11.34 0.29
N GLY A 67 -7.59 12.03 -0.57
CA GLY A 67 -7.01 13.06 -1.41
C GLY A 67 -6.02 12.45 -2.41
N THR A 68 -4.80 12.26 -1.93
CA THR A 68 -3.75 11.69 -2.77
C THR A 68 -2.83 10.81 -1.93
N LEU A 69 -3.32 10.42 -0.77
CA LEU A 69 -2.55 9.57 0.14
C LEU A 69 -3.35 8.31 0.45
N ILE A 70 -2.80 7.18 0.04
CA ILE A 70 -3.46 5.90 0.27
C ILE A 70 -3.07 5.38 1.65
N ARG A 71 -4.05 4.80 2.33
CA ARG A 71 -3.83 4.26 3.65
C ARG A 71 -3.90 2.73 3.62
N VAL A 72 -2.90 2.10 4.23
CA VAL A 72 -2.83 0.66 4.27
C VAL A 72 -2.59 0.21 5.71
N PRO A 73 -3.71 -0.17 6.40
CA PRO A 73 -3.62 -0.62 7.78
C PRO A 73 -3.05 -2.03 7.85
N ILE A 74 -2.04 -2.18 8.70
CA ILE A 74 -1.40 -3.47 8.88
C ILE A 74 -2.20 -4.31 9.88
N PRO A 75 -2.32 -5.63 9.56
CA PRO A 75 -3.07 -6.53 10.43
C PRO A 75 -2.26 -6.87 11.68
N LYS A 76 -2.86 -6.54 12.83
CA LYS A 76 -2.21 -6.80 14.10
C LYS A 76 -3.13 -6.35 15.24
N VAL A 77 -2.89 -6.90 16.41
CA VAL A 77 -3.68 -6.56 17.58
C VAL A 77 -3.59 -5.06 17.83
N THR A 78 -4.72 -4.38 17.61
CA THR A 78 -4.78 -2.94 17.80
C THR A 78 -4.01 -2.54 19.07
N SER A 79 -3.35 -1.40 18.98
CA SER A 79 -2.58 -0.89 20.09
C SER A 79 -3.46 -0.04 21.00
N GLY A 80 -3.36 -0.30 22.30
CA GLY A 80 -4.14 0.43 23.27
C GLY A 80 -3.96 1.94 23.10
N PRO A 81 -4.98 2.70 23.60
CA PRO A 81 -4.94 4.14 23.50
C PRO A 81 -3.96 4.74 24.51
N SER A 82 -3.67 6.02 24.34
CA SER A 82 -2.75 6.71 25.22
C SER A 82 -3.34 8.06 25.63
N SER A 83 -3.19 8.37 26.91
CA SER A 83 -3.69 9.62 27.45
C SER A 83 -5.22 9.65 27.34
N GLY A 84 -5.85 10.12 28.41
CA GLY A 84 -7.30 10.21 28.45
C GLY A 84 -7.82 10.00 29.87
N GLY A 1 17.06 -6.86 5.22
CA GLY A 1 16.24 -7.31 6.34
C GLY A 1 15.98 -8.83 6.24
N SER A 2 15.10 -9.29 7.11
CA SER A 2 14.76 -10.70 7.13
C SER A 2 13.97 -11.07 5.88
N SER A 3 12.85 -10.38 5.70
CA SER A 3 12.00 -10.62 4.55
C SER A 3 11.19 -9.37 4.23
N GLY A 4 10.46 -8.90 5.24
CA GLY A 4 9.64 -7.71 5.07
C GLY A 4 8.34 -7.83 5.87
N SER A 5 7.61 -6.73 5.91
CA SER A 5 6.35 -6.69 6.63
C SER A 5 5.26 -6.05 5.77
N SER A 6 5.49 -4.78 5.45
CA SER A 6 4.55 -4.03 4.63
C SER A 6 4.10 -4.89 3.44
N GLY A 7 4.99 -5.04 2.48
CA GLY A 7 4.70 -5.83 1.30
C GLY A 7 3.94 -5.00 0.26
N LEU A 8 4.51 -3.84 -0.06
CA LEU A 8 3.90 -2.96 -1.03
C LEU A 8 4.90 -2.64 -2.14
N ASP A 9 6.09 -2.25 -1.71
CA ASP A 9 7.15 -1.91 -2.65
C ASP A 9 7.23 -3.00 -3.73
N HIS A 10 6.92 -4.21 -3.32
CA HIS A 10 6.96 -5.35 -4.23
C HIS A 10 5.66 -5.38 -5.04
N ILE A 11 4.57 -5.07 -4.38
CA ILE A 11 3.27 -5.06 -5.02
C ILE A 11 3.34 -4.24 -6.32
N THR A 12 2.58 -4.68 -7.31
CA THR A 12 2.56 -4.00 -8.58
C THR A 12 1.20 -3.34 -8.83
N VAL A 13 1.24 -2.17 -9.43
CA VAL A 13 0.02 -1.43 -9.72
C VAL A 13 -0.12 -1.26 -11.24
N VAL A 14 -1.24 -1.74 -11.75
CA VAL A 14 -1.51 -1.64 -13.17
C VAL A 14 -1.83 -0.19 -13.53
N THR A 15 -0.89 0.43 -14.23
CA THR A 15 -1.06 1.82 -14.64
C THR A 15 -1.29 1.89 -16.16
N ALA A 16 -1.35 3.13 -16.65
CA ALA A 16 -1.56 3.36 -18.06
C ALA A 16 -0.47 2.63 -18.86
N ASP A 17 0.75 3.08 -18.68
CA ASP A 17 1.88 2.50 -19.38
C ASP A 17 1.73 0.97 -19.38
N GLY A 18 1.62 0.42 -18.18
CA GLY A 18 1.47 -1.02 -18.04
C GLY A 18 1.45 -1.42 -16.56
N LYS A 19 2.59 -1.89 -16.10
CA LYS A 19 2.72 -2.31 -14.71
C LYS A 19 3.93 -1.62 -14.08
N VAL A 20 3.77 -1.26 -12.82
CA VAL A 20 4.84 -0.58 -12.09
C VAL A 20 4.78 -0.99 -10.62
N ALA A 21 5.84 -0.64 -9.91
CA ALA A 21 5.92 -0.96 -8.49
C ALA A 21 5.16 0.09 -7.69
N LEU A 22 4.62 -0.35 -6.55
CA LEU A 22 3.87 0.54 -5.68
C LEU A 22 4.77 1.71 -5.26
N ASN A 23 6.07 1.47 -5.36
CA ASN A 23 7.05 2.48 -4.99
C ASN A 23 7.47 3.26 -6.24
N GLN A 24 6.53 3.39 -7.16
CA GLN A 24 6.79 4.11 -8.40
C GLN A 24 5.72 5.18 -8.63
N ILE A 25 4.48 4.74 -8.59
CA ILE A 25 3.35 5.65 -8.80
C ILE A 25 3.21 6.56 -7.57
N GLY A 26 3.71 6.06 -6.44
CA GLY A 26 3.65 6.81 -5.21
C GLY A 26 4.81 6.44 -4.28
N GLN A 27 4.86 7.12 -3.15
CA GLN A 27 5.92 6.88 -2.17
C GLN A 27 5.33 6.19 -0.93
N ILE A 28 5.88 5.01 -0.64
CA ILE A 28 5.43 4.25 0.51
C ILE A 28 6.08 4.81 1.78
N SER A 29 5.24 5.30 2.67
CA SER A 29 5.72 5.87 3.92
C SER A 29 4.80 5.46 5.06
N MET A 30 5.34 4.62 5.94
CA MET A 30 4.58 4.14 7.08
C MET A 30 4.17 5.29 7.99
N LYS A 31 3.03 5.89 7.63
CA LYS A 31 2.51 7.01 8.41
C LYS A 31 2.24 6.55 9.84
N SER A 32 1.28 5.65 9.97
CA SER A 32 0.91 5.12 11.27
C SER A 32 1.74 3.88 11.59
N PRO A 33 1.88 3.60 12.91
CA PRO A 33 2.65 2.45 13.36
C PRO A 33 1.87 1.15 13.13
N GLN A 34 1.46 0.96 11.88
CA GLN A 34 0.72 -0.24 11.51
C GLN A 34 0.21 -0.12 10.07
N VAL A 35 -0.15 1.10 9.70
CA VAL A 35 -0.65 1.35 8.36
C VAL A 35 0.48 1.93 7.49
N ILE A 36 0.44 1.59 6.22
CA ILE A 36 1.46 2.07 5.30
C ILE A 36 0.83 3.11 4.36
N LEU A 37 1.29 4.34 4.50
CA LEU A 37 0.79 5.43 3.68
C LEU A 37 1.52 5.43 2.34
N VAL A 38 0.77 5.73 1.29
CA VAL A 38 1.33 5.77 -0.05
C VAL A 38 0.92 7.07 -0.74
N ASN A 39 1.88 7.98 -0.85
CA ASN A 39 1.63 9.26 -1.48
C ASN A 39 1.56 9.08 -3.00
N MET A 40 0.49 9.59 -3.58
CA MET A 40 0.30 9.49 -5.02
C MET A 40 0.25 10.88 -5.67
N ALA A 41 0.94 11.81 -5.03
CA ALA A 41 0.98 13.18 -5.53
C ALA A 41 1.56 13.17 -6.95
N SER A 42 2.20 12.07 -7.29
CA SER A 42 2.80 11.93 -8.61
C SER A 42 1.84 11.18 -9.54
N PHE A 43 0.88 10.51 -8.92
CA PHE A 43 -0.10 9.75 -9.68
C PHE A 43 -1.48 9.80 -9.01
N PRO A 44 -2.10 11.00 -9.07
CA PRO A 44 -3.41 11.20 -8.48
C PRO A 44 -4.50 10.56 -9.33
N GLU A 45 -4.08 10.04 -10.47
CA GLU A 45 -5.01 9.39 -11.39
C GLU A 45 -4.89 7.88 -11.28
N CYS A 46 -3.77 7.44 -10.72
CA CYS A 46 -3.51 6.02 -10.56
C CYS A 46 -3.75 5.67 -9.09
N THR A 47 -4.37 6.59 -8.38
CA THR A 47 -4.66 6.38 -6.96
C THR A 47 -5.47 5.09 -6.77
N ALA A 48 -6.50 4.95 -7.58
CA ALA A 48 -7.36 3.79 -7.50
C ALA A 48 -6.54 2.54 -7.84
N ALA A 49 -5.81 2.62 -8.94
CA ALA A 49 -4.98 1.51 -9.39
C ALA A 49 -4.31 0.87 -8.17
N ALA A 50 -3.57 1.69 -7.45
CA ALA A 50 -2.86 1.21 -6.26
C ALA A 50 -3.85 0.48 -5.35
N ILE A 51 -4.83 1.22 -4.85
CA ILE A 51 -5.84 0.65 -3.98
C ILE A 51 -6.23 -0.73 -4.49
N LYS A 52 -6.29 -0.84 -5.81
CA LYS A 52 -6.65 -2.10 -6.44
C LYS A 52 -5.58 -3.15 -6.12
N ALA A 53 -4.40 -2.92 -6.68
CA ALA A 53 -3.29 -3.83 -6.47
C ALA A 53 -3.40 -4.47 -5.08
N ILE A 54 -3.54 -3.60 -4.08
CA ILE A 54 -3.66 -4.06 -2.70
C ILE A 54 -4.75 -5.14 -2.63
N ARG A 55 -5.97 -4.71 -2.91
CA ARG A 55 -7.11 -5.61 -2.87
C ARG A 55 -6.87 -6.79 -3.80
N GLU A 56 -6.02 -6.57 -4.78
CA GLU A 56 -5.69 -7.61 -5.75
C GLU A 56 -4.30 -8.18 -5.47
N SER A 57 -3.87 -8.03 -4.23
CA SER A 57 -2.57 -8.52 -3.83
C SER A 57 -2.71 -9.72 -2.89
N GLY A 58 -3.71 -10.55 -3.19
CA GLY A 58 -3.98 -11.72 -2.39
C GLY A 58 -3.75 -11.45 -0.91
N MET A 59 -4.12 -10.24 -0.49
CA MET A 59 -3.96 -9.83 0.89
C MET A 59 -5.31 -9.67 1.58
N ASN A 60 -6.30 -9.28 0.79
CA ASN A 60 -7.64 -9.08 1.32
C ASN A 60 -7.60 -8.05 2.44
N LEU A 61 -7.25 -6.83 2.07
CA LEU A 61 -7.17 -5.74 3.04
C LEU A 61 -8.12 -4.63 2.61
N ASN A 62 -8.28 -3.67 3.51
CA ASN A 62 -9.16 -2.54 3.25
C ASN A 62 -8.33 -1.25 3.24
N PRO A 63 -7.75 -0.95 2.05
CA PRO A 63 -6.94 0.25 1.89
C PRO A 63 -7.82 1.50 1.83
N GLU A 64 -7.24 2.61 2.26
CA GLU A 64 -7.95 3.87 2.26
C GLU A 64 -7.35 4.82 1.22
N VAL A 65 -7.96 5.99 1.10
CA VAL A 65 -7.49 6.98 0.15
C VAL A 65 -7.93 8.38 0.63
N GLU A 66 -6.93 9.22 0.87
CA GLU A 66 -7.19 10.57 1.32
C GLU A 66 -6.47 11.58 0.43
N GLY A 67 -7.25 12.23 -0.43
CA GLY A 67 -6.70 13.22 -1.34
C GLY A 67 -5.76 12.57 -2.35
N THR A 68 -4.54 12.32 -1.91
CA THR A 68 -3.55 11.70 -2.76
C THR A 68 -2.64 10.78 -1.95
N LEU A 69 -3.10 10.44 -0.76
CA LEU A 69 -2.34 9.57 0.12
C LEU A 69 -3.17 8.32 0.44
N ILE A 70 -2.66 7.18 -0.01
CA ILE A 70 -3.34 5.92 0.21
C ILE A 70 -2.84 5.30 1.52
N ARG A 71 -3.78 4.78 2.29
CA ARG A 71 -3.45 4.17 3.57
C ARG A 71 -3.78 2.68 3.53
N VAL A 72 -2.86 1.88 4.04
CA VAL A 72 -3.03 0.44 4.07
C VAL A 72 -2.79 -0.07 5.50
N PRO A 73 -3.91 -0.35 6.22
CA PRO A 73 -3.83 -0.84 7.58
C PRO A 73 -3.39 -2.31 7.60
N ILE A 74 -2.49 -2.61 8.53
CA ILE A 74 -1.99 -3.96 8.67
C ILE A 74 -2.74 -4.66 9.81
N PRO A 75 -2.97 -5.98 9.61
CA PRO A 75 -3.68 -6.78 10.60
C PRO A 75 -2.77 -7.08 11.80
N LYS A 76 -3.32 -6.89 12.99
CA LYS A 76 -2.58 -7.14 14.21
C LYS A 76 -2.44 -8.64 14.41
N VAL A 77 -3.55 -9.35 14.26
CA VAL A 77 -3.56 -10.79 14.43
C VAL A 77 -3.98 -11.44 13.10
N THR A 78 -3.01 -11.60 12.22
CA THR A 78 -3.25 -12.21 10.93
C THR A 78 -3.06 -13.72 11.00
N SER A 79 -3.61 -14.41 10.01
CA SER A 79 -3.50 -15.85 9.96
C SER A 79 -2.42 -16.26 8.96
N GLY A 80 -1.18 -16.12 9.39
CA GLY A 80 -0.04 -16.47 8.55
C GLY A 80 0.86 -17.50 9.24
N PRO A 81 0.38 -18.77 9.24
CA PRO A 81 1.13 -19.86 9.85
C PRO A 81 2.32 -20.26 8.98
N SER A 82 2.02 -20.51 7.71
CA SER A 82 3.06 -20.91 6.77
C SER A 82 2.48 -20.96 5.35
N SER A 83 3.17 -20.32 4.43
CA SER A 83 2.74 -20.29 3.04
C SER A 83 2.93 -21.67 2.40
N GLY A 84 4.17 -22.14 2.44
CA GLY A 84 4.50 -23.43 1.87
C GLY A 84 5.30 -24.28 2.86
#